data_7RFC
#
_entry.id   7RFC
#
_cell.length_a   104.291
_cell.length_b   140.184
_cell.length_c   142.800
_cell.angle_alpha   90.000
_cell.angle_beta   90.000
_cell.angle_gamma   90.000
#
_symmetry.space_group_name_H-M   'P 21 21 21'
#
loop_
_entity.id
_entity.type
_entity.pdbx_description
1 polymer 'mAb1382 Heavy Chain'
2 polymer 'mAb1382 Light Chain'
3 polymer 'envelope glycoprotein E2'
4 branched 2-acetamido-2-deoxy-beta-D-glucopyranose-(1-4)-2-acetamido-2-deoxy-beta-D-glucopyranose
5 branched beta-D-mannopyranose-(1-4)-2-acetamido-2-deoxy-beta-D-glucopyranose-(1-4)-2-acetamido-2-deoxy-beta-D-glucopyranose
6 branched alpha-D-mannopyranose-(1-3)-[alpha-D-mannopyranose-(1-6)]beta-D-mannopyranose-(1-4)-2-acetamido-2-deoxy-beta-D-glucopyranose-(1-4)-2-acetamido-2-deoxy-beta-D-glucopyranose
7 non-polymer 2-acetamido-2-deoxy-beta-D-glucopyranose
#
loop_
_entity_poly.entity_id
_entity_poly.type
_entity_poly.pdbx_seq_one_letter_code
_entity_poly.pdbx_strand_id
1 'polypeptide(L)'
;QVQLVQSGAEVKKPGSSVKVSCTTSGGSFGRDAVSWVRQAPGQGLEPMGGIIPIFGTSSYAQTFQGRVTFTAGKSTSTAY
MELSSLKSEDTAVYYCVRWSFGDYGLFLTEGDYWGQGTLVIVSSASTKGPSVFPLAPSSKSTSGGTAALGCLVKDYFPEP
VTVSWNSGALTSGVHTFPAVLQSSGLYSLSSVVTVPSSSLGTQTYICNVNHKPSNTKVDKRVEPKSCDKTHHHHHH
;
A,H
2 'polypeptide(L)'
;EIVLTQSPASLSLSPGERATLSCRASQSVDKYFAWYQQKPGQAPRLLIYETSKRATGIPARFSGSGSGTDFTLTISNLEP
DDFAIYYCHHRGNWPPSFTFGQGTRLEIKRTVAAPSVFIFPPSDEQLKSGTASVVCLLNNFYPREAKVQWKVDNALQSGN
SQESVTEQDSKDSTYSLSSTLTLSKADYEKHKVYACEVTHQGLSSPVTKSFNRGEC
;
B,L
3 'polypeptide(L)'
;STHVTGGTASHTTRHFASLFSSGASQRVQLINTNGSWHINRTALNCNDSLHTGFLAALFYTHKFNASGCPERMAHCRPID
EFAQGWGPITYAEGHGSDQRPYCWHYAPRQCGTIPASQVCGPVYCFTPSPVVVGTTDRFGAPTYTWGENETDVLILNNTR
PPQGNWFGCTWMNSTGFTKTCGGPPCNIGGVGNNTLTCPTDCFRKHPEATYTKCGSGPWLTPRCLVDYPYRLWHYPCTVN
FTIFKVRMYVGGVEHRLNAACN
;
C,D
#
loop_
_chem_comp.id
_chem_comp.type
_chem_comp.name
_chem_comp.formula
BMA D-saccharide, beta linking beta-D-mannopyranose 'C6 H12 O6'
MAN D-saccharide, alpha linking alpha-D-mannopyranose 'C6 H12 O6'
NAG D-saccharide, beta linking 2-acetamido-2-deoxy-beta-D-glucopyranose 'C8 H15 N O6'
#
# COMPACT_ATOMS: atom_id res chain seq x y z
N GLN A 1 -1.00 0.99 18.55
CA GLN A 1 0.05 0.73 17.57
C GLN A 1 -0.56 0.43 16.21
N VAL A 2 -1.03 1.48 15.53
CA VAL A 2 -1.67 1.34 14.23
C VAL A 2 -0.78 1.99 13.18
N GLN A 3 -0.61 1.32 12.05
CA GLN A 3 0.17 1.84 10.93
C GLN A 3 -0.68 1.79 9.68
N LEU A 4 -0.46 2.76 8.79
CA LEU A 4 -1.13 2.86 7.50
C LEU A 4 -0.15 2.72 6.35
N VAL A 5 -0.58 2.03 5.29
CA VAL A 5 0.23 1.84 4.09
C VAL A 5 -0.53 2.37 2.90
N GLN A 6 0.03 3.37 2.24
CA GLN A 6 -0.65 3.97 1.11
C GLN A 6 -0.14 3.43 -0.22
N SER A 7 -0.89 3.75 -1.26
CA SER A 7 -0.59 3.29 -2.60
C SER A 7 0.75 3.87 -3.07
N GLY A 8 1.29 3.25 -4.13
CA GLY A 8 2.54 3.71 -4.69
C GLY A 8 2.36 4.97 -5.51
N ALA A 9 3.46 5.68 -5.72
CA ALA A 9 3.41 6.90 -6.52
C ALA A 9 2.96 6.58 -7.95
N GLU A 10 1.99 7.36 -8.44
CA GLU A 10 1.42 7.11 -9.76
C GLU A 10 1.68 8.31 -10.68
N VAL A 11 1.46 8.07 -11.98
CA VAL A 11 1.52 9.10 -13.01
C VAL A 11 0.37 8.86 -13.97
N LYS A 12 -0.52 9.84 -14.13
CA LYS A 12 -1.76 9.66 -14.86
C LYS A 12 -1.93 10.72 -15.95
N LYS A 13 -2.43 10.28 -17.11
CA LYS A 13 -2.64 11.21 -18.22
C LYS A 13 -3.72 12.20 -17.87
N PRO A 14 -3.53 13.49 -18.17
CA PRO A 14 -4.49 14.51 -17.70
C PRO A 14 -5.88 14.25 -18.22
N GLY A 15 -6.87 14.33 -17.32
CA GLY A 15 -8.24 14.01 -17.66
C GLY A 15 -8.60 12.56 -17.48
N SER A 16 -7.87 11.82 -16.66
CA SER A 16 -8.23 10.44 -16.39
C SER A 16 -8.74 10.33 -14.97
N SER A 17 -8.79 9.12 -14.46
CA SER A 17 -9.13 8.87 -13.07
C SER A 17 -8.00 8.11 -12.42
N VAL A 18 -7.77 8.39 -11.15
CA VAL A 18 -6.74 7.74 -10.36
C VAL A 18 -7.34 7.29 -9.04
N LYS A 19 -6.98 6.08 -8.61
CA LYS A 19 -7.43 5.48 -7.37
C LYS A 19 -6.20 5.26 -6.48
N VAL A 20 -6.17 5.90 -5.31
CA VAL A 20 -5.07 5.69 -4.36
C VAL A 20 -5.63 4.91 -3.17
N SER A 21 -4.76 4.11 -2.55
CA SER A 21 -5.16 3.13 -1.57
C SER A 21 -4.69 3.51 -0.17
N CYS A 22 -5.42 3.02 0.85
CA CYS A 22 -5.08 3.27 2.26
C CYS A 22 -5.52 2.08 3.10
N THR A 23 -4.56 1.36 3.65
CA THR A 23 -4.78 0.07 4.29
C THR A 23 -4.29 0.17 5.72
N THR A 24 -5.03 -0.39 6.67
CA THR A 24 -4.62 -0.23 8.06
C THR A 24 -4.11 -1.54 8.65
N SER A 25 -3.41 -1.38 9.78
CA SER A 25 -2.70 -2.50 10.39
C SER A 25 -3.63 -3.42 11.16
N GLY A 26 -4.42 -2.87 12.10
CA GLY A 26 -5.09 -3.63 13.15
C GLY A 26 -6.37 -4.37 12.79
N GLY A 27 -6.39 -4.98 11.61
CA GLY A 27 -7.53 -5.75 11.13
C GLY A 27 -8.53 -4.96 10.29
N SER A 28 -9.41 -4.16 10.90
CA SER A 28 -10.19 -3.20 10.14
C SER A 28 -10.31 -1.93 10.94
N PHE A 29 -10.75 -0.86 10.27
CA PHE A 29 -11.04 0.37 10.97
C PHE A 29 -12.29 0.15 11.80
N GLY A 30 -12.46 0.93 12.85
CA GLY A 30 -13.69 0.80 13.60
C GLY A 30 -13.89 1.98 14.51
N ARG A 31 -15.07 2.59 14.41
CA ARG A 31 -15.40 3.81 15.12
C ARG A 31 -14.50 4.95 14.64
N ASP A 32 -13.53 4.63 13.79
CA ASP A 32 -12.53 5.59 13.32
C ASP A 32 -12.89 6.07 11.93
N ALA A 33 -12.46 7.29 11.62
CA ALA A 33 -12.69 7.91 10.33
C ALA A 33 -11.38 7.96 9.57
N VAL A 34 -11.45 7.76 8.26
CA VAL A 34 -10.27 7.77 7.40
C VAL A 34 -10.41 8.95 6.43
N SER A 35 -9.67 10.01 6.73
CA SER A 35 -9.72 11.32 6.09
C SER A 35 -8.53 11.51 5.14
N TRP A 36 -8.72 12.33 4.12
CA TRP A 36 -7.72 12.55 3.09
C TRP A 36 -7.29 14.01 3.03
N VAL A 37 -5.98 14.23 2.97
CA VAL A 37 -5.42 15.57 2.94
C VAL A 37 -4.37 15.58 1.84
N ARG A 38 -4.46 16.56 0.95
CA ARG A 38 -3.51 16.66 -0.16
C ARG A 38 -2.55 17.80 0.09
N GLN A 39 -1.47 17.81 -0.68
CA GLN A 39 -0.54 18.93 -0.63
C GLN A 39 0.12 19.04 -2.00
N ALA A 40 -0.16 20.12 -2.74
CA ALA A 40 0.49 20.31 -4.02
C ALA A 40 1.95 20.72 -3.80
N PRO A 41 2.84 20.52 -4.79
CA PRO A 41 4.25 20.85 -4.59
C PRO A 41 4.45 22.26 -4.08
N GLY A 42 4.86 22.35 -2.82
CA GLY A 42 5.17 23.59 -2.17
C GLY A 42 4.04 24.23 -1.40
N GLN A 43 2.80 23.85 -1.66
CA GLN A 43 1.66 24.59 -1.14
C GLN A 43 1.32 24.07 0.25
N GLY A 44 0.16 24.44 0.77
CA GLY A 44 -0.23 24.04 2.12
C GLY A 44 -0.93 22.68 2.15
N LEU A 45 -1.38 22.32 3.35
CA LEU A 45 -2.11 21.07 3.55
C LEU A 45 -3.59 21.31 3.33
N GLU A 46 -4.13 20.67 2.30
CA GLU A 46 -5.46 21.00 1.75
C GLU A 46 -6.41 19.81 1.90
N PRO A 47 -7.27 19.79 2.90
CA PRO A 47 -8.11 18.60 3.14
C PRO A 47 -9.16 18.42 2.06
N MET A 48 -9.56 17.16 1.91
CA MET A 48 -10.47 16.75 0.85
C MET A 48 -11.73 16.09 1.38
N GLY A 49 -11.78 15.76 2.66
CA GLY A 49 -12.86 14.99 3.21
C GLY A 49 -12.40 13.60 3.57
N GLY A 50 -13.35 12.70 3.68
CA GLY A 50 -13.01 11.34 4.02
C GLY A 50 -14.23 10.45 3.97
N ILE A 51 -14.06 9.24 4.48
CA ILE A 51 -15.17 8.32 4.66
C ILE A 51 -15.03 7.77 6.06
N ILE A 52 -16.15 7.35 6.62
CA ILE A 52 -16.15 6.67 7.91
C ILE A 52 -16.55 5.23 7.62
N PRO A 53 -15.60 4.29 7.65
CA PRO A 53 -15.84 2.98 7.02
C PRO A 53 -16.99 2.20 7.64
N ILE A 54 -17.20 2.32 8.94
CA ILE A 54 -18.19 1.50 9.63
C ILE A 54 -19.59 1.87 9.18
N PHE A 55 -19.84 3.16 8.92
CA PHE A 55 -21.17 3.63 8.58
C PHE A 55 -21.37 3.87 7.09
N GLY A 56 -20.30 4.08 6.33
CA GLY A 56 -20.37 4.47 4.94
C GLY A 56 -20.51 5.96 4.70
N THR A 57 -20.43 6.79 5.75
CA THR A 57 -20.71 8.22 5.60
C THR A 57 -19.58 8.90 4.87
N SER A 58 -19.90 9.55 3.77
CA SER A 58 -18.91 10.23 2.95
C SER A 58 -18.86 11.71 3.33
N SER A 59 -17.66 12.26 3.36
CA SER A 59 -17.46 13.69 3.56
C SER A 59 -16.68 14.21 2.37
N TYR A 60 -17.23 15.19 1.68
CA TYR A 60 -16.54 15.80 0.55
C TYR A 60 -16.30 17.26 0.89
N ALA A 61 -15.09 17.73 0.65
CA ALA A 61 -14.80 19.15 0.79
C ALA A 61 -15.27 19.91 -0.44
N GLN A 62 -15.44 21.23 -0.29
CA GLN A 62 -16.08 22.04 -1.33
C GLN A 62 -15.21 22.19 -2.55
N THR A 63 -13.89 22.09 -2.37
CA THR A 63 -12.94 22.28 -3.45
C THR A 63 -12.92 21.12 -4.45
N PHE A 64 -13.44 19.94 -4.08
CA PHE A 64 -13.30 18.73 -4.91
C PHE A 64 -14.63 18.03 -5.16
N GLN A 65 -15.75 18.68 -4.89
CA GLN A 65 -17.03 18.00 -4.96
C GLN A 65 -17.35 17.52 -6.38
N GLY A 66 -17.66 16.21 -6.49
CA GLY A 66 -18.14 15.57 -7.70
C GLY A 66 -17.14 14.72 -8.45
N ARG A 67 -15.85 15.04 -8.41
CA ARG A 67 -14.86 14.20 -9.06
C ARG A 67 -14.20 13.19 -8.11
N VAL A 68 -14.17 13.49 -6.79
CA VAL A 68 -13.60 12.59 -5.80
C VAL A 68 -14.71 11.66 -5.29
N THR A 69 -14.35 10.43 -4.95
CA THR A 69 -15.27 9.51 -4.33
C THR A 69 -14.52 8.70 -3.27
N PHE A 70 -15.10 8.57 -2.08
CA PHE A 70 -14.48 7.78 -1.01
C PHE A 70 -15.25 6.48 -0.83
N THR A 71 -14.52 5.37 -0.85
CA THR A 71 -15.10 4.04 -0.64
C THR A 71 -14.31 3.32 0.44
N ALA A 72 -15.01 2.39 1.11
CA ALA A 72 -14.47 1.49 2.12
C ALA A 72 -15.54 0.48 2.45
N GLY A 73 -15.11 -0.64 3.05
CA GLY A 73 -16.03 -1.67 3.49
C GLY A 73 -16.22 -1.53 4.98
N LYS A 74 -17.30 -2.11 5.52
CA LYS A 74 -17.56 -1.93 6.94
C LYS A 74 -16.41 -2.51 7.79
N SER A 75 -15.85 -3.64 7.36
CA SER A 75 -14.75 -4.30 8.08
C SER A 75 -13.66 -4.76 7.11
N THR A 76 -13.27 -3.89 6.19
CA THR A 76 -12.13 -4.16 5.31
C THR A 76 -10.92 -3.45 5.90
N SER A 77 -9.72 -3.86 5.47
CA SER A 77 -8.53 -3.15 5.91
C SER A 77 -8.28 -1.89 5.10
N THR A 78 -8.87 -1.77 3.92
CA THR A 78 -8.53 -0.72 2.98
C THR A 78 -9.68 0.24 2.72
N ALA A 79 -9.34 1.51 2.68
CA ALA A 79 -10.23 2.59 2.28
C ALA A 79 -9.65 3.27 1.05
N TYR A 80 -10.52 3.76 0.19
CA TYR A 80 -10.10 4.22 -1.12
C TYR A 80 -10.39 5.68 -1.34
N MET A 81 -9.65 6.25 -2.28
CA MET A 81 -9.93 7.56 -2.84
C MET A 81 -9.78 7.45 -4.34
N GLU A 82 -10.78 7.88 -5.09
CA GLU A 82 -10.66 8.02 -6.53
C GLU A 82 -10.89 9.48 -6.90
N LEU A 83 -9.99 10.03 -7.73
CA LEU A 83 -10.13 11.37 -8.28
C LEU A 83 -10.16 11.29 -9.81
N SER A 84 -11.25 11.80 -10.40
CA SER A 84 -11.46 11.75 -11.83
C SER A 84 -11.33 13.15 -12.43
N SER A 85 -11.10 13.20 -13.73
CA SER A 85 -10.80 14.44 -14.44
C SER A 85 -9.66 15.20 -13.77
N LEU A 86 -8.49 14.60 -13.85
CA LEU A 86 -7.25 15.18 -13.35
C LEU A 86 -6.71 16.26 -14.30
N LYS A 87 -6.28 17.39 -13.73
CA LYS A 87 -5.41 18.35 -14.42
C LYS A 87 -4.05 18.43 -13.72
N SER A 88 -3.17 19.32 -14.22
CA SER A 88 -1.83 19.45 -13.68
C SER A 88 -1.86 20.09 -12.30
N GLU A 89 -2.92 20.84 -12.00
CA GLU A 89 -3.10 21.36 -10.65
C GLU A 89 -3.18 20.24 -9.63
N ASP A 90 -3.72 19.08 -10.03
CA ASP A 90 -3.89 17.95 -9.12
C ASP A 90 -2.57 17.29 -8.76
N THR A 91 -1.52 17.54 -9.53
CA THR A 91 -0.20 17.01 -9.24
C THR A 91 0.12 17.36 -7.80
N ALA A 92 0.16 16.37 -6.92
CA ALA A 92 0.27 16.65 -5.49
C ALA A 92 0.60 15.36 -4.75
N VAL A 93 0.69 15.47 -3.43
CA VAL A 93 0.86 14.33 -2.54
C VAL A 93 -0.38 14.20 -1.68
N TYR A 94 -0.92 12.99 -1.62
CA TYR A 94 -2.19 12.73 -0.95
C TYR A 94 -1.97 11.84 0.28
N TYR A 95 -2.37 12.36 1.43
CA TYR A 95 -2.26 11.64 2.67
C TYR A 95 -3.63 11.14 3.09
N CYS A 96 -3.66 9.97 3.73
CA CYS A 96 -4.84 9.52 4.46
C CYS A 96 -4.53 9.50 5.94
N VAL A 97 -5.54 9.83 6.75
CA VAL A 97 -5.38 9.97 8.20
C VAL A 97 -6.53 9.25 8.90
N ARG A 98 -6.20 8.31 9.77
CA ARG A 98 -7.16 7.56 10.55
C ARG A 98 -7.27 8.22 11.91
N TRP A 99 -8.49 8.59 12.31
CA TRP A 99 -8.69 9.21 13.61
C TRP A 99 -10.00 8.75 14.23
N SER A 100 -10.04 8.79 15.54
CA SER A 100 -11.24 8.58 16.31
C SER A 100 -11.85 9.93 16.68
N PHE A 101 -13.17 9.96 16.83
CA PHE A 101 -13.92 11.19 16.85
C PHE A 101 -15.04 11.09 17.88
N GLY A 102 -15.59 12.26 18.25
CA GLY A 102 -16.64 12.36 19.25
C GLY A 102 -16.40 13.44 20.30
N ASP A 103 -17.47 13.89 20.95
CA ASP A 103 -17.43 15.02 21.86
C ASP A 103 -18.16 14.80 23.18
N TYR A 104 -18.56 13.57 23.51
CA TYR A 104 -19.83 13.45 24.23
C TYR A 104 -19.81 12.36 25.31
N GLY A 105 -19.57 11.12 24.93
CA GLY A 105 -19.71 10.03 25.87
C GLY A 105 -18.58 9.04 25.83
N LEU A 106 -18.91 7.80 25.44
CA LEU A 106 -17.92 6.74 25.35
C LEU A 106 -16.93 7.01 24.24
N PHE A 107 -17.37 7.75 23.21
CA PHE A 107 -16.59 7.98 22.01
C PHE A 107 -16.02 9.40 22.06
N LEU A 108 -14.72 9.49 22.30
CA LEU A 108 -14.04 10.77 22.32
C LEU A 108 -13.01 10.77 21.20
N THR A 109 -12.59 11.96 20.77
CA THR A 109 -11.62 12.04 19.69
C THR A 109 -10.23 11.62 20.20
N GLU A 110 -9.70 10.55 19.61
CA GLU A 110 -8.37 10.04 19.84
C GLU A 110 -7.71 9.81 18.48
N GLY A 111 -6.42 9.56 18.51
CA GLY A 111 -5.74 9.06 17.33
C GLY A 111 -5.38 10.10 16.30
N ASP A 112 -4.13 10.04 15.84
CA ASP A 112 -3.64 10.70 14.63
C ASP A 112 -2.73 9.71 13.91
N TYR A 113 -3.30 8.92 13.02
CA TYR A 113 -2.56 7.94 12.24
C TYR A 113 -2.48 8.34 10.77
N TRP A 114 -1.29 8.72 10.31
CA TRP A 114 -1.11 9.18 8.93
C TRP A 114 -0.47 8.10 8.05
N GLY A 115 -0.87 8.08 6.77
CA GLY A 115 -0.17 7.28 5.78
C GLY A 115 1.11 7.95 5.37
N GLN A 116 1.86 7.29 4.48
CA GLN A 116 3.17 7.84 4.13
C GLN A 116 3.07 8.80 2.96
N GLY A 117 1.91 8.93 2.37
CA GLY A 117 1.78 9.83 1.25
C GLY A 117 1.83 9.09 -0.05
N THR A 118 1.13 9.63 -1.05
CA THR A 118 1.04 9.02 -2.37
C THR A 118 1.23 10.13 -3.38
N LEU A 119 2.38 10.16 -4.05
CA LEU A 119 2.61 11.19 -5.05
C LEU A 119 1.85 10.87 -6.32
N VAL A 120 1.11 11.85 -6.85
CA VAL A 120 0.44 11.66 -8.14
C VAL A 120 0.84 12.80 -9.07
N ILE A 121 1.51 12.46 -10.16
CA ILE A 121 1.98 13.42 -11.15
C ILE A 121 1.08 13.30 -12.38
N VAL A 122 0.69 14.43 -12.93
CA VAL A 122 -0.35 14.47 -13.96
C VAL A 122 0.29 14.99 -15.23
N SER A 123 0.65 14.08 -16.14
CA SER A 123 1.30 14.46 -17.39
C SER A 123 0.97 13.50 -18.53
N SER A 124 1.03 14.04 -19.75
CA SER A 124 0.82 13.21 -20.93
C SER A 124 2.03 12.39 -21.28
N ALA A 125 3.11 12.51 -20.50
CA ALA A 125 4.46 12.23 -20.95
C ALA A 125 4.98 10.88 -20.50
N SER A 126 6.03 10.44 -21.18
CA SER A 126 6.81 9.26 -20.84
C SER A 126 8.28 9.66 -20.82
N THR A 127 9.10 8.79 -20.22
CA THR A 127 10.50 9.11 -19.91
C THR A 127 11.19 9.80 -21.08
N LYS A 128 11.63 11.03 -20.87
CA LYS A 128 12.21 11.85 -21.92
C LYS A 128 13.45 12.55 -21.41
N GLY A 129 14.42 12.75 -22.29
CA GLY A 129 15.67 13.35 -21.90
C GLY A 129 15.69 14.86 -22.01
N PRO A 130 16.52 15.49 -21.21
CA PRO A 130 16.54 16.96 -21.19
C PRO A 130 17.18 17.54 -22.44
N SER A 131 16.96 18.84 -22.59
CA SER A 131 17.54 19.66 -23.63
C SER A 131 18.31 20.76 -22.90
N VAL A 132 19.62 20.73 -22.98
CA VAL A 132 20.45 21.65 -22.23
C VAL A 132 20.76 22.87 -23.09
N PHE A 133 20.38 24.04 -22.60
CA PHE A 133 20.54 25.30 -23.31
C PHE A 133 21.37 26.28 -22.48
N PRO A 134 22.29 27.01 -23.11
CA PRO A 134 23.08 27.99 -22.36
C PRO A 134 22.34 29.28 -22.05
N LEU A 135 22.65 29.84 -20.89
CA LEU A 135 22.21 31.19 -20.53
C LEU A 135 23.50 32.01 -20.55
N ALA A 136 23.82 32.56 -21.72
CA ALA A 136 25.11 33.16 -21.96
C ALA A 136 25.29 34.43 -21.12
N PRO A 137 26.52 34.70 -20.67
CA PRO A 137 26.77 35.89 -19.85
C PRO A 137 26.86 37.16 -20.68
N SER A 138 26.40 38.25 -20.08
CA SER A 138 26.35 39.57 -20.69
C SER A 138 25.94 40.58 -19.62
N SER A 139 26.35 41.82 -19.81
CA SER A 139 26.01 42.90 -18.88
C SER A 139 25.91 44.25 -19.57
N GLY A 145 32.05 43.86 -12.10
CA GLY A 145 31.82 43.25 -10.80
C GLY A 145 31.79 41.74 -10.90
N THR A 146 30.59 41.16 -10.85
CA THR A 146 30.38 39.77 -11.20
C THR A 146 29.30 39.65 -12.25
N ALA A 147 29.43 38.63 -13.08
CA ALA A 147 28.46 38.33 -14.12
C ALA A 147 27.77 37.03 -13.75
N ALA A 148 26.62 36.79 -14.39
CA ALA A 148 25.89 35.55 -14.18
C ALA A 148 25.75 34.79 -15.49
N LEU A 149 25.84 33.47 -15.39
CA LEU A 149 25.68 32.57 -16.53
C LEU A 149 24.98 31.32 -15.99
N GLY A 150 24.45 30.50 -16.90
CA GLY A 150 23.76 29.32 -16.40
C GLY A 150 23.45 28.31 -17.49
N CYS A 151 22.78 27.25 -17.06
CA CYS A 151 22.23 26.25 -17.97
C CYS A 151 20.73 26.13 -17.75
N LEU A 152 20.01 26.07 -18.86
CA LEU A 152 18.57 25.86 -18.85
C LEU A 152 18.33 24.41 -19.27
N VAL A 153 18.05 23.57 -18.29
CA VAL A 153 17.73 22.16 -18.51
C VAL A 153 16.24 22.11 -18.77
N LYS A 154 15.85 21.89 -20.02
CA LYS A 154 14.46 22.09 -20.41
C LYS A 154 13.88 20.83 -21.05
N ASP A 155 12.58 20.62 -20.80
CA ASP A 155 11.77 19.57 -21.42
C ASP A 155 12.33 18.16 -21.18
N TYR A 156 12.38 17.79 -19.91
CA TYR A 156 12.74 16.45 -19.46
C TYR A 156 11.65 15.90 -18.54
N PHE A 157 11.54 14.57 -18.50
CA PHE A 157 10.58 13.87 -17.64
C PHE A 157 11.11 12.49 -17.30
N PRO A 158 10.98 12.04 -16.05
CA PRO A 158 10.59 12.67 -14.79
C PRO A 158 11.77 13.25 -14.01
N GLU A 159 11.52 13.77 -12.82
CA GLU A 159 12.62 14.12 -11.95
C GLU A 159 13.31 12.83 -11.52
N PRO A 160 14.55 12.91 -11.01
CA PRO A 160 15.42 14.06 -10.78
C PRO A 160 16.58 14.20 -11.77
N VAL A 161 16.99 15.43 -12.08
CA VAL A 161 18.27 15.67 -12.73
C VAL A 161 19.22 16.22 -11.67
N THR A 162 20.51 16.09 -11.94
CA THR A 162 21.56 16.58 -11.04
C THR A 162 22.50 17.43 -11.87
N VAL A 163 22.58 18.72 -11.56
CA VAL A 163 23.50 19.63 -12.22
C VAL A 163 24.67 19.91 -11.30
N SER A 164 25.87 19.86 -11.87
CA SER A 164 27.12 20.28 -11.23
C SER A 164 27.91 21.06 -12.28
N TRP A 165 28.91 21.81 -11.84
CA TRP A 165 29.66 22.69 -12.74
C TRP A 165 31.13 22.35 -12.77
N ASN A 166 31.70 22.53 -13.96
CA ASN A 166 33.11 22.31 -14.25
C ASN A 166 33.60 21.01 -13.59
N SER A 167 32.83 19.95 -13.86
CA SER A 167 33.07 18.59 -13.33
C SER A 167 33.08 18.56 -11.81
N GLY A 168 32.49 19.56 -11.16
CA GLY A 168 32.41 19.61 -9.73
C GLY A 168 33.44 20.49 -9.04
N ALA A 169 34.36 21.11 -9.80
CA ALA A 169 35.36 21.96 -9.17
C ALA A 169 34.80 23.33 -8.82
N LEU A 170 33.76 23.77 -9.52
CA LEU A 170 33.08 25.03 -9.24
C LEU A 170 31.75 24.68 -8.57
N THR A 171 31.69 24.89 -7.27
CA THR A 171 30.44 24.75 -6.54
C THR A 171 30.05 26.04 -5.86
N SER A 172 31.03 26.85 -5.46
CA SER A 172 30.80 28.11 -4.79
C SER A 172 30.02 29.07 -5.69
N GLY A 173 28.92 29.60 -5.17
CA GLY A 173 28.10 30.52 -5.92
C GLY A 173 27.19 29.88 -6.93
N VAL A 174 26.88 28.59 -6.78
CA VAL A 174 26.03 27.88 -7.72
C VAL A 174 24.65 27.78 -7.12
N HIS A 175 23.64 28.10 -7.92
CA HIS A 175 22.24 27.91 -7.58
C HIS A 175 21.61 27.06 -8.67
N THR A 176 21.10 25.88 -8.30
CA THR A 176 20.21 25.10 -9.17
C THR A 176 18.80 25.18 -8.58
N PHE A 177 17.92 25.83 -9.29
CA PHE A 177 16.58 26.04 -8.76
C PHE A 177 15.74 24.77 -8.91
N PRO A 178 14.85 24.51 -7.97
CA PRO A 178 13.91 23.41 -8.14
C PRO A 178 13.19 23.52 -9.48
N ALA A 179 12.92 22.38 -10.11
CA ALA A 179 12.30 22.38 -11.41
C ALA A 179 10.80 22.64 -11.31
N VAL A 180 10.19 22.91 -12.45
CA VAL A 180 8.78 23.24 -12.55
C VAL A 180 8.14 22.33 -13.58
N LEU A 181 6.92 21.87 -13.30
CA LEU A 181 6.14 21.10 -14.25
C LEU A 181 5.47 22.06 -15.22
N GLN A 182 5.76 21.93 -16.49
CA GLN A 182 5.28 22.88 -17.48
C GLN A 182 3.90 22.46 -17.96
N SER A 183 3.30 23.28 -18.82
CA SER A 183 1.97 22.93 -19.31
C SER A 183 2.00 21.68 -20.19
N SER A 184 3.14 21.41 -20.83
CA SER A 184 3.32 20.18 -21.57
C SER A 184 3.29 18.93 -20.68
N GLY A 185 3.49 19.08 -19.38
CA GLY A 185 3.80 17.93 -18.56
C GLY A 185 5.28 17.61 -18.41
N LEU A 186 6.17 18.39 -19.03
CA LEU A 186 7.60 18.15 -18.90
C LEU A 186 8.18 19.07 -17.84
N TYR A 187 9.44 18.81 -17.49
CA TYR A 187 10.12 19.56 -16.45
C TYR A 187 11.16 20.49 -17.04
N SER A 188 11.37 21.62 -16.36
CA SER A 188 12.34 22.62 -16.77
C SER A 188 13.04 23.16 -15.53
N LEU A 189 14.35 23.39 -15.67
CA LEU A 189 15.24 23.67 -14.56
C LEU A 189 16.26 24.72 -14.98
N SER A 190 16.72 25.51 -14.03
CA SER A 190 17.84 26.44 -14.26
C SER A 190 18.86 26.28 -13.15
N SER A 191 20.10 26.00 -13.53
CA SER A 191 21.23 26.18 -12.64
C SER A 191 22.03 27.38 -13.13
N VAL A 192 22.37 28.27 -12.22
CA VAL A 192 23.22 29.41 -12.52
C VAL A 192 24.34 29.49 -11.50
N VAL A 193 25.40 30.18 -11.89
CA VAL A 193 26.53 30.46 -11.02
C VAL A 193 27.02 31.87 -11.38
N THR A 194 27.39 32.63 -10.37
CA THR A 194 27.93 33.96 -10.56
C THR A 194 29.45 33.88 -10.48
N VAL A 195 30.12 34.51 -11.44
CA VAL A 195 31.57 34.40 -11.61
C VAL A 195 32.15 35.80 -11.83
N PRO A 196 33.44 35.97 -11.58
CA PRO A 196 34.10 37.27 -11.80
C PRO A 196 34.04 37.72 -13.25
N SER A 197 33.70 38.99 -13.45
CA SER A 197 33.42 39.49 -14.80
C SER A 197 34.65 39.47 -15.68
N SER A 198 35.83 39.69 -15.11
CA SER A 198 37.07 39.70 -15.89
C SER A 198 37.56 38.31 -16.25
N SER A 199 36.77 37.28 -15.98
CA SER A 199 37.15 35.92 -16.33
C SER A 199 36.43 35.38 -17.56
N LEU A 200 35.40 36.08 -18.06
CA LEU A 200 34.45 35.42 -18.96
C LEU A 200 35.11 34.90 -20.22
N GLY A 201 35.94 35.71 -20.88
CA GLY A 201 36.53 35.22 -22.11
C GLY A 201 37.53 34.10 -21.90
N THR A 202 38.13 34.01 -20.71
CA THR A 202 39.27 33.14 -20.48
C THR A 202 38.93 31.91 -19.66
N GLN A 203 38.21 32.04 -18.55
CA GLN A 203 37.83 30.86 -17.79
C GLN A 203 36.71 30.16 -18.56
N THR A 204 36.93 28.88 -18.87
CA THR A 204 35.88 28.10 -19.52
C THR A 204 34.91 27.56 -18.49
N TYR A 205 33.62 27.64 -18.83
CA TYR A 205 32.54 27.20 -17.97
C TYR A 205 31.74 26.13 -18.70
N ILE A 206 31.55 24.99 -18.04
CA ILE A 206 30.72 23.90 -18.55
C ILE A 206 29.88 23.36 -17.40
N CYS A 207 28.61 23.04 -17.69
CA CYS A 207 27.72 22.42 -16.72
C CYS A 207 27.42 20.98 -17.11
N ASN A 208 27.26 20.13 -16.10
CA ASN A 208 27.14 18.68 -16.25
C ASN A 208 25.71 18.28 -15.90
N VAL A 209 24.88 18.01 -16.91
CA VAL A 209 23.50 17.62 -16.67
C VAL A 209 23.40 16.11 -16.79
N ASN A 210 22.70 15.49 -15.83
CA ASN A 210 22.63 14.03 -15.74
C ASN A 210 21.20 13.63 -15.38
N HIS A 211 20.50 13.04 -16.33
CA HIS A 211 19.11 12.62 -16.19
C HIS A 211 19.04 11.10 -16.14
N LYS A 212 19.16 10.54 -14.94
CA LYS A 212 19.22 9.09 -14.79
C LYS A 212 18.10 8.33 -15.50
N PRO A 213 16.82 8.75 -15.45
CA PRO A 213 15.77 7.93 -16.09
C PRO A 213 15.95 7.72 -17.58
N SER A 214 16.66 8.57 -18.30
CA SER A 214 16.84 8.36 -19.73
C SER A 214 18.27 8.01 -20.14
N ASN A 215 19.19 7.84 -19.17
CA ASN A 215 20.62 7.73 -19.47
C ASN A 215 21.06 8.81 -20.45
N THR A 216 20.68 10.05 -20.14
CA THR A 216 21.10 11.23 -20.88
C THR A 216 22.15 11.97 -20.05
N LYS A 217 23.37 12.07 -20.59
CA LYS A 217 24.40 12.93 -20.03
C LYS A 217 24.80 13.94 -21.09
N VAL A 218 24.79 15.21 -20.73
CA VAL A 218 25.08 16.31 -21.65
C VAL A 218 26.02 17.27 -20.94
N ASP A 219 27.05 17.72 -21.65
CA ASP A 219 27.97 18.75 -21.19
C ASP A 219 27.90 19.91 -22.18
N LYS A 220 27.27 21.01 -21.78
CA LYS A 220 27.07 22.15 -22.66
C LYS A 220 27.98 23.27 -22.16
N ARG A 221 28.83 23.76 -23.05
CA ARG A 221 29.74 24.85 -22.73
C ARG A 221 28.99 26.17 -22.82
N VAL A 222 29.09 26.99 -21.79
CA VAL A 222 28.42 28.28 -21.74
C VAL A 222 29.45 29.36 -22.02
N GLU A 223 29.39 29.94 -23.20
CA GLU A 223 30.38 30.94 -23.55
C GLU A 223 29.70 32.26 -23.88
N PRO A 224 30.25 33.38 -23.43
CA PRO A 224 29.56 34.66 -23.60
C PRO A 224 29.29 34.97 -25.08
N LYS A 225 28.16 35.65 -25.32
CA LYS A 225 27.64 35.83 -26.66
C LYS A 225 28.38 36.96 -27.38
N SER A 226 28.30 36.93 -28.71
CA SER A 226 29.24 37.65 -29.57
C SER A 226 28.63 38.79 -30.40
N GLU B 1 -18.07 24.93 7.30
CA GLU B 1 -16.84 25.35 6.64
C GLU B 1 -16.04 26.32 7.52
N ILE B 2 -15.54 25.79 8.63
CA ILE B 2 -14.67 26.57 9.50
C ILE B 2 -13.41 26.91 8.72
N VAL B 3 -12.93 28.15 8.86
CA VAL B 3 -11.80 28.67 8.10
C VAL B 3 -10.77 29.19 9.08
N LEU B 4 -9.73 28.42 9.31
CA LEU B 4 -8.65 28.81 10.21
C LEU B 4 -7.73 29.76 9.45
N THR B 5 -7.72 31.02 9.88
CA THR B 5 -6.77 31.99 9.39
C THR B 5 -5.60 32.08 10.37
N GLN B 6 -4.40 31.89 9.83
CA GLN B 6 -3.17 31.78 10.60
C GLN B 6 -2.30 33.00 10.36
N SER B 7 -1.67 33.53 11.41
CA SER B 7 -0.83 34.71 11.20
C SER B 7 0.27 34.65 12.23
N PRO B 8 1.50 35.10 11.89
CA PRO B 8 1.83 35.70 10.59
C PRO B 8 1.97 34.69 9.47
N ALA B 9 2.12 35.18 8.24
CA ALA B 9 2.44 34.27 7.16
C ALA B 9 3.90 33.86 7.26
N SER B 10 4.79 34.83 7.45
CA SER B 10 6.21 34.61 7.63
C SER B 10 6.64 35.25 8.93
N LEU B 11 7.41 34.52 9.73
CA LEU B 11 8.04 35.07 10.91
C LEU B 11 9.55 35.01 10.72
N SER B 12 10.21 36.16 10.88
CA SER B 12 11.64 36.29 10.64
C SER B 12 12.30 36.43 12.01
N LEU B 13 12.97 35.36 12.47
CA LEU B 13 13.60 35.30 13.78
C LEU B 13 14.96 34.62 13.68
N SER B 14 15.71 34.67 14.79
CA SER B 14 17.01 34.03 14.98
C SER B 14 16.97 33.13 16.22
N PRO B 15 17.81 32.08 16.29
CA PRO B 15 17.76 31.15 17.43
C PRO B 15 17.93 31.85 18.78
N GLY B 16 17.28 31.26 19.79
CA GLY B 16 17.25 31.79 21.14
C GLY B 16 16.03 32.61 21.49
N GLU B 17 15.29 33.09 20.48
CA GLU B 17 14.14 33.98 20.64
C GLU B 17 12.87 33.16 20.87
N ARG B 18 11.77 33.85 21.15
CA ARG B 18 10.46 33.22 21.35
C ARG B 18 9.61 33.44 20.10
N ALA B 19 9.15 32.35 19.51
CA ALA B 19 8.30 32.38 18.32
C ALA B 19 6.85 32.15 18.75
N THR B 20 5.98 33.13 18.48
CA THR B 20 4.56 33.00 18.79
C THR B 20 3.76 33.06 17.51
N LEU B 21 2.94 32.03 17.27
CA LEU B 21 2.09 31.92 16.10
C LEU B 21 0.64 31.94 16.53
N SER B 22 -0.21 32.65 15.79
CA SER B 22 -1.63 32.71 16.11
C SER B 22 -2.45 32.11 14.99
N CYS B 23 -3.61 31.57 15.38
CA CYS B 23 -4.58 30.97 14.48
C CYS B 23 -5.96 31.37 14.97
N ARG B 24 -6.69 32.14 14.16
CA ARG B 24 -8.04 32.55 14.51
C ARG B 24 -9.01 31.76 13.66
N ALA B 25 -10.23 31.58 14.18
CA ALA B 25 -11.20 30.69 13.58
C ALA B 25 -12.47 31.45 13.25
N SER B 26 -13.07 31.12 12.12
CA SER B 26 -14.33 31.73 11.72
C SER B 26 -15.45 31.45 12.71
N GLN B 27 -15.32 30.40 13.52
CA GLN B 27 -16.32 30.02 14.50
C GLN B 27 -15.61 29.47 15.73
N SER B 28 -16.37 29.15 16.77
CA SER B 28 -15.81 28.47 17.93
C SER B 28 -15.36 27.06 17.53
N VAL B 29 -14.49 26.47 18.36
CA VAL B 29 -13.84 25.19 18.03
C VAL B 29 -13.76 24.30 19.26
N ASP B 30 -14.20 23.04 19.11
CA ASP B 30 -14.40 22.10 20.22
C ASP B 30 -13.11 21.48 20.76
N LYS B 31 -12.16 22.33 21.17
CA LYS B 31 -10.84 21.83 21.65
C LYS B 31 -10.30 21.04 20.46
N TYR B 32 -9.64 19.89 20.71
CA TYR B 32 -9.10 19.02 19.68
C TYR B 32 -8.47 19.85 18.58
N PHE B 33 -7.74 20.85 19.01
CA PHE B 33 -7.01 21.75 18.14
C PHE B 33 -5.59 21.25 18.07
N ALA B 34 -5.00 21.28 16.89
CA ALA B 34 -3.69 20.69 16.74
C ALA B 34 -2.77 21.63 15.99
N TRP B 35 -1.49 21.49 16.31
CA TRP B 35 -0.42 22.23 15.68
C TRP B 35 0.54 21.22 15.05
N TYR B 36 0.97 21.50 13.83
CA TYR B 36 1.85 20.63 13.07
C TYR B 36 3.02 21.44 12.52
N GLN B 37 4.17 20.79 12.32
CA GLN B 37 5.29 21.38 11.60
C GLN B 37 5.65 20.51 10.40
N GLN B 38 6.25 21.13 9.38
CA GLN B 38 6.64 20.40 8.18
C GLN B 38 7.99 20.89 7.69
N LYS B 39 8.92 20.05 7.67
CA LYS B 39 10.20 20.39 7.08
C LYS B 39 10.17 20.04 5.60
N PRO B 40 10.94 20.71 4.75
CA PRO B 40 10.88 20.45 3.31
C PRO B 40 11.17 18.99 2.97
N GLY B 41 10.32 18.41 2.12
CA GLY B 41 10.50 17.04 1.70
C GLY B 41 10.04 16.00 2.69
N GLN B 42 9.60 16.42 3.88
CA GLN B 42 9.20 15.51 4.94
C GLN B 42 7.72 15.75 5.23
N ALA B 43 7.07 14.74 5.81
CA ALA B 43 5.65 14.82 6.13
C ALA B 43 5.40 15.60 7.43
N PRO B 44 4.22 16.17 7.57
CA PRO B 44 3.92 16.96 8.79
C PRO B 44 4.08 16.15 10.07
N ARG B 45 4.55 16.83 11.11
CA ARG B 45 4.77 16.27 12.43
C ARG B 45 3.80 16.88 13.43
N LEU B 46 3.24 16.05 14.32
CA LEU B 46 2.33 16.56 15.32
C LEU B 46 3.13 17.14 16.48
N LEU B 47 2.78 18.36 16.88
CA LEU B 47 3.42 19.01 18.00
C LEU B 47 2.50 19.05 19.21
N ILE B 48 1.34 19.70 19.07
CA ILE B 48 0.37 19.82 20.15
C ILE B 48 -1.00 19.38 19.63
N TYR B 49 -1.69 18.56 20.42
CA TYR B 49 -3.05 18.10 20.21
C TYR B 49 -3.89 18.50 21.41
N GLU B 50 -5.22 18.55 21.25
CA GLU B 50 -6.11 19.00 22.33
C GLU B 50 -5.63 20.33 22.90
N THR B 51 -5.39 21.28 22.01
CA THR B 51 -5.02 22.67 22.29
C THR B 51 -3.69 22.84 23.02
N SER B 52 -3.41 22.06 24.07
CA SER B 52 -2.20 22.27 24.86
C SER B 52 -1.34 21.03 25.07
N LYS B 53 -1.83 19.83 24.79
CA LYS B 53 -1.09 18.63 25.16
C LYS B 53 0.02 18.35 24.15
N ARG B 54 1.23 18.19 24.67
CA ARG B 54 2.39 17.95 23.84
C ARG B 54 2.38 16.52 23.34
N ALA B 55 2.72 16.34 22.07
CA ALA B 55 2.73 15.02 21.49
C ALA B 55 3.90 14.24 22.08
N THR B 56 3.99 12.96 21.70
CA THR B 56 5.06 12.12 22.19
C THR B 56 6.38 12.51 21.54
N GLY B 57 7.38 12.80 22.38
CA GLY B 57 8.69 13.20 21.90
C GLY B 57 8.91 14.69 21.78
N ILE B 58 7.84 15.48 21.73
CA ILE B 58 7.97 16.92 21.52
C ILE B 58 8.63 17.57 22.73
N PRO B 59 9.72 18.31 22.54
CA PRO B 59 10.38 18.96 23.67
C PRO B 59 9.48 19.98 24.34
N ALA B 60 9.73 20.20 25.63
CA ALA B 60 9.01 21.19 26.43
C ALA B 60 9.10 22.61 25.88
N ARG B 61 9.92 22.87 24.86
CA ARG B 61 9.98 24.18 24.25
C ARG B 61 8.62 24.60 23.70
N PHE B 62 7.91 23.64 23.08
CA PHE B 62 6.64 23.92 22.40
C PHE B 62 5.50 23.93 23.42
N SER B 63 4.78 25.05 23.49
CA SER B 63 3.62 25.18 24.36
C SER B 63 2.40 25.64 23.58
N GLY B 64 1.26 25.05 23.90
CA GLY B 64 -0.01 25.40 23.28
C GLY B 64 -0.93 26.14 24.23
N SER B 65 -1.82 26.95 23.67
CA SER B 65 -2.84 27.64 24.42
C SER B 65 -3.96 28.03 23.46
N GLY B 66 -5.06 28.48 24.03
CA GLY B 66 -6.20 28.91 23.25
C GLY B 66 -7.48 28.20 23.68
N SER B 67 -8.58 28.73 23.16
CA SER B 67 -9.93 28.26 23.39
C SER B 67 -10.86 29.13 22.56
N GLY B 68 -12.03 28.60 22.23
CA GLY B 68 -12.99 29.35 21.46
C GLY B 68 -12.61 29.50 20.01
N THR B 69 -12.25 30.73 19.60
CA THR B 69 -11.84 31.04 18.23
C THR B 69 -10.39 31.48 18.10
N ASP B 70 -9.66 31.61 19.21
CA ASP B 70 -8.31 32.16 19.20
C ASP B 70 -7.35 31.18 19.88
N PHE B 71 -6.35 30.70 19.13
CA PHE B 71 -5.32 29.81 19.64
C PHE B 71 -3.94 30.30 19.20
N THR B 72 -2.95 30.11 20.09
CA THR B 72 -1.56 30.46 19.84
C THR B 72 -0.63 29.29 20.17
N LEU B 73 0.42 29.13 19.37
CA LEU B 73 1.52 28.22 19.66
C LEU B 73 2.74 29.01 20.13
N THR B 74 3.32 28.58 21.25
CA THR B 74 4.42 29.28 21.90
C THR B 74 5.67 28.42 21.81
N ILE B 75 6.71 28.92 21.13
CA ILE B 75 7.98 28.22 21.00
C ILE B 75 9.06 28.99 21.76
N SER B 76 9.53 28.42 22.86
CA SER B 76 10.53 29.06 23.69
C SER B 76 11.92 28.54 23.39
N ASN B 77 12.91 29.40 23.65
CA ASN B 77 14.27 29.10 23.23
C ASN B 77 14.34 28.45 21.86
N LEU B 78 14.02 29.23 20.82
CA LEU B 78 14.04 28.72 19.47
C LEU B 78 15.39 28.07 19.17
N GLU B 79 15.38 26.81 18.82
CA GLU B 79 16.62 26.13 18.54
C GLU B 79 16.80 25.97 17.03
N PRO B 80 18.00 25.63 16.56
CA PRO B 80 18.17 25.47 15.11
C PRO B 80 17.29 24.36 14.63
N ASP B 81 16.72 24.56 13.43
CA ASP B 81 15.86 23.54 12.85
C ASP B 81 14.66 23.23 13.74
N ASP B 82 14.25 24.21 14.55
CA ASP B 82 12.82 24.47 14.76
C ASP B 82 12.28 25.38 13.68
N PHE B 83 13.10 25.73 12.72
CA PHE B 83 12.72 26.68 11.68
C PHE B 83 12.11 25.89 10.55
N ALA B 84 10.79 26.02 10.39
CA ALA B 84 10.04 25.23 9.40
C ALA B 84 8.70 25.91 9.17
N ILE B 85 7.84 25.25 8.42
CA ILE B 85 6.48 25.74 8.21
C ILE B 85 5.54 25.10 9.24
N TYR B 86 4.56 25.86 9.72
CA TYR B 86 3.69 25.45 10.83
C TYR B 86 2.22 25.60 10.46
N TYR B 87 1.42 24.59 10.81
CA TYR B 87 0.00 24.56 10.50
C TYR B 87 -0.83 24.32 11.74
N CYS B 88 -1.91 25.10 11.90
CA CYS B 88 -2.89 24.84 12.94
C CYS B 88 -3.99 23.98 12.35
N HIS B 89 -4.69 23.26 13.21
CA HIS B 89 -5.57 22.22 12.71
C HIS B 89 -6.70 21.97 13.69
N HIS B 90 -7.88 21.72 13.15
CA HIS B 90 -9.05 21.40 13.96
C HIS B 90 -9.76 20.14 13.46
N ARG B 91 -10.25 19.33 14.40
CA ARG B 91 -11.00 18.12 14.09
C ARG B 91 -12.40 18.18 14.66
N GLY B 92 -13.39 17.97 13.81
CA GLY B 92 -14.70 17.80 14.36
C GLY B 92 -15.81 18.08 13.36
N ASN B 93 -16.99 18.28 13.92
CA ASN B 93 -18.21 18.60 13.20
C ASN B 93 -18.70 17.32 12.53
N TRP B 94 -19.92 17.35 12.01
CA TRP B 94 -20.43 16.22 11.29
C TRP B 94 -20.82 16.66 9.89
N PRO B 95 -20.40 15.94 8.84
CA PRO B 95 -19.58 14.74 8.94
C PRO B 95 -18.11 15.07 9.25
N PRO B 96 -17.46 14.22 10.05
CA PRO B 96 -16.13 14.54 10.59
C PRO B 96 -15.13 14.99 9.54
N SER B 97 -14.51 16.12 9.80
CA SER B 97 -13.77 16.79 8.74
C SER B 97 -12.55 17.49 9.33
N PHE B 98 -11.58 17.75 8.47
CA PHE B 98 -10.34 18.41 8.81
C PHE B 98 -10.35 19.85 8.28
N THR B 99 -9.89 20.78 9.11
CA THR B 99 -9.59 22.13 8.64
C THR B 99 -8.17 22.47 9.04
N PHE B 100 -7.42 23.02 8.08
CA PHE B 100 -6.02 23.33 8.30
C PHE B 100 -5.80 24.83 8.15
N GLY B 101 -4.72 25.30 8.76
CA GLY B 101 -4.32 26.67 8.55
C GLY B 101 -3.68 26.83 7.18
N GLN B 102 -3.41 28.09 6.85
CA GLN B 102 -2.77 28.41 5.59
C GLN B 102 -1.25 28.23 5.67
N GLY B 103 -0.69 28.35 6.87
CA GLY B 103 0.70 28.08 7.11
C GLY B 103 1.51 29.26 7.59
N THR B 104 2.65 29.00 8.21
CA THR B 104 3.52 30.05 8.70
C THR B 104 4.95 29.61 8.56
N ARG B 105 5.78 30.44 7.99
CA ARG B 105 7.16 30.11 7.68
C ARG B 105 8.08 30.78 8.71
N LEU B 106 8.79 30.00 9.49
CA LEU B 106 9.90 30.52 10.29
C LEU B 106 11.17 30.52 9.45
N GLU B 107 11.69 31.70 9.17
CA GLU B 107 12.97 31.77 8.49
C GLU B 107 14.00 32.39 9.42
N ILE B 108 15.27 32.23 9.05
CA ILE B 108 16.38 32.71 9.85
C ILE B 108 16.53 34.21 9.62
N LYS B 109 16.61 34.98 10.70
CA LYS B 109 16.55 36.43 10.55
C LYS B 109 17.85 37.01 10.03
N ARG B 110 17.70 37.95 9.11
CA ARG B 110 18.78 38.50 8.30
C ARG B 110 18.54 39.99 8.12
N THR B 111 19.59 40.70 7.71
CA THR B 111 19.44 42.06 7.23
C THR B 111 18.82 42.06 5.84
N VAL B 112 18.06 43.11 5.54
CA VAL B 112 17.44 43.23 4.23
C VAL B 112 18.54 43.31 3.18
N ALA B 113 18.40 42.54 2.11
CA ALA B 113 19.37 42.52 1.02
C ALA B 113 18.61 42.47 -0.28
N ALA B 114 18.84 43.43 -1.17
CA ALA B 114 18.07 43.51 -2.41
C ALA B 114 18.53 42.47 -3.42
N PRO B 115 17.68 42.10 -4.37
CA PRO B 115 18.10 41.16 -5.40
C PRO B 115 19.10 41.75 -6.40
N SER B 116 19.94 40.86 -6.92
CA SER B 116 20.80 41.12 -8.06
C SER B 116 20.05 40.58 -9.27
N VAL B 117 19.75 41.43 -10.23
CA VAL B 117 18.87 41.03 -11.34
C VAL B 117 19.68 40.88 -12.64
N PHE B 118 19.65 39.69 -13.23
CA PHE B 118 20.25 39.36 -14.52
C PHE B 118 19.19 38.76 -15.44
N ILE B 119 19.13 39.23 -16.71
CA ILE B 119 18.20 38.71 -17.70
C ILE B 119 18.96 37.92 -18.77
N PHE B 120 18.44 36.75 -19.13
CA PHE B 120 19.04 35.88 -20.14
C PHE B 120 18.14 35.74 -21.37
N PRO B 121 18.64 36.09 -22.56
CA PRO B 121 17.88 35.91 -23.80
C PRO B 121 17.88 34.46 -24.24
N PRO B 122 16.99 34.08 -25.16
CA PRO B 122 16.93 32.70 -25.60
C PRO B 122 18.15 32.28 -26.43
N SER B 123 18.59 31.04 -26.22
CA SER B 123 19.69 30.45 -26.97
C SER B 123 19.40 30.48 -28.47
N ASP B 124 20.46 30.56 -29.27
CA ASP B 124 20.26 30.38 -30.70
C ASP B 124 20.02 28.92 -31.05
N GLU B 125 20.44 27.99 -30.20
CA GLU B 125 20.06 26.61 -30.40
C GLU B 125 18.60 26.38 -30.06
N GLN B 126 18.11 27.02 -29.00
CA GLN B 126 16.70 26.86 -28.67
C GLN B 126 15.82 27.46 -29.74
N LEU B 127 16.21 28.61 -30.30
CA LEU B 127 15.43 29.19 -31.38
C LEU B 127 15.37 28.24 -32.57
N LYS B 128 16.42 27.45 -32.80
CA LYS B 128 16.40 26.46 -33.86
C LYS B 128 15.35 25.38 -33.61
N SER B 129 14.88 25.24 -32.37
CA SER B 129 13.87 24.24 -32.01
C SER B 129 12.44 24.77 -32.09
N GLY B 130 12.24 26.07 -32.28
CA GLY B 130 10.92 26.63 -32.43
C GLY B 130 10.34 27.23 -31.16
N THR B 131 11.10 27.27 -30.08
CA THR B 131 10.66 27.88 -28.85
C THR B 131 11.71 28.88 -28.40
N ALA B 132 11.26 29.99 -27.82
CA ALA B 132 12.14 30.93 -27.14
C ALA B 132 11.79 30.89 -25.67
N SER B 133 12.81 30.82 -24.82
CA SER B 133 12.68 30.94 -23.38
C SER B 133 13.50 32.15 -22.96
N VAL B 134 12.93 32.98 -22.11
CA VAL B 134 13.69 34.09 -21.51
C VAL B 134 13.75 33.85 -20.01
N VAL B 135 14.92 34.06 -19.43
CA VAL B 135 15.15 33.76 -18.03
C VAL B 135 15.53 35.02 -17.29
N CYS B 136 14.98 35.18 -16.09
CA CYS B 136 15.27 36.30 -15.21
C CYS B 136 15.76 35.77 -13.88
N LEU B 137 16.90 36.29 -13.44
CA LEU B 137 17.55 35.83 -12.22
C LEU B 137 17.49 36.93 -11.17
N LEU B 138 17.12 36.53 -9.95
CA LEU B 138 17.17 37.35 -8.74
C LEU B 138 18.14 36.61 -7.82
N ASN B 139 19.33 37.16 -7.59
CA ASN B 139 20.31 36.18 -7.15
C ASN B 139 20.39 35.97 -5.64
N ASN B 140 20.56 37.03 -4.84
CA ASN B 140 20.70 36.71 -3.42
C ASN B 140 20.07 37.85 -2.60
N PHE B 141 18.79 37.70 -2.29
CA PHE B 141 18.00 38.73 -1.64
C PHE B 141 17.40 38.22 -0.34
N TYR B 142 16.78 39.16 0.40
CA TYR B 142 16.05 38.95 1.65
C TYR B 142 15.10 40.12 1.88
N PRO B 143 13.85 39.89 2.33
CA PRO B 143 13.27 38.59 2.66
C PRO B 143 12.85 37.83 1.43
N ARG B 144 12.13 36.74 1.64
CA ARG B 144 11.87 35.77 0.60
C ARG B 144 10.95 36.29 -0.49
N GLU B 145 10.19 37.34 -0.22
CA GLU B 145 9.07 37.73 -1.08
C GLU B 145 9.53 38.81 -2.04
N ALA B 146 9.80 38.40 -3.26
CA ALA B 146 10.11 39.31 -4.34
C ALA B 146 9.12 39.05 -5.46
N LYS B 147 8.67 40.11 -6.10
CA LYS B 147 7.71 40.03 -7.18
C LYS B 147 8.41 40.29 -8.50
N VAL B 148 8.09 39.48 -9.51
CA VAL B 148 8.65 39.61 -10.85
C VAL B 148 7.52 39.73 -11.84
N GLN B 149 7.68 40.64 -12.81
CA GLN B 149 6.71 40.81 -13.89
C GLN B 149 7.40 40.93 -15.24
N TRP B 150 6.91 40.19 -16.22
CA TRP B 150 7.48 40.18 -17.56
C TRP B 150 6.69 41.13 -18.46
N LYS B 151 7.40 42.08 -19.07
CA LYS B 151 6.83 43.06 -19.98
C LYS B 151 7.55 42.91 -21.32
N VAL B 152 6.81 42.55 -22.37
CA VAL B 152 7.35 42.37 -23.71
C VAL B 152 6.78 43.48 -24.59
N ASP B 153 7.63 44.44 -24.97
CA ASP B 153 7.20 45.64 -25.69
C ASP B 153 6.08 46.34 -24.92
N ASN B 154 6.28 46.47 -23.60
CA ASN B 154 5.39 47.12 -22.63
C ASN B 154 4.08 46.38 -22.41
N ALA B 155 4.00 45.07 -22.66
CA ALA B 155 2.79 44.29 -22.43
C ALA B 155 3.03 43.32 -21.28
N LEU B 156 2.30 43.51 -20.17
CA LEU B 156 2.40 42.64 -19.00
C LEU B 156 1.97 41.22 -19.36
N GLN B 157 2.81 40.22 -19.04
CA GLN B 157 2.60 38.85 -19.48
C GLN B 157 2.03 38.00 -18.35
N SER B 158 0.83 37.46 -18.56
CA SER B 158 0.18 36.56 -17.60
C SER B 158 -0.04 35.22 -18.29
N GLY B 159 0.42 34.15 -17.63
CA GLY B 159 0.24 32.82 -18.14
C GLY B 159 1.37 32.35 -19.03
N ASN B 160 2.44 33.14 -19.17
CA ASN B 160 3.59 32.77 -19.96
C ASN B 160 4.83 32.54 -19.12
N SER B 161 4.77 32.85 -17.84
CA SER B 161 5.92 32.80 -16.96
C SER B 161 5.72 31.72 -15.93
N GLN B 162 6.84 31.24 -15.38
CA GLN B 162 6.80 30.26 -14.31
C GLN B 162 8.09 30.44 -13.52
N GLU B 163 8.03 30.31 -12.20
CA GLU B 163 9.18 30.68 -11.37
C GLU B 163 9.48 29.63 -10.31
N SER B 164 10.70 29.70 -9.77
CA SER B 164 11.10 28.85 -8.65
C SER B 164 11.94 29.65 -7.68
N VAL B 165 11.85 29.26 -6.41
CA VAL B 165 12.60 29.86 -5.31
C VAL B 165 13.44 28.77 -4.64
N THR B 166 14.67 29.11 -4.26
CA THR B 166 15.51 28.20 -3.50
C THR B 166 15.08 28.22 -2.05
N GLU B 167 15.76 27.40 -1.25
CA GLU B 167 15.59 27.46 0.19
C GLU B 167 16.72 28.30 0.77
N GLN B 168 16.44 28.91 1.92
CA GLN B 168 17.34 29.84 2.55
C GLN B 168 18.74 29.24 2.71
N ASP B 169 19.73 29.93 2.14
CA ASP B 169 21.10 29.43 2.09
C ASP B 169 21.70 29.30 3.47
N SER B 170 22.34 28.15 3.74
CA SER B 170 22.83 27.86 5.09
C SER B 170 23.70 28.98 5.64
N LYS B 171 24.51 29.61 4.79
CA LYS B 171 25.50 30.57 5.27
C LYS B 171 25.05 32.03 5.20
N ASP B 172 24.52 32.51 4.06
CA ASP B 172 24.12 33.90 3.98
C ASP B 172 22.68 34.16 4.40
N SER B 173 21.89 33.12 4.62
CA SER B 173 20.49 33.25 5.02
C SER B 173 19.65 34.02 3.99
N THR B 174 20.07 34.05 2.72
CA THR B 174 19.32 34.74 1.68
C THR B 174 18.59 33.73 0.80
N TYR B 175 17.81 34.26 -0.13
CA TYR B 175 17.04 33.49 -1.08
C TYR B 175 17.44 33.84 -2.50
N SER B 176 17.09 32.94 -3.42
CA SER B 176 17.23 33.18 -4.85
C SER B 176 15.98 32.71 -5.56
N LEU B 177 15.77 33.25 -6.76
CA LEU B 177 14.59 33.02 -7.57
C LEU B 177 14.97 33.17 -9.04
N SER B 178 14.48 32.26 -9.87
CA SER B 178 14.55 32.43 -11.31
C SER B 178 13.16 32.21 -11.89
N SER B 179 12.72 33.18 -12.70
CA SER B 179 11.48 33.12 -13.43
C SER B 179 11.78 32.85 -14.90
N THR B 180 10.97 32.00 -15.54
CA THR B 180 11.20 31.62 -16.94
C THR B 180 9.98 31.98 -17.79
N LEU B 181 10.21 32.78 -18.82
CA LEU B 181 9.19 33.20 -19.78
C LEU B 181 9.27 32.36 -21.04
N THR B 182 8.12 31.94 -21.58
CA THR B 182 8.10 31.14 -22.80
C THR B 182 7.24 31.80 -23.86
N LEU B 183 7.73 31.75 -25.10
CA LEU B 183 7.09 32.36 -26.24
C LEU B 183 7.35 31.46 -27.44
N SER B 184 6.51 31.55 -28.47
CA SER B 184 6.83 30.83 -29.70
C SER B 184 7.99 31.53 -30.41
N LYS B 185 8.72 30.77 -31.24
CA LYS B 185 9.80 31.38 -32.00
C LYS B 185 9.30 32.57 -32.81
N ALA B 186 8.13 32.43 -33.43
CA ALA B 186 7.58 33.53 -34.22
C ALA B 186 7.17 34.71 -33.34
N ASP B 187 6.38 34.44 -32.28
CA ASP B 187 5.92 35.49 -31.37
C ASP B 187 7.07 36.23 -30.69
N TYR B 188 8.18 35.53 -30.42
CA TYR B 188 9.36 36.21 -29.88
C TYR B 188 9.98 37.14 -30.92
N GLU B 189 9.94 36.74 -32.19
CA GLU B 189 10.47 37.57 -33.25
C GLU B 189 9.48 38.63 -33.71
N LYS B 190 8.32 38.68 -33.07
CA LYS B 190 7.30 39.71 -33.27
C LYS B 190 7.45 40.89 -32.32
N HIS B 191 8.55 40.98 -31.59
CA HIS B 191 8.69 41.98 -30.54
C HIS B 191 10.15 42.37 -30.42
N LYS B 192 10.42 43.46 -29.69
CA LYS B 192 11.80 43.92 -29.55
C LYS B 192 12.27 44.03 -28.11
N VAL B 193 11.46 44.59 -27.22
CA VAL B 193 11.94 44.99 -25.90
C VAL B 193 11.43 43.95 -24.90
N TYR B 194 12.34 43.14 -24.36
CA TYR B 194 12.00 42.12 -23.37
C TYR B 194 12.54 42.57 -22.03
N ALA B 195 11.64 42.69 -21.05
CA ALA B 195 11.96 43.35 -19.78
C ALA B 195 11.59 42.47 -18.60
N CYS B 196 12.40 42.58 -17.57
CA CYS B 196 12.15 41.88 -16.31
C CYS B 196 12.16 42.92 -15.20
N GLU B 197 11.01 43.16 -14.58
CA GLU B 197 10.88 44.20 -13.58
C GLU B 197 10.67 43.59 -12.21
N VAL B 198 11.54 43.91 -11.26
CA VAL B 198 11.58 43.29 -9.95
C VAL B 198 11.15 44.27 -8.87
N THR B 199 10.34 43.78 -7.93
CA THR B 199 9.86 44.51 -6.77
C THR B 199 10.34 43.82 -5.50
N HIS B 200 10.89 44.59 -4.56
CA HIS B 200 11.46 43.94 -3.39
C HIS B 200 11.61 44.96 -2.26
N GLN B 201 11.59 44.47 -1.00
CA GLN B 201 11.71 45.39 0.12
C GLN B 201 13.04 46.09 0.17
N GLY B 202 14.07 45.56 -0.47
CA GLY B 202 15.30 46.31 -0.46
C GLY B 202 15.36 47.39 -1.52
N LEU B 203 14.31 47.54 -2.31
CA LEU B 203 14.33 48.40 -3.48
C LEU B 203 13.32 49.55 -3.32
N SER B 204 13.81 50.77 -3.22
CA SER B 204 12.92 51.91 -3.18
C SER B 204 12.18 52.12 -4.49
N SER B 205 12.54 51.40 -5.56
CA SER B 205 11.96 51.59 -6.88
C SER B 205 12.13 50.30 -7.66
N PRO B 206 11.28 50.07 -8.66
CA PRO B 206 11.41 48.84 -9.46
C PRO B 206 12.73 48.80 -10.22
N VAL B 207 13.38 47.65 -10.20
CA VAL B 207 14.57 47.42 -11.01
C VAL B 207 14.16 46.64 -12.25
N THR B 208 14.44 47.19 -13.42
CA THR B 208 14.05 46.58 -14.68
C THR B 208 15.28 46.25 -15.50
N LYS B 209 15.51 44.97 -15.74
CA LYS B 209 16.54 44.55 -16.68
C LYS B 209 15.86 44.21 -17.99
N SER B 210 16.52 44.54 -19.09
CA SER B 210 15.92 44.32 -20.40
C SER B 210 17.01 44.19 -21.44
N PHE B 211 16.62 43.68 -22.60
CA PHE B 211 17.50 43.53 -23.74
C PHE B 211 16.69 43.78 -24.99
N ASN B 212 17.40 44.06 -26.09
CA ASN B 212 16.74 44.21 -27.38
C ASN B 212 17.04 43.00 -28.24
N ARG B 213 16.09 42.65 -29.10
CA ARG B 213 16.19 41.40 -29.85
C ARG B 213 17.40 41.42 -30.78
N GLY B 214 18.28 40.42 -30.61
CA GLY B 214 19.47 40.28 -31.43
C GLY B 214 20.62 41.17 -31.01
N GLU B 215 20.36 42.24 -30.26
CA GLU B 215 21.36 43.21 -29.85
C GLU B 215 21.96 42.88 -28.48
N HIS C 38 -13.22 -1.96 27.09
CA HIS C 38 -14.62 -2.35 26.96
C HIS C 38 -15.40 -1.56 25.92
N ILE C 39 -14.88 -0.38 25.54
CA ILE C 39 -15.57 0.43 24.55
C ILE C 39 -15.79 -0.36 23.27
N ASN C 40 -14.98 -1.39 23.02
CA ASN C 40 -15.10 -2.20 21.81
C ASN C 40 -16.34 -3.04 21.80
N ARG C 41 -16.92 -3.29 22.97
CA ARG C 41 -18.07 -4.18 23.05
C ARG C 41 -19.36 -3.51 22.64
N THR C 42 -19.36 -2.22 22.38
CA THR C 42 -20.59 -1.53 21.98
C THR C 42 -20.94 -1.87 20.54
N ALA C 43 -22.15 -2.41 20.34
CA ALA C 43 -22.66 -2.64 19.00
C ALA C 43 -22.76 -1.32 18.26
N LEU C 44 -22.47 -1.37 16.96
CA LEU C 44 -22.25 -0.14 16.21
C LEU C 44 -22.68 -0.36 14.75
N ASN C 45 -23.91 -0.83 14.55
CA ASN C 45 -24.45 -1.01 13.20
C ASN C 45 -25.56 0.01 12.97
N CYS C 46 -25.27 1.02 12.15
CA CYS C 46 -26.12 2.20 12.02
C CYS C 46 -26.07 2.63 10.57
N ASN C 47 -27.21 2.88 9.92
CA ASN C 47 -27.13 3.35 8.53
C ASN C 47 -27.65 4.77 8.33
N ASP C 48 -28.76 5.14 8.97
CA ASP C 48 -29.28 6.51 8.87
C ASP C 48 -29.46 6.95 7.42
N SER C 49 -29.96 6.03 6.59
CA SER C 49 -30.35 6.43 5.24
C SER C 49 -31.45 7.49 5.25
N LEU C 50 -32.19 7.60 6.34
CA LEU C 50 -33.22 8.63 6.47
C LEU C 50 -32.64 10.03 6.63
N HIS C 51 -31.36 10.13 7.04
CA HIS C 51 -30.77 11.39 7.50
C HIS C 51 -31.55 11.92 8.70
N THR C 52 -31.95 11.00 9.59
CA THR C 52 -32.68 11.38 10.80
C THR C 52 -31.87 12.37 11.63
N GLY C 53 -30.57 12.24 11.63
CA GLY C 53 -29.73 13.07 12.43
C GLY C 53 -29.28 12.38 13.69
N PHE C 54 -29.81 11.19 13.94
CA PHE C 54 -29.51 10.50 15.18
C PHE C 54 -28.07 10.02 15.23
N LEU C 55 -27.46 9.73 14.07
CA LEU C 55 -26.09 9.24 14.04
C LEU C 55 -25.12 10.30 14.56
N ALA C 56 -25.29 11.55 14.13
CA ALA C 56 -24.41 12.61 14.62
C ALA C 56 -24.54 12.81 16.13
N ALA C 57 -25.75 12.75 16.66
CA ALA C 57 -25.93 12.99 18.09
C ALA C 57 -25.20 11.96 18.92
N LEU C 58 -25.01 10.75 18.38
CA LEU C 58 -24.32 9.71 19.13
C LEU C 58 -22.88 10.11 19.42
N PHE C 59 -22.25 10.90 18.55
CA PHE C 59 -20.83 11.19 18.67
C PHE C 59 -20.51 12.62 19.05
N TYR C 60 -21.13 13.62 18.43
CA TYR C 60 -20.78 15.00 18.72
C TYR C 60 -21.89 15.65 19.53
N THR C 61 -21.50 16.33 20.62
CA THR C 61 -22.46 16.83 21.58
C THR C 61 -23.37 17.91 21.00
N HIS C 62 -22.86 18.72 20.09
CA HIS C 62 -23.60 19.84 19.53
C HIS C 62 -24.41 19.44 18.31
N LYS C 63 -24.79 18.17 18.19
CA LYS C 63 -25.59 17.75 17.04
C LYS C 63 -26.85 17.04 17.51
N PHE C 64 -27.33 17.43 18.69
CA PHE C 64 -28.44 16.72 19.30
C PHE C 64 -29.75 17.02 18.56
N ASN C 65 -30.44 15.95 18.16
CA ASN C 65 -31.74 15.93 17.50
C ASN C 65 -32.56 17.21 17.67
N CYS C 69 -40.53 16.39 17.46
CA CYS C 69 -40.33 15.89 18.82
C CYS C 69 -41.38 16.45 19.80
N PRO C 70 -41.50 17.77 19.98
CA PRO C 70 -42.65 18.29 20.73
C PRO C 70 -43.94 18.00 20.01
N GLU C 71 -43.86 17.78 18.70
CA GLU C 71 -45.03 17.46 17.89
C GLU C 71 -45.49 16.03 18.15
N ARG C 72 -44.51 15.12 18.27
CA ARG C 72 -44.72 13.67 18.36
C ARG C 72 -44.98 13.15 19.76
N MET C 73 -44.51 13.86 20.80
CA MET C 73 -44.72 13.44 22.19
C MET C 73 -46.12 13.82 22.68
N ALA C 74 -46.94 14.43 21.85
CA ALA C 74 -48.33 14.72 22.23
C ALA C 74 -49.19 13.47 22.30
N HIS C 75 -48.67 12.29 21.94
CA HIS C 75 -49.38 11.05 22.22
C HIS C 75 -49.18 10.57 23.65
N CYS C 76 -48.09 10.95 24.30
CA CYS C 76 -47.95 10.58 25.70
C CYS C 76 -49.07 11.23 26.50
N ARG C 77 -49.59 10.46 27.45
CA ARG C 77 -50.73 10.83 28.26
C ARG C 77 -50.32 10.89 29.72
N PRO C 78 -50.79 11.89 30.46
CA PRO C 78 -50.48 11.91 31.90
C PRO C 78 -51.16 10.75 32.60
N ILE C 79 -50.66 10.46 33.80
CA ILE C 79 -51.18 9.31 34.55
C ILE C 79 -52.64 9.53 34.92
N ASP C 80 -53.06 10.80 35.03
CA ASP C 80 -54.44 11.09 35.45
C ASP C 80 -55.47 10.72 34.40
N GLU C 81 -55.08 10.63 33.11
CA GLU C 81 -55.99 10.24 32.05
C GLU C 81 -56.32 8.74 32.03
N PHE C 82 -55.68 7.92 32.86
CA PHE C 82 -56.01 6.51 32.95
C PHE C 82 -56.92 6.27 34.16
N ALA C 83 -57.34 5.03 34.38
CA ALA C 83 -58.34 4.71 35.40
C ALA C 83 -57.80 3.70 36.41
N GLN C 84 -58.22 3.85 37.68
CA GLN C 84 -57.78 2.95 38.73
C GLN C 84 -58.35 1.55 38.53
N GLY C 85 -57.52 0.55 38.80
CA GLY C 85 -57.95 -0.83 38.92
C GLY C 85 -57.36 -1.37 40.21
N TRP C 86 -58.17 -1.85 41.16
CA TRP C 86 -57.60 -2.42 42.36
C TRP C 86 -57.64 -3.94 42.37
N GLY C 87 -58.01 -4.57 41.25
CA GLY C 87 -57.92 -6.01 41.16
C GLY C 87 -56.48 -6.40 41.44
N PRO C 88 -56.25 -7.59 41.99
CA PRO C 88 -54.88 -7.96 42.37
C PRO C 88 -53.92 -7.91 41.18
N ILE C 89 -52.74 -7.32 41.41
CA ILE C 89 -51.78 -7.10 40.34
C ILE C 89 -51.28 -8.43 39.80
N THR C 90 -51.47 -8.64 38.49
CA THR C 90 -50.82 -9.70 37.75
C THR C 90 -49.97 -9.07 36.65
N TYR C 91 -49.04 -9.85 36.09
CA TYR C 91 -48.08 -9.34 35.12
C TYR C 91 -48.61 -9.60 33.71
N ALA C 92 -48.43 -8.62 32.83
CA ALA C 92 -48.86 -8.76 31.44
C ALA C 92 -47.79 -9.40 30.56
N ARG C 100 -45.73 3.99 21.83
CA ARG C 100 -44.41 4.50 21.50
C ARG C 100 -43.44 4.32 22.67
N PRO C 101 -42.19 3.94 22.37
CA PRO C 101 -41.23 3.63 23.45
C PRO C 101 -40.81 4.82 24.29
N TYR C 102 -40.99 6.04 23.82
CA TYR C 102 -40.56 7.21 24.58
C TYR C 102 -41.66 7.76 25.47
N CYS C 103 -42.90 7.30 25.30
CA CYS C 103 -43.93 7.57 26.29
C CYS C 103 -43.66 6.77 27.54
N TRP C 104 -43.94 7.36 28.70
CA TRP C 104 -43.67 6.65 29.94
C TRP C 104 -44.56 5.44 30.10
N HIS C 105 -45.77 5.49 29.55
CA HIS C 105 -46.74 4.41 29.72
C HIS C 105 -46.55 3.30 28.71
N TYR C 106 -45.32 3.15 28.20
CA TYR C 106 -45.04 2.03 27.31
C TYR C 106 -45.11 0.74 28.10
N ALA C 107 -45.81 -0.24 27.53
CA ALA C 107 -45.86 -1.58 28.12
C ALA C 107 -44.86 -2.44 27.34
N PRO C 108 -43.67 -2.70 27.88
CA PRO C 108 -42.68 -3.50 27.15
C PRO C 108 -42.82 -4.99 27.44
N ARG C 109 -42.50 -5.79 26.42
CA ARG C 109 -42.31 -7.21 26.68
C ARG C 109 -41.02 -7.43 27.46
N GLN C 110 -40.99 -8.52 28.20
CA GLN C 110 -39.84 -8.83 29.05
C GLN C 110 -38.57 -8.97 28.20
N CYS C 111 -37.45 -8.59 28.79
CA CYS C 111 -36.19 -8.56 28.05
C CYS C 111 -35.74 -9.97 27.70
N GLY C 112 -35.11 -10.07 26.54
CA GLY C 112 -34.53 -11.32 26.08
C GLY C 112 -33.15 -11.09 25.52
N THR C 113 -32.66 -11.99 24.68
CA THR C 113 -31.40 -11.80 23.97
C THR C 113 -31.68 -11.28 22.55
N ILE C 114 -31.01 -10.20 22.18
CA ILE C 114 -31.28 -9.52 20.90
C ILE C 114 -30.01 -9.51 20.06
N PRO C 115 -30.13 -9.66 18.74
CA PRO C 115 -28.93 -9.77 17.91
C PRO C 115 -28.21 -8.43 17.83
N ALA C 116 -26.89 -8.46 17.90
CA ALA C 116 -26.14 -7.23 17.77
C ALA C 116 -26.38 -6.59 16.41
N SER C 117 -26.84 -7.38 15.44
CA SER C 117 -27.10 -6.89 14.09
C SER C 117 -27.97 -5.64 14.10
N GLN C 118 -28.99 -5.60 14.95
CA GLN C 118 -30.02 -4.57 14.92
C GLN C 118 -29.79 -3.47 15.95
N VAL C 119 -28.63 -3.41 16.58
CA VAL C 119 -28.37 -2.48 17.66
C VAL C 119 -27.37 -1.42 17.20
N CYS C 120 -27.63 -0.17 17.58
CA CYS C 120 -26.77 0.97 17.30
C CYS C 120 -26.55 1.75 18.58
N GLY C 121 -25.29 2.06 18.87
CA GLY C 121 -24.97 2.78 20.07
C GLY C 121 -24.92 1.87 21.28
N PRO C 122 -24.67 2.44 22.45
CA PRO C 122 -24.63 1.63 23.67
C PRO C 122 -26.01 1.14 24.06
N VAL C 123 -26.02 0.09 24.87
CA VAL C 123 -27.23 -0.48 25.46
C VAL C 123 -27.16 -0.25 26.95
N TYR C 124 -28.15 0.48 27.47
CA TYR C 124 -28.20 0.78 28.89
C TYR C 124 -29.34 -0.02 29.51
N CYS C 125 -29.01 -0.84 30.49
CA CYS C 125 -29.97 -1.56 31.29
C CYS C 125 -30.01 -0.83 32.61
N PHE C 126 -31.13 -0.94 33.33
CA PHE C 126 -31.30 -0.17 34.56
C PHE C 126 -31.58 -1.13 35.71
N THR C 127 -30.70 -1.13 36.71
CA THR C 127 -31.16 -1.59 38.01
C THR C 127 -31.88 -0.32 38.47
N PRO C 128 -32.06 -0.02 39.75
CA PRO C 128 -32.52 1.35 40.04
C PRO C 128 -31.57 2.40 39.46
N SER C 129 -30.29 2.04 39.34
CA SER C 129 -29.08 2.68 38.85
C SER C 129 -28.75 2.21 37.44
N PRO C 130 -28.03 3.01 36.65
CA PRO C 130 -27.70 2.61 35.27
C PRO C 130 -26.49 1.66 35.16
N VAL C 131 -26.51 0.83 34.12
CA VAL C 131 -25.45 -0.13 33.83
C VAL C 131 -25.40 -0.37 32.32
N VAL C 132 -24.20 -0.62 31.80
CA VAL C 132 -23.97 -0.80 30.37
C VAL C 132 -23.77 -2.28 30.08
N VAL C 133 -24.54 -2.82 29.13
CA VAL C 133 -24.39 -4.21 28.68
C VAL C 133 -23.73 -4.22 27.31
N GLY C 134 -22.70 -5.07 27.16
CA GLY C 134 -21.93 -5.16 25.95
C GLY C 134 -22.31 -6.36 25.10
N THR C 135 -21.64 -6.48 23.97
CA THR C 135 -21.85 -7.62 23.09
C THR C 135 -21.21 -8.88 23.66
N THR C 136 -21.81 -10.03 23.33
CA THR C 136 -21.32 -11.35 23.71
C THR C 136 -21.66 -12.31 22.58
N ASP C 137 -21.18 -13.54 22.70
CA ASP C 137 -21.67 -14.65 21.89
C ASP C 137 -22.89 -15.30 22.57
N ARG C 138 -23.53 -16.21 21.84
CA ARG C 138 -24.74 -16.85 22.36
C ARG C 138 -24.49 -17.65 23.64
N PHE C 139 -23.24 -17.94 24.00
CA PHE C 139 -22.93 -18.62 25.26
C PHE C 139 -22.63 -17.66 26.41
N GLY C 140 -22.69 -16.34 26.19
CA GLY C 140 -22.45 -15.34 27.21
C GLY C 140 -21.06 -14.77 27.27
N ALA C 141 -20.12 -15.27 26.46
CA ALA C 141 -18.72 -14.84 26.47
C ALA C 141 -18.54 -13.54 25.68
N PRO C 142 -17.84 -12.54 26.24
CA PRO C 142 -17.75 -11.23 25.58
C PRO C 142 -17.03 -11.26 24.24
N THR C 143 -17.61 -10.53 23.28
CA THR C 143 -17.10 -10.37 21.91
C THR C 143 -16.78 -8.88 21.71
N TYR C 144 -15.52 -8.58 21.27
CA TYR C 144 -14.92 -7.25 21.27
C TYR C 144 -14.76 -6.70 19.85
N THR C 145 -15.68 -7.02 18.94
CA THR C 145 -15.49 -6.78 17.50
C THR C 145 -16.45 -5.72 16.95
N TRP C 146 -16.91 -4.81 17.80
CA TRP C 146 -17.84 -3.75 17.40
C TRP C 146 -19.13 -4.29 16.82
N GLY C 147 -19.54 -5.50 17.19
CA GLY C 147 -20.78 -6.02 16.66
C GLY C 147 -20.68 -6.51 15.23
N GLU C 148 -19.46 -6.75 14.74
CA GLU C 148 -19.24 -7.15 13.35
C GLU C 148 -19.87 -8.51 13.04
N ASN C 149 -19.75 -9.46 13.96
CA ASN C 149 -20.23 -10.82 13.73
C ASN C 149 -21.75 -10.88 13.71
N GLU C 150 -22.30 -11.65 12.76
CA GLU C 150 -23.74 -11.83 12.76
C GLU C 150 -24.18 -12.64 13.97
N THR C 151 -23.30 -13.50 14.48
CA THR C 151 -23.63 -14.32 15.64
C THR C 151 -23.73 -13.50 16.92
N ASP C 152 -22.90 -12.45 17.05
CA ASP C 152 -22.84 -11.69 18.30
C ASP C 152 -24.20 -11.15 18.70
N VAL C 153 -24.49 -11.25 20.00
CA VAL C 153 -25.78 -10.88 20.56
C VAL C 153 -25.58 -10.11 21.85
N LEU C 154 -26.66 -9.47 22.31
CA LEU C 154 -26.67 -8.77 23.58
C LEU C 154 -27.66 -9.48 24.51
N ILE C 155 -27.17 -9.97 25.64
CA ILE C 155 -27.99 -10.72 26.58
C ILE C 155 -28.62 -9.74 27.56
N LEU C 156 -29.89 -9.41 27.34
CA LEU C 156 -30.61 -8.44 28.15
C LEU C 156 -31.66 -9.06 29.06
N ASN C 157 -31.73 -10.40 29.12
CA ASN C 157 -32.78 -11.08 29.89
C ASN C 157 -32.82 -10.54 31.31
N ASN C 158 -34.01 -10.23 31.79
CA ASN C 158 -34.14 -9.51 33.04
C ASN C 158 -34.99 -10.28 34.04
N THR C 159 -34.54 -10.26 35.28
CA THR C 159 -35.32 -10.64 36.45
C THR C 159 -35.11 -9.53 37.47
N ARG C 160 -36.22 -8.92 37.88
CA ARG C 160 -36.11 -7.69 38.67
C ARG C 160 -35.24 -7.91 39.89
N PRO C 161 -34.36 -6.96 40.22
CA PRO C 161 -33.79 -6.95 41.54
C PRO C 161 -34.88 -6.66 42.56
N PRO C 162 -34.68 -7.03 43.83
CA PRO C 162 -33.45 -7.54 44.46
C PRO C 162 -33.06 -8.97 44.03
N GLN C 163 -34.02 -9.79 43.58
CA GLN C 163 -33.69 -11.16 43.19
C GLN C 163 -32.57 -11.21 42.15
N GLY C 164 -32.68 -10.40 41.11
CA GLY C 164 -31.77 -10.53 39.98
C GLY C 164 -31.05 -9.28 39.51
N ASN C 165 -31.16 -9.03 38.21
CA ASN C 165 -30.23 -8.15 37.49
C ASN C 165 -30.74 -6.72 37.30
N TRP C 166 -31.71 -6.51 36.42
CA TRP C 166 -32.16 -5.16 36.08
C TRP C 166 -33.66 -5.11 35.78
N PHE C 167 -34.22 -3.92 35.98
CA PHE C 167 -35.65 -3.69 35.71
C PHE C 167 -35.96 -3.65 34.22
N GLY C 168 -35.04 -3.17 33.40
CA GLY C 168 -35.28 -3.08 31.97
C GLY C 168 -34.12 -2.39 31.30
N CYS C 169 -34.18 -2.37 29.96
CA CYS C 169 -33.05 -1.87 29.19
C CYS C 169 -33.57 -1.00 28.06
N THR C 170 -32.74 -0.05 27.64
CA THR C 170 -33.00 0.72 26.44
C THR C 170 -31.80 0.65 25.52
N TRP C 171 -32.09 0.64 24.22
CA TRP C 171 -31.09 0.75 23.16
C TRP C 171 -31.75 1.47 22.00
N MET C 172 -31.02 1.58 20.88
CA MET C 172 -31.64 2.12 19.68
C MET C 172 -31.34 1.25 18.47
N ASN C 173 -32.35 0.98 17.64
CA ASN C 173 -32.00 0.12 16.53
C ASN C 173 -31.38 0.94 15.42
N SER C 174 -31.11 0.28 14.30
CA SER C 174 -30.31 0.86 13.23
C SER C 174 -31.02 1.99 12.49
N THR C 175 -32.36 1.95 12.39
CA THR C 175 -33.10 2.99 11.67
C THR C 175 -33.28 4.25 12.51
N GLY C 176 -32.88 4.23 13.77
CA GLY C 176 -32.92 5.40 14.62
C GLY C 176 -33.96 5.37 15.71
N PHE C 177 -34.63 4.25 15.90
CA PHE C 177 -35.75 4.16 16.82
C PHE C 177 -35.32 3.63 18.16
N THR C 178 -35.69 4.35 19.21
CA THR C 178 -35.45 3.91 20.58
C THR C 178 -36.29 2.67 20.84
N LYS C 179 -35.66 1.64 21.39
CA LYS C 179 -36.36 0.41 21.74
C LYS C 179 -36.03 0.04 23.18
N THR C 180 -37.06 -0.42 23.90
CA THR C 180 -36.98 -0.71 25.33
C THR C 180 -37.69 -2.01 25.65
N CYS C 181 -37.12 -2.75 26.59
CA CYS C 181 -37.71 -3.96 27.14
C CYS C 181 -37.60 -3.93 28.65
N GLY C 182 -38.38 -4.78 29.31
CA GLY C 182 -38.25 -4.94 30.73
C GLY C 182 -39.48 -5.60 31.30
N GLY C 183 -39.51 -5.67 32.63
CA GLY C 183 -40.72 -6.03 33.32
C GLY C 183 -40.70 -7.44 33.85
N PRO C 184 -41.80 -8.18 33.64
CA PRO C 184 -42.94 -7.75 32.82
C PRO C 184 -43.78 -6.65 33.49
N PRO C 185 -44.41 -5.77 32.72
CA PRO C 185 -45.22 -4.71 33.33
C PRO C 185 -46.42 -5.29 34.06
N CYS C 186 -47.08 -4.42 34.83
CA CYS C 186 -48.15 -4.86 35.72
C CYS C 186 -49.49 -4.56 35.09
N ASN C 187 -50.40 -5.53 35.16
CA ASN C 187 -51.80 -5.35 34.80
C ASN C 187 -52.58 -5.06 36.08
N ILE C 188 -53.06 -3.83 36.19
CA ILE C 188 -53.74 -3.35 37.36
C ILE C 188 -55.23 -3.22 37.07
N ASN C 193 -61.66 2.11 28.30
CA ASN C 193 -60.95 2.71 27.18
C ASN C 193 -59.59 3.32 27.58
N ASN C 194 -59.31 3.39 28.88
CA ASN C 194 -58.18 4.11 29.44
C ASN C 194 -57.35 3.22 30.34
N THR C 195 -57.22 1.94 29.99
CA THR C 195 -56.46 1.04 30.84
C THR C 195 -54.97 1.34 30.77
N LEU C 196 -54.30 1.23 31.92
CA LEU C 196 -52.88 1.53 32.05
C LEU C 196 -52.18 0.28 32.55
N THR C 197 -51.27 -0.25 31.74
CA THR C 197 -50.45 -1.38 32.14
C THR C 197 -49.13 -0.81 32.65
N CYS C 198 -48.92 -0.93 33.95
CA CYS C 198 -47.95 -0.13 34.67
C CYS C 198 -46.51 -0.51 34.36
N PRO C 199 -45.67 0.43 33.91
CA PRO C 199 -44.27 0.09 33.68
C PRO C 199 -43.37 0.72 34.73
N THR C 200 -43.97 1.44 35.68
CA THR C 200 -43.20 2.28 36.60
C THR C 200 -43.91 2.34 37.95
N ASP C 201 -43.74 3.43 38.71
CA ASP C 201 -44.32 3.50 40.06
C ASP C 201 -45.68 4.20 40.01
N CYS C 202 -46.70 3.39 39.68
CA CYS C 202 -48.07 3.83 39.43
C CYS C 202 -48.87 3.80 40.73
N PHE C 203 -48.38 4.53 41.73
CA PHE C 203 -48.99 4.43 43.05
C PHE C 203 -50.44 4.88 43.01
N ARG C 204 -50.75 5.90 42.21
CA ARG C 204 -52.08 6.48 42.21
C ARG C 204 -53.13 5.53 41.66
N LYS C 205 -52.85 4.89 40.53
CA LYS C 205 -53.83 4.01 39.90
C LYS C 205 -53.92 2.64 40.56
N HIS C 206 -52.90 2.24 41.30
CA HIS C 206 -52.96 1.04 42.13
C HIS C 206 -51.93 1.27 43.22
N PRO C 207 -52.31 1.24 44.50
CA PRO C 207 -51.31 1.52 45.55
C PRO C 207 -50.15 0.56 45.52
N GLU C 208 -50.41 -0.72 45.27
CA GLU C 208 -49.41 -1.77 45.30
C GLU C 208 -48.54 -1.80 44.05
N ALA C 209 -48.77 -0.90 43.10
CA ALA C 209 -47.93 -0.78 41.91
C ALA C 209 -46.85 0.25 42.19
N THR C 210 -45.69 -0.22 42.61
CA THR C 210 -44.56 0.64 42.88
C THR C 210 -43.43 0.25 41.95
N TYR C 211 -42.46 1.16 41.81
CA TYR C 211 -41.31 0.88 40.93
C TYR C 211 -40.61 -0.39 41.39
N THR C 212 -40.52 -0.58 42.71
CA THR C 212 -39.93 -1.79 43.25
C THR C 212 -40.71 -3.02 42.79
N LYS C 213 -42.04 -2.90 42.71
CA LYS C 213 -42.96 -3.99 42.35
C LYS C 213 -43.18 -4.10 40.85
N CYS C 214 -43.38 -2.97 40.16
CA CYS C 214 -43.82 -2.97 38.77
C CYS C 214 -42.82 -2.35 37.79
N GLY C 215 -41.63 -1.99 38.25
CA GLY C 215 -40.70 -1.30 37.38
C GLY C 215 -40.31 -2.14 36.19
N SER C 216 -40.15 -1.48 35.03
CA SER C 216 -39.81 -2.18 33.80
C SER C 216 -38.80 -1.42 32.94
N GLY C 217 -38.22 -0.34 33.43
CA GLY C 217 -37.32 0.42 32.60
C GLY C 217 -36.75 1.64 33.29
N PRO C 218 -36.28 2.61 32.51
CA PRO C 218 -35.69 3.82 33.10
C PRO C 218 -36.70 4.70 33.83
N TRP C 219 -38.00 4.57 33.57
CA TRP C 219 -38.97 5.45 34.22
C TRP C 219 -39.14 5.03 35.66
N LEU C 220 -38.77 5.93 36.58
CA LEU C 220 -38.89 5.67 38.01
C LEU C 220 -40.27 6.03 38.54
N THR C 221 -40.86 7.06 37.97
CA THR C 221 -42.24 7.49 38.18
C THR C 221 -42.77 7.89 36.80
N PRO C 222 -44.08 8.06 36.63
CA PRO C 222 -44.58 8.49 35.30
C PRO C 222 -44.02 9.83 34.84
N ARG C 223 -43.37 10.59 35.72
CA ARG C 223 -42.82 11.89 35.36
C ARG C 223 -41.28 11.96 35.47
N CYS C 224 -40.62 10.87 35.90
CA CYS C 224 -39.17 10.84 36.13
C CYS C 224 -38.52 9.65 35.43
N LEU C 225 -37.39 9.90 34.75
CA LEU C 225 -36.57 8.83 34.20
C LEU C 225 -35.13 8.97 34.68
N VAL C 226 -34.46 7.83 34.84
CA VAL C 226 -33.08 7.83 35.30
C VAL C 226 -32.23 8.63 34.34
N ASP C 227 -31.33 9.44 34.89
CA ASP C 227 -30.35 10.14 34.07
C ASP C 227 -29.14 9.25 33.83
N TYR C 228 -28.78 9.08 32.57
CA TYR C 228 -27.60 8.33 32.15
C TYR C 228 -26.94 9.07 31.00
N PRO C 229 -25.65 8.78 30.72
CA PRO C 229 -24.91 9.60 29.73
C PRO C 229 -25.55 9.72 28.37
N TYR C 230 -26.26 8.71 27.91
CA TYR C 230 -26.91 8.76 26.60
C TYR C 230 -28.42 8.90 26.70
N ARG C 231 -28.93 9.51 27.78
CA ARG C 231 -30.36 9.72 27.94
C ARG C 231 -30.93 10.63 26.85
N LEU C 232 -30.24 11.73 26.55
CA LEU C 232 -30.78 12.64 25.55
C LEU C 232 -30.64 12.08 24.15
N TRP C 233 -30.04 10.90 23.99
CA TRP C 233 -29.97 10.28 22.67
C TRP C 233 -31.15 9.35 22.45
N HIS C 234 -31.44 8.49 23.44
CA HIS C 234 -32.58 7.58 23.33
C HIS C 234 -33.91 8.30 23.51
N TYR C 235 -33.94 9.33 24.34
CA TYR C 235 -35.16 10.07 24.65
C TYR C 235 -34.83 11.54 24.41
N PRO C 236 -34.71 11.94 23.16
CA PRO C 236 -34.31 13.33 22.88
C PRO C 236 -35.30 14.34 23.39
N CYS C 237 -36.56 13.95 23.55
CA CYS C 237 -37.62 14.88 23.93
C CYS C 237 -37.64 15.16 25.43
N THR C 238 -36.83 14.46 26.22
CA THR C 238 -36.68 14.75 27.64
C THR C 238 -35.58 15.78 27.89
N VAL C 239 -35.34 16.64 26.90
CA VAL C 239 -34.24 17.60 26.96
C VAL C 239 -34.47 18.64 28.03
N ASN C 240 -35.69 19.14 28.14
CA ASN C 240 -35.97 20.24 29.05
C ASN C 240 -36.11 19.77 30.49
N PHE C 241 -35.99 18.48 30.76
CA PHE C 241 -36.22 17.96 32.10
C PHE C 241 -35.21 18.53 33.08
N THR C 242 -35.69 18.83 34.29
CA THR C 242 -34.88 19.30 35.40
C THR C 242 -34.35 18.07 36.15
N ILE C 243 -33.13 18.17 36.65
CA ILE C 243 -32.41 17.02 37.21
C ILE C 243 -32.32 17.16 38.72
N PHE C 244 -32.68 16.10 39.43
CA PHE C 244 -32.71 16.06 40.87
C PHE C 244 -31.86 14.90 41.38
N LYS C 245 -31.17 15.10 42.50
CA LYS C 245 -30.47 13.99 43.11
C LYS C 245 -31.48 13.22 43.95
N VAL C 246 -31.64 11.92 43.65
CA VAL C 246 -32.69 11.08 44.20
C VAL C 246 -32.04 9.83 44.80
N ARG C 247 -32.86 9.04 45.51
CA ARG C 247 -32.30 7.86 46.18
C ARG C 247 -33.38 6.79 46.27
N MET C 248 -33.03 5.56 45.85
CA MET C 248 -33.94 4.42 45.83
C MET C 248 -33.46 3.35 46.79
N TYR C 249 -34.40 2.68 47.46
CA TYR C 249 -34.09 1.55 48.34
C TYR C 249 -34.81 0.31 47.79
N VAL C 250 -34.06 -0.56 47.11
CA VAL C 250 -34.60 -1.77 46.49
C VAL C 250 -33.84 -2.95 47.03
N GLY C 251 -34.51 -3.73 47.88
CA GLY C 251 -33.82 -4.83 48.53
C GLY C 251 -32.88 -4.41 49.63
N GLY C 252 -32.96 -3.17 50.07
CA GLY C 252 -32.09 -2.69 51.13
C GLY C 252 -30.77 -2.12 50.66
N VAL C 253 -30.47 -2.17 49.37
CA VAL C 253 -29.30 -1.49 48.85
C VAL C 253 -29.70 -0.07 48.48
N GLU C 254 -28.92 0.90 48.91
CA GLU C 254 -29.18 2.29 48.61
C GLU C 254 -28.71 2.55 47.19
N HIS C 255 -29.59 3.04 46.35
CA HIS C 255 -29.25 3.40 44.97
C HIS C 255 -29.30 4.91 44.90
N ARG C 256 -28.16 5.54 45.15
CA ARG C 256 -28.02 6.96 44.94
C ARG C 256 -27.74 7.20 43.46
N LEU C 257 -28.62 7.95 42.80
CA LEU C 257 -28.48 8.25 41.37
C LEU C 257 -29.11 9.60 41.11
N ASN C 258 -28.90 10.10 39.90
CA ASN C 258 -29.54 11.33 39.47
C ASN C 258 -30.77 10.97 38.64
N ALA C 259 -31.79 11.83 38.70
CA ALA C 259 -33.04 11.58 38.01
C ALA C 259 -33.49 12.83 37.27
N ALA C 260 -34.07 12.63 36.09
CA ALA C 260 -34.53 13.72 35.26
C ALA C 260 -36.06 13.70 35.28
N CYS C 261 -36.66 14.82 35.65
CA CYS C 261 -38.06 14.88 36.01
C CYS C 261 -38.72 16.10 35.41
N ASN C 262 -40.05 16.09 35.47
CA ASN C 262 -40.86 17.10 34.82
C ASN C 262 -41.35 18.13 35.85
N TRP D 37 18.41 -14.14 17.47
CA TRP D 37 19.21 -12.94 17.26
C TRP D 37 18.41 -11.96 16.36
N HIS D 38 18.93 -10.74 16.16
CA HIS D 38 18.24 -9.67 15.43
C HIS D 38 18.86 -9.47 14.04
N ILE D 39 18.40 -10.30 13.10
CA ILE D 39 18.88 -10.32 11.73
C ILE D 39 18.75 -8.97 11.03
N ASN D 40 17.82 -8.12 11.48
CA ASN D 40 17.66 -6.76 10.96
C ASN D 40 18.77 -5.82 11.42
N ARG D 41 19.54 -6.20 12.44
CA ARG D 41 20.67 -5.40 12.88
C ARG D 41 21.94 -5.61 12.05
N THR D 42 21.92 -6.56 11.12
CA THR D 42 23.08 -6.87 10.29
C THR D 42 23.28 -5.85 9.18
N ALA D 43 24.45 -5.24 9.11
CA ALA D 43 24.78 -4.37 8.00
C ALA D 43 24.76 -5.18 6.72
N LEU D 44 24.26 -4.59 5.64
CA LEU D 44 24.00 -5.44 4.48
C LEU D 44 24.09 -4.62 3.20
N ASN D 45 25.24 -3.96 3.00
CA ASN D 45 25.52 -3.21 1.77
C ASN D 45 26.61 -3.94 0.99
N CYS D 46 26.23 -4.55 -0.13
CA CYS D 46 27.10 -5.47 -0.84
C CYS D 46 27.08 -5.10 -2.32
N ASN D 47 28.25 -4.91 -2.91
CA ASN D 47 28.38 -4.53 -4.32
C ASN D 47 29.07 -5.66 -5.07
N ASP D 48 28.28 -6.52 -5.71
CA ASP D 48 28.80 -7.56 -6.58
C ASP D 48 28.56 -7.23 -8.03
N SER D 49 28.87 -5.99 -8.40
CA SER D 49 28.81 -5.60 -9.81
C SER D 49 29.69 -6.51 -10.65
N LEU D 50 30.71 -7.09 -10.03
CA LEU D 50 31.62 -7.98 -10.72
C LEU D 50 31.01 -9.36 -11.00
N HIS D 51 30.00 -9.75 -10.23
CA HIS D 51 29.46 -11.12 -10.23
C HIS D 51 30.54 -12.16 -9.90
N THR D 52 31.40 -11.82 -8.94
CA THR D 52 32.36 -12.80 -8.45
C THR D 52 31.65 -14.01 -7.85
N GLY D 53 30.48 -13.80 -7.23
CA GLY D 53 29.72 -14.85 -6.59
C GLY D 53 29.61 -14.77 -5.09
N PHE D 54 30.24 -13.83 -4.37
CA PHE D 54 30.20 -13.88 -2.91
C PHE D 54 28.81 -13.60 -2.38
N LEU D 55 28.03 -12.76 -3.07
CA LEU D 55 26.71 -12.41 -2.58
C LEU D 55 25.80 -13.62 -2.61
N ALA D 56 25.88 -14.45 -3.65
CA ALA D 56 25.11 -15.69 -3.63
C ALA D 56 25.52 -16.57 -2.44
N ALA D 57 26.82 -16.65 -2.14
CA ALA D 57 27.29 -17.50 -1.06
C ALA D 57 26.76 -17.07 0.30
N LEU D 58 26.50 -15.77 0.49
CA LEU D 58 26.04 -15.34 1.81
C LEU D 58 24.70 -15.97 2.14
N PHE D 59 23.89 -16.26 1.12
CA PHE D 59 22.52 -16.74 1.30
C PHE D 59 22.33 -18.21 0.92
N TYR D 60 22.93 -18.70 -0.15
CA TYR D 60 22.70 -20.07 -0.59
C TYR D 60 23.97 -20.92 -0.42
N THR D 61 23.82 -22.11 0.17
CA THR D 61 24.97 -22.97 0.39
C THR D 61 25.53 -23.48 -0.92
N HIS D 62 24.67 -23.73 -1.90
CA HIS D 62 25.08 -24.33 -3.15
C HIS D 62 25.61 -23.32 -4.14
N LYS D 63 26.06 -22.15 -3.65
CA LYS D 63 26.68 -21.12 -4.49
C LYS D 63 27.97 -20.76 -3.78
N PHE D 64 28.96 -21.63 -3.92
CA PHE D 64 30.19 -21.53 -3.17
C PHE D 64 31.29 -22.19 -3.98
N ASN D 65 32.47 -21.56 -4.06
CA ASN D 65 33.60 -22.28 -4.63
C ASN D 65 34.91 -21.71 -4.13
N ALA D 66 35.84 -22.61 -3.85
CA ALA D 66 37.20 -22.29 -3.42
C ALA D 66 38.16 -22.23 -4.58
N SER D 67 37.68 -21.70 -5.72
CA SER D 67 38.40 -21.78 -6.98
C SER D 67 39.85 -21.33 -6.84
N GLY D 68 40.08 -20.23 -6.13
CA GLY D 68 41.43 -19.72 -5.98
C GLY D 68 42.24 -20.34 -4.86
N CYS D 69 41.63 -21.19 -4.07
CA CYS D 69 42.21 -21.64 -2.82
C CYS D 69 43.46 -22.49 -2.98
N PRO D 70 43.54 -23.46 -3.89
CA PRO D 70 44.81 -24.18 -4.03
C PRO D 70 46.01 -23.29 -4.38
N GLU D 71 45.82 -22.23 -5.16
CA GLU D 71 46.93 -21.31 -5.43
C GLU D 71 47.12 -20.28 -4.30
N ARG D 72 46.05 -19.86 -3.62
CA ARG D 72 46.13 -18.81 -2.60
C ARG D 72 46.68 -19.32 -1.27
N MET D 73 46.51 -20.62 -0.99
CA MET D 73 47.00 -21.26 0.22
C MET D 73 48.47 -21.66 0.12
N ALA D 74 49.07 -21.58 -1.05
CA ALA D 74 50.51 -21.80 -1.17
C ALA D 74 51.31 -20.57 -0.81
N HIS D 75 50.66 -19.42 -0.65
CA HIS D 75 51.33 -18.24 -0.15
C HIS D 75 51.40 -18.22 1.37
N CYS D 76 50.44 -18.82 2.06
CA CYS D 76 50.54 -19.02 3.50
C CYS D 76 51.67 -20.00 3.83
N ARG D 77 52.35 -19.77 4.93
CA ARG D 77 53.42 -20.67 5.28
C ARG D 77 53.19 -21.33 6.63
N PRO D 78 53.53 -22.61 6.79
CA PRO D 78 53.38 -23.27 8.09
C PRO D 78 54.33 -22.71 9.13
N ILE D 79 54.04 -23.02 10.40
CA ILE D 79 54.82 -22.45 11.49
C ILE D 79 56.26 -22.95 11.49
N ASP D 80 56.51 -24.15 10.96
CA ASP D 80 57.87 -24.67 11.00
C ASP D 80 58.80 -23.93 10.03
N GLU D 81 58.27 -23.29 9.00
CA GLU D 81 59.04 -22.45 8.08
C GLU D 81 59.39 -21.09 8.70
N PHE D 82 58.98 -20.83 9.94
CA PHE D 82 59.21 -19.59 10.65
C PHE D 82 60.45 -19.71 11.54
N ALA D 83 60.72 -18.66 12.33
CA ALA D 83 61.95 -18.52 13.07
C ALA D 83 61.69 -18.55 14.58
N GLN D 84 62.61 -19.16 15.32
CA GLN D 84 62.49 -19.33 16.76
C GLN D 84 62.39 -17.97 17.43
N GLY D 85 61.63 -17.90 18.52
CA GLY D 85 61.62 -16.64 19.20
C GLY D 85 62.05 -16.64 20.64
N TRP D 86 63.12 -15.91 20.90
CA TRP D 86 63.63 -15.62 22.22
C TRP D 86 63.42 -14.14 22.55
N GLY D 87 62.91 -13.88 23.76
CA GLY D 87 62.69 -12.54 24.23
C GLY D 87 61.33 -12.43 24.87
N PRO D 88 61.19 -11.52 25.84
CA PRO D 88 59.89 -11.39 26.54
C PRO D 88 58.77 -10.92 25.61
N ILE D 89 57.58 -11.49 25.80
CA ILE D 89 56.45 -11.13 24.93
C ILE D 89 56.11 -9.66 25.13
N THR D 90 56.26 -8.87 24.07
CA THR D 90 55.73 -7.51 24.01
C THR D 90 54.75 -7.41 22.85
N TYR D 91 53.93 -6.36 22.86
CA TYR D 91 52.87 -6.21 21.89
C TYR D 91 53.33 -5.34 20.73
N ALA D 92 53.00 -5.79 19.50
CA ALA D 92 53.24 -5.00 18.29
C ALA D 92 51.97 -4.19 17.99
N GLU D 93 52.13 -2.89 17.75
CA GLU D 93 50.97 -2.01 17.66
C GLU D 93 50.06 -2.35 16.47
N GLY D 94 50.54 -3.14 15.52
CA GLY D 94 49.72 -3.49 14.38
C GLY D 94 50.21 -2.87 13.10
N HIS D 95 50.91 -3.65 12.27
CA HIS D 95 51.40 -3.19 10.99
C HIS D 95 51.15 -4.28 9.96
N GLY D 96 51.16 -3.88 8.68
CA GLY D 96 50.91 -4.80 7.60
C GLY D 96 49.43 -4.98 7.27
N SER D 97 49.09 -4.88 5.98
CA SER D 97 47.71 -4.93 5.48
C SER D 97 46.71 -4.22 6.39
N PRO D 101 44.57 -12.28 5.07
CA PRO D 101 43.68 -12.37 6.24
C PRO D 101 43.36 -13.83 6.46
N TYR D 102 43.55 -14.55 5.36
CA TYR D 102 43.24 -15.96 5.24
C TYR D 102 44.42 -16.87 5.56
N CYS D 103 45.63 -16.34 5.68
CA CYS D 103 46.71 -17.07 6.36
C CYS D 103 46.53 -17.02 7.86
N TRP D 104 46.95 -18.10 8.53
CA TRP D 104 46.83 -18.14 9.97
C TRP D 104 47.73 -17.10 10.64
N HIS D 105 48.87 -16.77 10.03
CA HIS D 105 49.82 -15.82 10.59
C HIS D 105 49.54 -14.38 10.20
N TYR D 106 48.30 -14.02 9.89
CA TYR D 106 47.99 -12.63 9.55
C TYR D 106 48.23 -11.73 10.75
N ALA D 107 48.84 -10.56 10.51
CA ALA D 107 49.03 -9.58 11.55
C ALA D 107 47.94 -8.51 11.46
N PRO D 108 46.91 -8.54 12.30
CA PRO D 108 45.85 -7.54 12.23
C PRO D 108 46.18 -6.32 13.06
N ARG D 109 45.74 -5.17 12.57
CA ARG D 109 45.69 -3.98 13.38
C ARG D 109 44.56 -4.11 14.40
N GLN D 110 44.70 -3.39 15.51
CA GLN D 110 43.74 -3.50 16.61
C GLN D 110 42.33 -3.10 16.14
N CYS D 111 41.32 -3.74 16.73
CA CYS D 111 39.97 -3.49 16.30
C CYS D 111 39.53 -2.08 16.68
N GLY D 112 38.74 -1.46 15.80
CA GLY D 112 38.17 -0.14 16.05
C GLY D 112 36.71 -0.09 15.66
N THR D 113 36.18 1.10 15.40
CA THR D 113 34.83 1.26 14.87
C THR D 113 34.91 1.44 13.36
N ILE D 114 34.08 0.68 12.63
CA ILE D 114 34.06 0.76 11.18
C ILE D 114 32.66 1.09 10.70
N PRO D 115 32.49 1.95 9.69
CA PRO D 115 31.14 2.34 9.28
C PRO D 115 30.42 1.22 8.56
N ALA D 116 29.13 1.05 8.87
CA ALA D 116 28.36 0.00 8.20
C ALA D 116 28.33 0.17 6.70
N SER D 117 28.69 1.36 6.21
CA SER D 117 28.82 1.62 4.79
C SER D 117 29.66 0.55 4.10
N GLN D 118 30.75 0.14 4.75
CA GLN D 118 31.74 -0.76 4.18
C GLN D 118 31.56 -2.23 4.57
N VAL D 119 30.43 -2.59 5.17
CA VAL D 119 30.23 -3.93 5.71
C VAL D 119 29.14 -4.65 4.93
N CYS D 120 29.40 -5.91 4.62
CA CYS D 120 28.45 -6.79 3.97
C CYS D 120 28.41 -8.11 4.75
N GLY D 121 27.21 -8.55 5.08
CA GLY D 121 27.05 -9.75 5.84
C GLY D 121 27.22 -9.47 7.32
N PRO D 122 27.09 -10.51 8.14
CA PRO D 122 27.23 -10.34 9.59
C PRO D 122 28.68 -10.11 9.99
N VAL D 123 28.85 -9.64 11.22
CA VAL D 123 30.17 -9.47 11.85
C VAL D 123 30.28 -10.45 13.01
N TYR D 124 31.29 -11.31 12.92
CA TYR D 124 31.51 -12.37 13.89
C TYR D 124 32.74 -12.05 14.73
N CYS D 125 32.55 -11.97 16.04
CA CYS D 125 33.63 -11.72 16.99
C CYS D 125 33.91 -13.00 17.77
N PHE D 126 35.13 -13.12 18.29
CA PHE D 126 35.59 -14.36 18.90
C PHE D 126 36.07 -14.08 20.31
N THR D 127 35.44 -14.71 21.30
CA THR D 127 35.79 -14.44 22.68
C THR D 127 36.55 -15.52 23.46
N PRO D 128 37.06 -16.60 22.85
CA PRO D 128 37.11 -17.30 21.57
C PRO D 128 35.76 -17.70 21.00
N SER D 129 34.72 -17.82 21.83
CA SER D 129 33.46 -18.31 21.30
C SER D 129 32.91 -17.31 20.30
N PRO D 130 32.21 -17.77 19.27
CA PRO D 130 31.76 -16.85 18.22
C PRO D 130 30.56 -16.05 18.71
N VAL D 131 30.49 -14.80 18.26
CA VAL D 131 29.42 -13.92 18.69
C VAL D 131 29.23 -12.85 17.64
N VAL D 132 27.99 -12.40 17.47
CA VAL D 132 27.65 -11.45 16.42
C VAL D 132 27.53 -10.06 16.98
N VAL D 133 28.22 -9.12 16.35
CA VAL D 133 28.12 -7.72 16.68
C VAL D 133 27.24 -7.08 15.62
N GLY D 134 26.25 -6.31 16.07
CA GLY D 134 25.29 -5.69 15.17
C GLY D 134 25.57 -4.22 14.94
N THR D 135 24.74 -3.64 14.08
CA THR D 135 24.89 -2.22 13.80
C THR D 135 24.38 -1.41 14.98
N THR D 136 25.03 -0.26 15.17
CA THR D 136 24.68 0.72 16.19
C THR D 136 25.01 2.10 15.63
N ASP D 137 24.55 3.13 16.32
CA ASP D 137 25.11 4.45 16.09
C ASP D 137 26.34 4.62 16.98
N ARG D 138 27.07 5.71 16.76
CA ARG D 138 28.32 5.92 17.47
C ARG D 138 28.13 5.97 18.97
N PHE D 139 26.89 6.13 19.45
CA PHE D 139 26.61 6.16 20.88
C PHE D 139 26.26 4.78 21.45
N GLY D 140 26.29 3.73 20.63
CA GLY D 140 26.00 2.40 21.11
C GLY D 140 24.57 1.97 20.95
N ALA D 141 23.71 2.84 20.46
CA ALA D 141 22.31 2.49 20.40
C ALA D 141 22.08 1.54 19.23
N PRO D 142 21.47 0.39 19.47
CA PRO D 142 21.29 -0.58 18.38
C PRO D 142 20.39 0.00 17.30
N THR D 143 20.81 -0.15 16.04
CA THR D 143 20.08 0.35 14.89
C THR D 143 19.65 -0.83 14.03
N TYR D 144 18.35 -0.93 13.75
CA TYR D 144 17.77 -2.14 13.18
C TYR D 144 17.32 -1.95 11.73
N THR D 145 18.11 -1.23 10.93
CA THR D 145 17.72 -0.84 9.57
C THR D 145 18.63 -1.48 8.53
N TRP D 146 19.20 -2.65 8.84
CA TRP D 146 20.09 -3.38 7.92
C TRP D 146 21.22 -2.50 7.39
N GLY D 147 21.60 -1.48 8.17
CA GLY D 147 22.74 -0.64 7.83
C GLY D 147 22.51 0.35 6.70
N GLU D 148 21.26 0.60 6.33
CA GLU D 148 21.00 1.51 5.21
C GLU D 148 21.43 2.93 5.57
N ASN D 149 21.22 3.32 6.83
CA ASN D 149 21.53 4.68 7.29
C ASN D 149 23.05 4.85 7.32
N GLU D 150 23.54 5.99 6.83
CA GLU D 150 24.98 6.22 6.87
C GLU D 150 25.51 6.45 8.28
N THR D 151 24.66 6.87 9.21
CA THR D 151 25.13 7.03 10.58
C THR D 151 25.46 5.70 11.24
N ASP D 152 24.76 4.62 10.86
CA ASP D 152 24.97 3.31 11.45
C ASP D 152 26.39 2.81 11.23
N VAL D 153 26.98 2.27 12.30
CA VAL D 153 28.35 1.79 12.30
C VAL D 153 28.39 0.53 13.14
N LEU D 154 29.50 -0.20 13.04
CA LEU D 154 29.73 -1.35 13.91
C LEU D 154 30.92 -1.03 14.78
N ILE D 155 30.70 -0.98 16.09
CA ILE D 155 31.75 -0.66 17.05
C ILE D 155 32.35 -1.99 17.52
N LEU D 156 33.54 -2.31 16.99
CA LEU D 156 34.25 -3.56 17.21
C LEU D 156 35.46 -3.40 18.11
N ASN D 157 35.64 -2.26 18.76
CA ASN D 157 36.82 -1.99 19.57
C ASN D 157 37.03 -3.14 20.56
N ASN D 158 38.28 -3.61 20.70
CA ASN D 158 38.55 -4.81 21.49
C ASN D 158 39.64 -4.60 22.55
N THR D 159 39.40 -5.17 23.73
CA THR D 159 40.41 -5.39 24.76
C THR D 159 40.27 -6.84 25.20
N ARG D 160 41.34 -7.63 25.03
CA ARG D 160 41.23 -9.08 25.16
C ARG D 160 40.57 -9.45 26.49
N PRO D 161 39.71 -10.44 26.51
CA PRO D 161 39.32 -11.06 27.79
C PRO D 161 40.51 -11.73 28.44
N PRO D 162 40.47 -12.02 29.75
CA PRO D 162 39.33 -11.98 30.68
C PRO D 162 38.87 -10.57 31.02
N GLN D 163 39.79 -9.60 31.00
CA GLN D 163 39.43 -8.23 31.34
C GLN D 163 38.27 -7.70 30.50
N GLY D 164 38.31 -7.91 29.18
CA GLY D 164 37.31 -7.25 28.37
C GLY D 164 36.47 -8.12 27.46
N ASN D 165 36.36 -7.74 26.19
CA ASN D 165 35.29 -8.26 25.34
C ASN D 165 35.71 -9.41 24.44
N TRP D 166 36.51 -9.18 23.41
CA TRP D 166 36.82 -10.25 22.47
C TRP D 166 38.25 -10.13 21.95
N PHE D 167 38.78 -11.27 21.54
CA PHE D 167 40.12 -11.34 20.98
C PHE D 167 40.20 -10.73 19.58
N GLY D 168 39.11 -10.76 18.82
CA GLY D 168 39.11 -10.19 17.48
C GLY D 168 37.81 -10.50 16.79
N CYS D 169 37.65 -9.94 15.58
CA CYS D 169 36.43 -10.09 14.78
C CYS D 169 36.74 -10.24 13.30
N THR D 170 35.84 -10.92 12.58
CA THR D 170 35.91 -10.99 11.13
C THR D 170 34.62 -10.49 10.50
N TRP D 171 34.76 -9.81 9.38
CA TRP D 171 33.63 -9.40 8.53
C TRP D 171 34.14 -9.40 7.09
N MET D 172 33.31 -8.91 6.16
CA MET D 172 33.76 -8.76 4.79
C MET D 172 33.34 -7.42 4.22
N ASN D 173 34.19 -6.76 3.44
CA ASN D 173 33.71 -5.45 3.02
C ASN D 173 32.79 -5.60 1.80
N SER D 174 32.32 -4.47 1.30
CA SER D 174 31.24 -4.46 0.32
C SER D 174 31.64 -5.06 -1.03
N THR D 175 32.91 -4.94 -1.43
CA THR D 175 33.30 -5.48 -2.74
C THR D 175 33.55 -6.98 -2.69
N GLY D 176 33.52 -7.58 -1.51
CA GLY D 176 33.67 -9.01 -1.36
C GLY D 176 34.94 -9.49 -0.70
N PHE D 177 35.74 -8.58 -0.15
CA PHE D 177 37.05 -8.94 0.38
C PHE D 177 36.97 -9.17 1.88
N THR D 178 37.44 -10.33 2.32
CA THR D 178 37.46 -10.66 3.74
C THR D 178 38.42 -9.76 4.51
N LYS D 179 37.92 -9.18 5.60
CA LYS D 179 38.67 -8.28 6.46
C LYS D 179 38.50 -8.71 7.91
N THR D 180 39.60 -8.66 8.68
CA THR D 180 39.65 -9.14 10.05
C THR D 180 40.48 -8.20 10.93
N CYS D 181 40.05 -8.02 12.18
CA CYS D 181 40.81 -7.26 13.16
C CYS D 181 40.80 -7.99 14.50
N GLY D 182 41.73 -7.59 15.36
CA GLY D 182 41.78 -8.07 16.72
C GLY D 182 43.11 -7.71 17.33
N GLY D 183 43.36 -8.22 18.52
CA GLY D 183 44.69 -8.20 19.10
C GLY D 183 44.86 -7.18 20.21
N PRO D 184 45.98 -6.44 20.17
CA PRO D 184 47.02 -6.51 19.15
C PRO D 184 47.96 -7.72 19.30
N PRO D 185 48.51 -8.19 18.20
CA PRO D 185 49.40 -9.36 18.26
C PRO D 185 50.72 -9.09 18.98
N CYS D 186 51.49 -10.17 19.12
CA CYS D 186 52.69 -10.25 19.93
C CYS D 186 54.00 -10.20 19.13
N ASN D 187 55.03 -9.60 19.73
CA ASN D 187 56.40 -9.74 19.25
C ASN D 187 57.05 -10.89 20.02
N ILE D 188 57.34 -11.99 19.32
CA ILE D 188 57.96 -13.15 19.95
C ILE D 188 59.42 -13.30 19.55
N GLY D 189 59.73 -13.02 18.29
CA GLY D 189 61.09 -13.11 17.79
C GLY D 189 61.29 -12.05 16.74
N GLY D 190 62.55 -11.87 16.34
CA GLY D 190 62.88 -10.69 15.56
C GLY D 190 63.59 -10.84 14.24
N VAL D 191 64.44 -11.85 14.08
CA VAL D 191 65.48 -11.82 13.05
C VAL D 191 65.20 -12.80 11.93
N GLY D 192 65.04 -12.27 10.73
CA GLY D 192 64.99 -13.08 9.53
C GLY D 192 64.06 -12.45 8.51
N ASN D 193 64.04 -13.08 7.33
CA ASN D 193 62.99 -12.86 6.35
C ASN D 193 61.64 -13.43 6.80
N ASN D 194 61.63 -14.20 7.89
CA ASN D 194 60.54 -15.05 8.32
C ASN D 194 60.11 -14.75 9.76
N THR D 195 60.10 -13.48 10.14
CA THR D 195 59.71 -13.12 11.50
C THR D 195 58.20 -13.31 11.65
N LEU D 196 57.78 -13.80 12.81
CA LEU D 196 56.37 -14.15 13.05
C LEU D 196 55.79 -13.27 14.15
N THR D 197 54.73 -12.52 13.81
CA THR D 197 53.96 -11.78 14.80
C THR D 197 52.75 -12.63 15.14
N CYS D 198 52.78 -13.20 16.33
CA CYS D 198 51.92 -14.30 16.72
C CYS D 198 50.50 -13.80 17.01
N PRO D 199 49.46 -14.38 16.36
CA PRO D 199 48.08 -14.01 16.67
C PRO D 199 47.34 -15.10 17.42
N THR D 200 48.05 -16.17 17.77
CA THR D 200 47.44 -17.43 18.20
C THR D 200 48.29 -18.16 19.24
N ASP D 201 48.20 -19.48 19.29
CA ASP D 201 48.98 -20.26 20.26
C ASP D 201 50.28 -20.72 19.58
N CYS D 202 51.27 -19.82 19.53
CA CYS D 202 52.52 -20.08 18.82
C CYS D 202 53.56 -20.71 19.73
N PHE D 203 53.21 -21.87 20.31
CA PHE D 203 54.08 -22.46 21.32
C PHE D 203 55.44 -22.86 20.76
N ARG D 204 55.48 -23.42 19.55
CA ARG D 204 56.76 -23.92 19.04
C ARG D 204 57.75 -22.78 18.85
N LYS D 205 57.29 -21.65 18.31
CA LYS D 205 58.19 -20.52 18.13
C LYS D 205 58.42 -19.71 19.40
N HIS D 206 57.48 -19.76 20.35
CA HIS D 206 57.66 -19.10 21.64
C HIS D 206 56.81 -19.74 22.74
N PRO D 207 57.41 -20.16 23.84
CA PRO D 207 56.62 -20.81 24.90
C PRO D 207 55.53 -19.93 25.52
N GLU D 208 55.82 -18.66 25.84
CA GLU D 208 54.83 -17.82 26.49
C GLU D 208 53.78 -17.26 25.54
N ALA D 209 53.81 -17.61 24.26
CA ALA D 209 52.82 -17.10 23.32
C ALA D 209 51.63 -18.04 23.28
N THR D 210 50.57 -17.70 24.00
CA THR D 210 49.34 -18.47 24.08
C THR D 210 48.18 -17.65 23.52
N TYR D 211 47.08 -18.34 23.21
CA TYR D 211 45.92 -17.63 22.71
C TYR D 211 45.44 -16.58 23.70
N THR D 212 45.50 -16.88 25.00
CA THR D 212 45.06 -15.90 26.01
C THR D 212 45.91 -14.64 25.99
N LYS D 213 47.22 -14.77 25.72
CA LYS D 213 48.07 -13.57 25.67
C LYS D 213 48.17 -12.97 24.27
N CYS D 214 48.28 -13.81 23.25
CA CYS D 214 48.55 -13.34 21.91
C CYS D 214 47.39 -13.52 20.97
N GLY D 215 46.25 -13.99 21.46
CA GLY D 215 45.12 -14.22 20.58
C GLY D 215 44.67 -12.91 19.96
N SER D 216 44.41 -12.95 18.65
CA SER D 216 44.11 -11.74 17.93
C SER D 216 43.00 -11.94 16.89
N GLY D 217 42.37 -13.10 16.86
CA GLY D 217 41.35 -13.38 15.88
C GLY D 217 40.75 -14.76 16.06
N PRO D 218 40.08 -15.25 15.02
CA PRO D 218 39.42 -16.55 15.13
C PRO D 218 40.37 -17.73 15.25
N TRP D 219 41.65 -17.56 14.90
CA TRP D 219 42.60 -18.67 14.89
C TRP D 219 43.03 -19.06 16.30
N LEU D 220 42.72 -20.30 16.70
CA LEU D 220 43.02 -20.83 18.04
C LEU D 220 44.41 -21.45 18.16
N THR D 221 44.90 -22.09 17.09
CA THR D 221 46.26 -22.60 16.92
C THR D 221 46.65 -22.31 15.47
N PRO D 222 47.91 -22.52 15.08
CA PRO D 222 48.27 -22.26 13.68
C PRO D 222 47.49 -23.07 12.67
N ARG D 223 46.80 -24.13 13.10
CA ARG D 223 46.08 -24.99 12.18
C ARG D 223 44.58 -24.99 12.41
N CYS D 224 44.09 -24.31 13.46
CA CYS D 224 42.68 -24.35 13.86
C CYS D 224 42.10 -22.95 13.97
N LEU D 225 40.90 -22.77 13.41
CA LEU D 225 40.14 -21.54 13.60
C LEU D 225 38.75 -21.90 14.12
N VAL D 226 38.16 -20.95 14.85
CA VAL D 226 36.83 -21.14 15.42
C VAL D 226 35.83 -21.43 14.30
N ASP D 227 34.97 -22.42 14.55
CA ASP D 227 33.90 -22.77 13.63
C ASP D 227 32.67 -21.91 13.95
N TYR D 228 32.22 -21.14 12.96
CA TYR D 228 31.04 -20.31 13.10
C TYR D 228 30.24 -20.38 11.81
N PRO D 229 28.92 -20.08 11.86
CA PRO D 229 28.04 -20.33 10.70
C PRO D 229 28.46 -19.70 9.39
N TYR D 230 29.22 -18.61 9.42
CA TYR D 230 29.72 -18.02 8.19
C TYR D 230 31.21 -18.26 7.99
N ARG D 231 31.75 -19.33 8.60
CA ARG D 231 33.17 -19.62 8.46
C ARG D 231 33.53 -19.89 7.01
N LEU D 232 32.77 -20.75 6.33
CA LEU D 232 33.21 -21.08 4.98
C LEU D 232 32.93 -19.98 3.98
N TRP D 233 32.32 -18.88 4.42
CA TRP D 233 32.13 -17.69 3.58
C TRP D 233 33.25 -16.69 3.76
N HIS D 234 33.63 -16.42 5.01
CA HIS D 234 34.75 -15.52 5.28
C HIS D 234 36.08 -16.16 4.93
N TYR D 235 36.13 -17.48 4.97
CA TYR D 235 37.37 -18.24 4.71
C TYR D 235 37.04 -19.41 3.78
N PRO D 236 36.79 -19.16 2.50
CA PRO D 236 36.33 -20.26 1.63
C PRO D 236 37.29 -21.43 1.57
N CYS D 237 38.57 -21.21 1.90
CA CYS D 237 39.61 -22.24 1.78
C CYS D 237 39.65 -23.20 2.96
N THR D 238 38.92 -22.95 4.02
CA THR D 238 38.90 -23.90 5.11
C THR D 238 37.85 -24.97 4.92
N VAL D 239 37.51 -25.28 3.66
CA VAL D 239 36.38 -26.18 3.40
C VAL D 239 36.70 -27.60 3.82
N ASN D 240 37.89 -28.10 3.51
CA ASN D 240 38.17 -29.49 3.81
C ASN D 240 38.57 -29.73 5.26
N PHE D 241 38.63 -28.67 6.07
CA PHE D 241 39.08 -28.80 7.46
C PHE D 241 38.13 -29.69 8.24
N THR D 242 38.70 -30.51 9.12
CA THR D 242 37.94 -31.41 10.00
C THR D 242 37.51 -30.63 11.25
N ILE D 243 36.34 -30.98 11.79
CA ILE D 243 35.76 -30.22 12.89
C ILE D 243 35.85 -31.03 14.17
N PHE D 244 36.37 -30.39 15.22
CA PHE D 244 36.57 -30.98 16.54
C PHE D 244 35.86 -30.16 17.60
N LYS D 245 35.27 -30.83 18.56
CA LYS D 245 34.66 -30.19 19.71
C LYS D 245 35.77 -29.89 20.72
N VAL D 246 35.93 -28.62 21.08
CA VAL D 246 37.04 -28.17 21.90
C VAL D 246 36.51 -27.38 23.09
N ARG D 247 37.43 -27.07 24.00
CA ARG D 247 37.10 -26.28 25.17
C ARG D 247 38.32 -25.44 25.49
N MET D 248 38.13 -24.14 25.65
CA MET D 248 39.22 -23.25 26.07
C MET D 248 38.87 -22.61 27.39
N TYR D 249 39.88 -22.42 28.23
CA TYR D 249 39.71 -21.81 29.54
C TYR D 249 40.48 -20.49 29.54
N VAL D 250 39.76 -19.38 29.46
CA VAL D 250 40.36 -18.05 29.43
C VAL D 250 39.87 -17.30 30.66
N GLY D 251 40.73 -17.15 31.65
CA GLY D 251 40.34 -16.58 32.92
C GLY D 251 39.52 -17.49 33.81
N GLY D 252 39.43 -18.78 33.48
CA GLY D 252 38.64 -19.71 34.26
C GLY D 252 37.20 -19.84 33.85
N VAL D 253 36.76 -19.11 32.83
CA VAL D 253 35.44 -19.30 32.25
C VAL D 253 35.54 -20.27 31.09
N GLU D 254 34.61 -21.25 31.02
CA GLU D 254 34.61 -22.21 29.93
C GLU D 254 34.04 -21.64 28.64
N HIS D 255 34.76 -21.87 27.57
CA HIS D 255 34.31 -21.62 26.22
C HIS D 255 34.19 -23.00 25.57
N ARG D 256 33.00 -23.61 25.63
CA ARG D 256 32.74 -24.79 24.80
C ARG D 256 32.37 -24.32 23.39
N LEU D 257 33.21 -24.64 22.41
CA LEU D 257 33.00 -24.19 21.04
C LEU D 257 33.62 -25.20 20.08
N ASN D 258 33.31 -25.03 18.80
CA ASN D 258 33.78 -25.91 17.72
C ASN D 258 34.98 -25.32 16.99
N ALA D 259 35.84 -26.20 16.49
CA ALA D 259 37.08 -25.81 15.84
C ALA D 259 37.24 -26.56 14.53
N ALA D 260 37.78 -25.87 13.53
CA ALA D 260 38.02 -26.45 12.22
C ALA D 260 39.52 -26.47 11.99
N CYS D 261 40.06 -27.65 11.68
CA CYS D 261 41.50 -27.82 11.69
C CYS D 261 41.95 -28.63 10.47
N ASN D 262 43.25 -28.53 10.19
CA ASN D 262 43.83 -29.10 8.98
C ASN D 262 44.51 -30.43 9.26
N VAL E 2 2.96 -7.73 7.92
CA VAL E 2 3.32 -7.07 6.66
C VAL E 2 2.29 -7.30 5.53
N GLN E 3 2.00 -6.23 4.80
CA GLN E 3 1.03 -6.25 3.71
C GLN E 3 1.65 -5.65 2.46
N LEU E 4 1.17 -6.08 1.30
CA LEU E 4 1.54 -5.43 0.04
C LEU E 4 0.31 -4.82 -0.60
N VAL E 5 0.47 -3.59 -1.07
CA VAL E 5 -0.59 -2.85 -1.72
C VAL E 5 -0.07 -2.46 -3.10
N GLN E 6 -0.72 -2.97 -4.12
CA GLN E 6 -0.30 -2.85 -5.49
C GLN E 6 -1.14 -1.76 -6.19
N SER E 7 -0.65 -1.26 -7.34
CA SER E 7 -1.34 -0.14 -7.97
C SER E 7 -2.71 -0.56 -8.49
N GLY E 8 -3.51 0.42 -8.88
CA GLY E 8 -4.83 0.11 -9.39
C GLY E 8 -4.79 -0.47 -10.78
N ALA E 9 -5.87 -1.16 -11.14
CA ALA E 9 -5.97 -1.75 -12.47
C ALA E 9 -6.02 -0.66 -13.54
N GLU E 10 -5.22 -0.83 -14.59
CA GLU E 10 -5.15 0.11 -15.71
C GLU E 10 -5.62 -0.57 -16.99
N VAL E 11 -5.81 0.25 -18.01
CA VAL E 11 -6.14 -0.21 -19.35
C VAL E 11 -5.24 0.56 -20.33
N LYS E 12 -4.40 -0.14 -21.05
CA LYS E 12 -3.35 0.49 -21.84
C LYS E 12 -3.47 0.11 -23.30
N LYS E 13 -3.24 1.09 -24.18
CA LYS E 13 -3.35 0.91 -25.61
C LYS E 13 -2.26 -0.03 -26.14
N PRO E 14 -2.56 -0.88 -27.12
CA PRO E 14 -1.60 -1.89 -27.55
C PRO E 14 -0.30 -1.28 -28.06
N GLY E 15 0.82 -1.82 -27.60
CA GLY E 15 2.13 -1.33 -27.99
C GLY E 15 2.65 -0.19 -27.14
N SER E 16 2.08 0.01 -25.96
CA SER E 16 2.52 1.04 -25.03
C SER E 16 3.23 0.39 -23.85
N SER E 17 3.31 1.13 -22.75
CA SER E 17 3.89 0.66 -21.51
C SER E 17 2.91 0.81 -20.35
N VAL E 18 3.01 -0.10 -19.39
CA VAL E 18 2.24 -0.01 -18.15
C VAL E 18 3.22 -0.21 -17.00
N LYS E 19 3.10 0.64 -15.98
CA LYS E 19 3.94 0.56 -14.78
C LYS E 19 3.04 0.28 -13.60
N VAL E 20 3.25 -0.85 -12.95
CA VAL E 20 2.47 -1.19 -11.77
C VAL E 20 3.38 -1.13 -10.54
N SER E 21 2.81 -0.72 -9.43
CA SER E 21 3.57 -0.44 -8.22
C SER E 21 3.27 -1.52 -7.19
N CYS E 22 4.17 -1.65 -6.21
CA CYS E 22 4.04 -2.62 -5.14
C CYS E 22 4.62 -2.04 -3.86
N THR E 23 3.78 -1.86 -2.83
CA THR E 23 4.17 -1.12 -1.64
C THR E 23 4.05 -1.98 -0.40
N THR E 24 5.08 -1.98 0.46
CA THR E 24 5.04 -2.85 1.62
C THR E 24 4.87 -2.04 2.88
N SER E 25 4.61 -2.75 3.97
CA SER E 25 4.20 -2.09 5.20
C SER E 25 5.38 -1.41 5.89
N GLY E 26 6.43 -2.16 6.21
CA GLY E 26 7.34 -1.64 7.20
C GLY E 26 8.37 -0.62 6.77
N GLY E 27 8.05 0.28 5.84
CA GLY E 27 9.07 1.26 5.51
C GLY E 27 9.98 0.79 4.40
N SER E 28 10.85 -0.18 4.69
CA SER E 28 11.64 -0.83 3.67
C SER E 28 11.38 -2.31 3.78
N PHE E 29 11.71 -3.01 2.72
CA PHE E 29 11.60 -4.45 2.70
C PHE E 29 12.96 -5.08 2.47
N GLY E 30 13.87 -4.71 3.38
CA GLY E 30 15.24 -5.18 3.32
C GLY E 30 15.37 -6.68 3.51
N ARG E 31 16.42 -7.24 2.87
CA ARG E 31 16.78 -8.66 2.84
C ARG E 31 15.81 -9.49 2.01
N ASP E 32 14.69 -8.89 1.61
CA ASP E 32 13.62 -9.58 0.92
C ASP E 32 13.67 -9.29 -0.57
N ALA E 33 13.14 -10.22 -1.35
CA ALA E 33 13.07 -10.10 -2.79
C ALA E 33 11.63 -9.90 -3.22
N VAL E 34 11.43 -9.10 -4.27
CA VAL E 34 10.09 -8.82 -4.77
C VAL E 34 9.96 -9.40 -6.17
N SER E 35 9.27 -10.54 -6.27
CA SER E 35 9.12 -11.27 -7.52
C SER E 35 7.74 -10.99 -8.07
N TRP E 36 7.63 -11.02 -9.41
CA TRP E 36 6.36 -10.73 -10.07
C TRP E 36 5.93 -11.94 -10.87
N VAL E 37 4.65 -12.27 -10.75
CA VAL E 37 4.05 -13.43 -11.38
C VAL E 37 2.75 -12.97 -12.01
N ARG E 38 2.54 -13.29 -13.27
CA ARG E 38 1.32 -12.90 -13.95
C ARG E 38 0.42 -14.09 -14.20
N GLN E 39 -0.84 -13.82 -14.50
CA GLN E 39 -1.78 -14.88 -14.84
C GLN E 39 -2.72 -14.33 -15.90
N ALA E 40 -2.60 -14.85 -17.11
CA ALA E 40 -3.47 -14.45 -18.19
C ALA E 40 -4.85 -15.05 -17.96
N PRO E 41 -5.90 -14.48 -18.59
CA PRO E 41 -7.24 -15.01 -18.36
C PRO E 41 -7.33 -16.49 -18.67
N GLY E 42 -7.54 -17.32 -17.65
CA GLY E 42 -7.71 -18.73 -17.84
C GLY E 42 -6.45 -19.54 -17.75
N GLN E 43 -5.29 -18.92 -17.89
CA GLN E 43 -4.05 -19.66 -18.05
C GLN E 43 -3.42 -19.90 -16.67
N GLY E 44 -2.15 -20.31 -16.66
CA GLY E 44 -1.44 -20.61 -15.43
C GLY E 44 -0.72 -19.41 -14.86
N LEU E 45 0.08 -19.67 -13.82
CA LEU E 45 0.92 -18.64 -13.19
C LEU E 45 2.26 -18.60 -13.91
N GLU E 46 2.61 -17.43 -14.43
CA GLU E 46 3.76 -17.29 -15.33
C GLU E 46 4.77 -16.34 -14.69
N PRO E 47 5.83 -16.86 -14.08
CA PRO E 47 6.77 -15.98 -13.35
C PRO E 47 7.53 -15.08 -14.32
N MET E 48 7.88 -13.90 -13.83
CA MET E 48 8.46 -12.85 -14.65
C MET E 48 9.81 -12.41 -14.14
N GLY E 49 10.18 -12.80 -12.94
CA GLY E 49 11.37 -12.31 -12.31
C GLY E 49 11.07 -11.42 -11.13
N GLY E 50 12.07 -10.64 -10.77
CA GLY E 50 11.93 -9.70 -9.67
C GLY E 50 13.18 -8.88 -9.49
N ILE E 51 13.19 -8.11 -8.41
CA ILE E 51 14.33 -7.33 -7.99
C ILE E 51 14.52 -7.56 -6.50
N ILE E 52 15.76 -7.40 -6.02
CA ILE E 52 16.02 -7.46 -4.59
C ILE E 52 16.35 -6.02 -4.19
N PRO E 53 15.44 -5.30 -3.54
CA PRO E 53 15.63 -3.84 -3.46
C PRO E 53 16.90 -3.44 -2.72
N ILE E 54 17.26 -4.22 -1.69
CA ILE E 54 18.39 -3.86 -0.84
C ILE E 54 19.70 -3.93 -1.62
N PHE E 55 19.78 -4.81 -2.63
CA PHE E 55 20.96 -5.01 -3.45
C PHE E 55 20.85 -4.35 -4.81
N GLY E 56 19.63 -4.16 -5.32
CA GLY E 56 19.42 -3.62 -6.63
C GLY E 56 19.52 -4.62 -7.76
N THR E 57 19.79 -5.89 -7.46
CA THR E 57 20.00 -6.92 -8.49
C THR E 57 18.66 -7.43 -9.02
N SER E 58 18.44 -7.32 -10.33
CA SER E 58 17.21 -7.77 -10.98
C SER E 58 17.41 -9.12 -11.63
N SER E 59 16.38 -9.94 -11.60
CA SER E 59 16.34 -11.22 -12.29
C SER E 59 15.19 -11.19 -13.29
N TYR E 60 15.48 -11.48 -14.55
CA TYR E 60 14.48 -11.46 -15.61
C TYR E 60 14.29 -12.86 -16.17
N ALA E 61 13.03 -13.27 -16.35
CA ALA E 61 12.77 -14.50 -17.08
C ALA E 61 12.81 -14.22 -18.57
N GLN E 62 13.00 -15.29 -19.35
CA GLN E 62 13.31 -15.10 -20.77
C GLN E 62 12.10 -14.69 -21.60
N THR E 63 10.88 -14.99 -21.15
CA THR E 63 9.71 -14.64 -21.95
C THR E 63 9.53 -13.12 -22.02
N PHE E 64 10.26 -12.36 -21.21
CA PHE E 64 10.08 -10.93 -21.09
C PHE E 64 11.39 -10.16 -21.23
N GLN E 65 12.43 -10.81 -21.75
CA GLN E 65 13.75 -10.16 -21.80
C GLN E 65 13.67 -8.93 -22.70
N GLY E 66 14.00 -7.77 -22.14
CA GLY E 66 14.05 -6.55 -22.90
C GLY E 66 12.80 -5.71 -22.77
N ARG E 67 11.67 -6.35 -22.47
CA ARG E 67 10.41 -5.63 -22.34
C ARG E 67 10.12 -5.19 -20.92
N VAL E 68 10.54 -5.98 -19.94
CA VAL E 68 10.30 -5.71 -18.53
C VAL E 68 11.50 -4.98 -17.93
N THR E 69 11.22 -4.11 -16.95
CA THR E 69 12.25 -3.50 -16.11
C THR E 69 11.71 -3.44 -14.68
N PHE E 70 12.54 -3.83 -13.70
CA PHE E 70 12.18 -3.78 -12.29
C PHE E 70 12.94 -2.64 -11.63
N THR E 71 12.25 -1.83 -10.83
CA THR E 71 12.87 -0.73 -10.11
C THR E 71 12.52 -0.86 -8.63
N ALA E 72 13.41 -0.35 -7.79
CA ALA E 72 13.22 -0.30 -6.35
C ALA E 72 14.36 0.50 -5.73
N GLY E 73 14.11 1.05 -4.54
CA GLY E 73 15.11 1.79 -3.80
C GLY E 73 15.69 0.97 -2.65
N LYS E 74 16.88 1.38 -2.18
CA LYS E 74 17.53 0.64 -1.10
C LYS E 74 16.70 0.71 0.18
N SER E 75 16.08 1.85 0.44
CA SER E 75 15.28 2.00 1.65
C SER E 75 13.96 2.70 1.34
N THR E 76 13.36 2.36 0.21
CA THR E 76 12.02 2.83 -0.13
C THR E 76 11.01 1.74 0.16
N SER E 77 9.74 2.15 0.27
CA SER E 77 8.64 1.21 0.50
C SER E 77 8.02 0.64 -0.76
N THR E 78 8.21 1.25 -1.92
CA THR E 78 7.50 0.88 -3.14
C THR E 78 8.46 0.39 -4.21
N ALA E 79 8.06 -0.68 -4.89
CA ALA E 79 8.77 -1.22 -6.05
C ALA E 79 7.86 -1.21 -7.25
N TYR E 80 8.43 -1.03 -8.43
CA TYR E 80 7.65 -0.89 -9.65
C TYR E 80 8.01 -1.98 -10.65
N MET E 81 7.11 -2.19 -11.60
CA MET E 81 7.36 -3.03 -12.77
C MET E 81 6.84 -2.35 -14.02
N GLU E 82 7.68 -2.24 -15.05
CA GLU E 82 7.27 -1.76 -16.36
C GLU E 82 7.35 -2.88 -17.38
N LEU E 83 6.31 -2.97 -18.22
CA LEU E 83 6.26 -3.89 -19.35
C LEU E 83 6.11 -3.04 -20.61
N SER E 84 7.03 -3.20 -21.56
CA SER E 84 7.03 -2.38 -22.77
C SER E 84 6.58 -3.17 -24.00
N SER E 85 6.11 -2.42 -25.00
CA SER E 85 5.47 -2.96 -26.20
C SER E 85 4.36 -3.95 -25.79
N LEU E 86 3.34 -3.38 -25.17
CA LEU E 86 2.24 -4.19 -24.69
C LEU E 86 1.48 -4.72 -25.88
N LYS E 87 1.33 -6.02 -25.97
CA LYS E 87 0.34 -6.56 -26.88
C LYS E 87 -0.76 -7.25 -26.10
N SER E 88 -1.72 -7.79 -26.85
CA SER E 88 -2.96 -8.28 -26.28
C SER E 88 -2.75 -9.54 -25.46
N GLU E 89 -1.73 -10.34 -25.81
CA GLU E 89 -1.37 -11.52 -25.02
C GLU E 89 -1.01 -11.16 -23.57
N ASP E 90 -0.54 -9.93 -23.34
CA ASP E 90 -0.14 -9.51 -22.00
C ASP E 90 -1.33 -9.22 -21.08
N THR E 91 -2.54 -9.07 -21.62
CA THR E 91 -3.75 -8.87 -20.82
C THR E 91 -3.85 -9.93 -19.74
N ALA E 92 -3.64 -9.55 -18.48
CA ALA E 92 -3.51 -10.53 -17.41
C ALA E 92 -3.68 -9.83 -16.07
N VAL E 93 -3.48 -10.60 -15.00
CA VAL E 93 -3.45 -10.08 -13.62
C VAL E 93 -2.03 -10.24 -13.10
N TYR E 94 -1.46 -9.14 -12.61
CA TYR E 94 -0.06 -9.07 -12.25
C TYR E 94 0.06 -9.03 -10.74
N TYR E 95 0.80 -9.98 -10.19
CA TYR E 95 1.02 -10.09 -8.77
C TYR E 95 2.43 -9.65 -8.42
N CYS E 96 2.60 -9.01 -7.28
CA CYS E 96 3.91 -8.93 -6.67
C CYS E 96 3.87 -9.72 -5.38
N VAL E 97 4.98 -10.37 -5.06
CA VAL E 97 5.09 -11.21 -3.87
C VAL E 97 6.43 -10.94 -3.21
N ARG E 98 6.42 -10.53 -1.96
CA ARG E 98 7.61 -10.25 -1.17
C ARG E 98 7.98 -11.48 -0.35
N TRP E 99 9.24 -11.92 -0.46
CA TRP E 99 9.69 -13.11 0.26
C TRP E 99 11.12 -12.96 0.73
N SER E 100 11.45 -13.70 1.78
CA SER E 100 12.82 -13.85 2.26
C SER E 100 13.42 -15.14 1.73
N PHE E 101 14.74 -15.14 1.55
CA PHE E 101 15.42 -16.17 0.80
C PHE E 101 16.72 -16.51 1.49
N GLY E 102 17.29 -17.66 1.14
CA GLY E 102 18.54 -18.09 1.74
C GLY E 102 18.29 -19.43 2.38
N ASP E 103 19.32 -20.23 2.67
CA ASP E 103 19.06 -21.53 3.27
C ASP E 103 20.04 -21.91 4.38
N TYR E 104 20.88 -21.01 4.85
CA TYR E 104 21.79 -21.34 5.93
C TYR E 104 22.13 -20.12 6.77
N GLY E 105 22.65 -20.40 7.95
CA GLY E 105 23.01 -19.36 8.92
C GLY E 105 21.86 -18.47 9.31
N LEU E 106 22.07 -17.15 9.19
CA LEU E 106 21.07 -16.18 9.61
C LEU E 106 19.92 -16.02 8.63
N PHE E 107 20.15 -16.21 7.34
CA PHE E 107 19.14 -15.92 6.34
C PHE E 107 18.56 -17.21 5.73
N LEU E 108 17.31 -17.53 6.10
CA LEU E 108 16.59 -18.68 5.59
C LEU E 108 15.38 -18.21 4.80
N THR E 109 14.86 -19.10 3.94
CA THR E 109 13.70 -18.76 3.11
C THR E 109 12.43 -18.81 3.95
N GLU E 110 11.81 -17.65 4.19
CA GLU E 110 10.53 -17.57 4.86
C GLU E 110 9.59 -16.56 4.18
N GLY E 111 8.28 -16.77 4.39
CA GLY E 111 7.26 -15.82 3.98
C GLY E 111 6.85 -15.85 2.51
N ASP E 112 5.55 -15.78 2.20
CA ASP E 112 5.12 -15.32 0.88
C ASP E 112 3.99 -14.30 1.08
N TYR E 113 4.37 -13.03 1.12
CA TYR E 113 3.44 -11.94 1.26
C TYR E 113 3.05 -11.52 -0.15
N TRP E 114 1.80 -11.77 -0.49
CA TRP E 114 1.36 -11.60 -1.86
C TRP E 114 0.68 -10.24 -1.98
N GLY E 115 0.87 -9.63 -3.14
CA GLY E 115 0.08 -8.47 -3.48
C GLY E 115 -1.31 -8.90 -3.83
N GLN E 116 -2.12 -7.93 -4.14
CA GLN E 116 -3.54 -8.10 -4.41
C GLN E 116 -3.88 -8.30 -5.87
N GLY E 117 -2.90 -8.15 -6.76
CA GLY E 117 -3.14 -8.24 -8.18
C GLY E 117 -3.29 -6.88 -8.83
N THR E 118 -2.99 -6.82 -10.12
CA THR E 118 -3.24 -5.62 -10.90
C THR E 118 -3.75 -6.06 -12.27
N LEU E 119 -5.04 -5.87 -12.52
CA LEU E 119 -5.56 -6.24 -13.82
C LEU E 119 -5.13 -5.22 -14.85
N VAL E 120 -4.53 -5.70 -15.94
CA VAL E 120 -4.13 -4.83 -17.05
C VAL E 120 -4.78 -5.37 -18.32
N ILE E 121 -5.60 -4.53 -18.96
CA ILE E 121 -6.29 -4.84 -20.20
C ILE E 121 -5.63 -4.07 -21.34
N VAL E 122 -5.33 -4.75 -22.43
CA VAL E 122 -4.47 -4.20 -23.47
C VAL E 122 -5.28 -4.12 -24.76
N SER E 123 -5.98 -2.99 -24.94
CA SER E 123 -6.80 -2.79 -26.13
C SER E 123 -6.91 -1.30 -26.41
N SER E 124 -7.16 -0.98 -27.69
CA SER E 124 -7.26 0.38 -28.17
C SER E 124 -8.53 1.09 -27.74
N ALA E 125 -9.40 0.46 -26.96
CA ALA E 125 -10.78 0.87 -26.92
C ALA E 125 -11.06 1.72 -25.69
N SER E 126 -12.12 2.52 -25.79
CA SER E 126 -12.63 3.33 -24.68
C SER E 126 -14.13 3.09 -24.54
N THR E 127 -14.65 3.39 -23.35
CA THR E 127 -15.95 2.89 -22.88
C THR E 127 -17.03 2.95 -23.96
N LYS E 128 -17.58 1.77 -24.30
CA LYS E 128 -18.57 1.62 -25.37
C LYS E 128 -19.67 0.65 -24.96
N GLY E 129 -20.87 0.91 -25.43
CA GLY E 129 -22.01 0.09 -25.09
C GLY E 129 -22.20 -1.06 -26.05
N PRO E 130 -22.75 -2.16 -25.54
CA PRO E 130 -22.91 -3.38 -26.36
C PRO E 130 -24.02 -3.24 -27.38
N SER E 131 -24.03 -4.20 -28.31
CA SER E 131 -25.04 -4.35 -29.35
C SER E 131 -25.68 -5.72 -29.21
N VAL E 132 -26.92 -5.77 -28.78
CA VAL E 132 -27.55 -7.05 -28.45
C VAL E 132 -28.24 -7.60 -29.69
N PHE E 133 -27.83 -8.81 -30.08
CA PHE E 133 -28.27 -9.54 -31.24
C PHE E 133 -28.93 -10.84 -30.83
N PRO E 134 -29.98 -11.26 -31.52
CA PRO E 134 -30.62 -12.54 -31.19
C PRO E 134 -29.85 -13.76 -31.67
N LEU E 135 -29.94 -14.83 -30.90
CA LEU E 135 -29.51 -16.16 -31.30
C LEU E 135 -30.80 -16.96 -31.47
N ALA E 136 -31.42 -16.83 -32.64
CA ALA E 136 -32.77 -17.36 -32.83
C ALA E 136 -32.76 -18.88 -32.84
N PRO E 137 -33.78 -19.52 -32.28
CA PRO E 137 -33.82 -20.99 -32.24
C PRO E 137 -34.16 -21.61 -33.60
N SER E 138 -33.50 -22.73 -33.87
CA SER E 138 -33.49 -23.35 -35.18
C SER E 138 -32.78 -24.72 -35.12
N SER E 143 -34.28 -27.43 -31.73
CA SER E 143 -32.92 -27.80 -32.15
C SER E 143 -32.66 -29.31 -31.95
N GLY E 144 -33.18 -29.92 -30.88
CA GLY E 144 -32.95 -31.33 -30.56
C GLY E 144 -34.20 -32.16 -30.29
N GLY E 145 -34.60 -32.24 -29.01
CA GLY E 145 -35.98 -32.53 -28.61
C GLY E 145 -36.50 -31.32 -27.84
N THR E 146 -35.53 -30.57 -27.31
CA THR E 146 -35.66 -29.26 -26.70
C THR E 146 -34.81 -28.25 -27.47
N ALA E 147 -35.17 -26.98 -27.39
CA ALA E 147 -34.49 -25.95 -28.15
C ALA E 147 -33.59 -25.07 -27.29
N ALA E 148 -32.61 -24.47 -27.96
CA ALA E 148 -31.70 -23.49 -27.37
C ALA E 148 -31.76 -22.18 -28.16
N LEU E 149 -31.71 -21.07 -27.43
CA LEU E 149 -31.82 -19.71 -27.95
C LEU E 149 -30.92 -18.80 -27.11
N GLY E 150 -30.64 -17.60 -27.62
CA GLY E 150 -29.75 -16.76 -26.82
C GLY E 150 -29.70 -15.34 -27.30
N CYS E 151 -28.83 -14.57 -26.64
CA CYS E 151 -28.43 -13.23 -27.05
C CYS E 151 -26.92 -13.20 -27.20
N LEU E 152 -26.46 -12.53 -28.25
CA LEU E 152 -25.04 -12.28 -28.48
C LEU E 152 -24.80 -10.79 -28.17
N VAL E 153 -24.27 -10.54 -26.98
CA VAL E 153 -23.93 -9.19 -26.55
C VAL E 153 -22.54 -8.91 -27.06
N LYS E 154 -22.42 -8.04 -28.06
CA LYS E 154 -21.18 -7.89 -28.80
C LYS E 154 -20.65 -6.46 -28.76
N ASP E 155 -19.31 -6.35 -28.78
CA ASP E 155 -18.59 -5.09 -28.91
C ASP E 155 -18.90 -4.10 -27.77
N TYR E 156 -18.59 -4.52 -26.54
CA TYR E 156 -18.69 -3.64 -25.37
C TYR E 156 -17.36 -3.60 -24.64
N PHE E 157 -17.09 -2.45 -24.01
CA PHE E 157 -15.87 -2.23 -23.26
C PHE E 157 -16.07 -1.13 -22.21
N PRO E 158 -15.52 -1.29 -21.01
CA PRO E 158 -14.91 -2.51 -20.55
C PRO E 158 -15.97 -3.39 -19.93
N GLU E 159 -15.58 -4.57 -19.49
CA GLU E 159 -16.48 -5.45 -18.83
C GLU E 159 -16.79 -4.83 -17.47
N PRO E 160 -17.81 -5.31 -16.75
CA PRO E 160 -18.76 -6.40 -16.90
C PRO E 160 -20.15 -5.99 -17.36
N VAL E 161 -20.79 -6.85 -18.15
CA VAL E 161 -22.22 -6.73 -18.42
C VAL E 161 -22.94 -7.75 -17.58
N THR E 162 -24.23 -7.53 -17.40
CA THR E 162 -25.09 -8.47 -16.68
C THR E 162 -26.28 -8.78 -17.56
N VAL E 163 -26.39 -10.05 -17.95
CA VAL E 163 -27.50 -10.57 -18.71
C VAL E 163 -28.40 -11.34 -17.76
N SER E 164 -29.71 -11.16 -17.93
CA SER E 164 -30.73 -11.94 -17.27
C SER E 164 -31.79 -12.30 -18.30
N TRP E 165 -32.68 -13.24 -17.97
CA TRP E 165 -33.71 -13.64 -18.93
C TRP E 165 -35.10 -13.45 -18.34
N ASN E 166 -36.00 -12.97 -19.20
CA ASN E 166 -37.41 -12.76 -18.88
C ASN E 166 -37.59 -12.10 -17.52
N SER E 167 -36.92 -10.97 -17.36
CA SER E 167 -36.94 -10.15 -16.16
C SER E 167 -36.50 -10.92 -14.91
N GLY E 168 -35.84 -12.08 -15.09
CA GLY E 168 -35.35 -12.89 -13.99
C GLY E 168 -36.18 -14.11 -13.62
N ALA E 169 -37.30 -14.35 -14.32
CA ALA E 169 -38.11 -15.53 -14.00
C ALA E 169 -37.52 -16.80 -14.58
N LEU E 170 -36.73 -16.66 -15.64
CA LEU E 170 -36.07 -17.79 -16.28
C LEU E 170 -34.58 -17.75 -15.91
N THR E 171 -34.18 -18.66 -15.02
CA THR E 171 -32.78 -18.83 -14.66
C THR E 171 -32.29 -20.25 -14.88
N SER E 172 -33.14 -21.25 -14.61
CA SER E 172 -32.72 -22.62 -14.78
C SER E 172 -32.39 -22.91 -16.22
N GLY E 173 -31.25 -23.54 -16.44
CA GLY E 173 -30.84 -23.87 -17.79
C GLY E 173 -30.21 -22.73 -18.57
N VAL E 174 -29.74 -21.72 -17.89
CA VAL E 174 -29.15 -20.56 -18.53
C VAL E 174 -27.63 -20.71 -18.45
N HIS E 175 -26.96 -20.42 -19.55
CA HIS E 175 -25.50 -20.36 -19.57
C HIS E 175 -25.10 -18.95 -20.04
N THR E 176 -24.44 -18.20 -19.18
CA THR E 176 -23.78 -16.96 -19.60
C THR E 176 -22.31 -17.32 -19.72
N PHE E 177 -21.79 -17.28 -20.91
CA PHE E 177 -20.41 -17.70 -21.04
C PHE E 177 -19.46 -16.58 -20.64
N PRO E 178 -18.31 -16.90 -20.06
CA PRO E 178 -17.32 -15.86 -19.81
C PRO E 178 -17.05 -15.12 -21.10
N ALA E 179 -16.90 -13.80 -20.98
CA ALA E 179 -16.76 -12.96 -22.16
C ALA E 179 -15.34 -13.05 -22.69
N VAL E 180 -15.17 -12.65 -23.95
CA VAL E 180 -13.88 -12.80 -24.63
C VAL E 180 -13.46 -11.46 -25.21
N LEU E 181 -12.20 -11.12 -25.04
CA LEU E 181 -11.63 -9.93 -25.65
C LEU E 181 -11.19 -10.28 -27.06
N GLN E 182 -11.83 -9.66 -28.03
CA GLN E 182 -11.49 -9.97 -29.41
C GLN E 182 -10.45 -8.96 -29.93
N SER E 183 -9.94 -9.21 -31.12
CA SER E 183 -8.91 -8.33 -31.68
C SER E 183 -9.45 -6.93 -31.92
N SER E 184 -10.76 -6.75 -31.93
CA SER E 184 -11.33 -5.42 -31.98
C SER E 184 -10.84 -4.55 -30.84
N GLY E 185 -10.38 -5.17 -29.76
CA GLY E 185 -10.20 -4.48 -28.50
C GLY E 185 -11.46 -4.44 -27.68
N LEU E 186 -12.55 -4.99 -28.21
CA LEU E 186 -13.85 -5.03 -27.57
C LEU E 186 -14.15 -6.40 -26.96
N TYR E 187 -15.24 -6.44 -26.21
CA TYR E 187 -15.71 -7.66 -25.57
C TYR E 187 -16.98 -8.13 -26.27
N SER E 188 -17.13 -9.45 -26.31
CA SER E 188 -18.31 -10.08 -26.86
C SER E 188 -18.64 -11.28 -26.00
N LEU E 189 -19.92 -11.47 -25.75
CA LEU E 189 -20.42 -12.41 -24.76
C LEU E 189 -21.62 -13.13 -25.35
N SER E 190 -21.84 -14.35 -24.89
CA SER E 190 -23.03 -15.10 -25.28
C SER E 190 -23.72 -15.61 -24.02
N SER E 191 -24.98 -15.23 -23.86
CA SER E 191 -25.88 -15.88 -22.93
C SER E 191 -26.87 -16.67 -23.76
N VAL E 192 -27.02 -17.95 -23.43
CA VAL E 192 -27.98 -18.84 -24.05
C VAL E 192 -28.77 -19.53 -22.95
N VAL E 193 -29.94 -20.02 -23.35
CA VAL E 193 -30.82 -20.78 -22.48
C VAL E 193 -31.49 -21.86 -23.32
N THR E 194 -31.61 -23.05 -22.77
CA THR E 194 -32.32 -24.16 -23.40
C THR E 194 -33.71 -24.25 -22.80
N VAL E 195 -34.72 -24.37 -23.65
CA VAL E 195 -36.12 -24.32 -23.25
C VAL E 195 -36.84 -25.47 -23.94
N PRO E 196 -38.02 -25.89 -23.43
CA PRO E 196 -38.78 -26.94 -24.12
C PRO E 196 -39.15 -26.45 -25.51
N SER E 197 -38.92 -27.33 -26.50
CA SER E 197 -38.99 -26.90 -27.88
C SER E 197 -40.41 -26.51 -28.28
N SER E 198 -41.40 -27.09 -27.63
CA SER E 198 -42.80 -26.78 -27.89
C SER E 198 -43.21 -25.43 -27.29
N SER E 199 -42.27 -24.64 -26.81
CA SER E 199 -42.56 -23.30 -26.33
C SER E 199 -42.26 -22.25 -27.39
N LEU E 200 -41.57 -22.64 -28.47
CA LEU E 200 -40.96 -21.67 -29.36
C LEU E 200 -41.99 -20.72 -29.95
N GLY E 201 -43.11 -21.26 -30.40
CA GLY E 201 -44.14 -20.40 -30.95
C GLY E 201 -44.88 -19.58 -29.93
N THR E 202 -44.93 -20.02 -28.68
CA THR E 202 -45.85 -19.45 -27.69
C THR E 202 -45.15 -18.58 -26.65
N GLN E 203 -44.13 -19.11 -26.02
CA GLN E 203 -43.42 -18.39 -24.98
C GLN E 203 -42.54 -17.33 -25.60
N THR E 204 -42.73 -16.09 -25.14
CA THR E 204 -41.84 -15.00 -25.52
C THR E 204 -40.61 -15.05 -24.61
N TYR E 205 -39.46 -14.78 -25.20
CA TYR E 205 -38.19 -14.77 -24.47
C TYR E 205 -37.48 -13.46 -24.69
N ILE E 206 -36.99 -12.86 -23.62
CA ILE E 206 -36.24 -11.62 -23.70
C ILE E 206 -35.00 -11.71 -22.80
N CYS E 207 -33.89 -11.12 -23.24
CA CYS E 207 -32.71 -11.00 -22.41
C CYS E 207 -32.56 -9.55 -22.00
N ASN E 208 -32.14 -9.36 -20.78
CA ASN E 208 -32.04 -8.06 -20.14
C ASN E 208 -30.56 -7.84 -19.93
N VAL E 209 -29.95 -7.01 -20.76
CA VAL E 209 -28.54 -6.71 -20.68
C VAL E 209 -28.38 -5.34 -20.05
N ASN E 210 -27.41 -5.23 -19.13
CA ASN E 210 -27.17 -3.99 -18.38
C ASN E 210 -25.66 -3.75 -18.33
N HIS E 211 -25.19 -2.75 -19.07
CA HIS E 211 -23.77 -2.43 -19.13
C HIS E 211 -23.50 -1.12 -18.38
N LYS E 212 -23.25 -1.26 -17.08
CA LYS E 212 -23.14 -0.10 -16.21
C LYS E 212 -22.19 0.99 -16.69
N PRO E 213 -20.99 0.69 -17.23
CA PRO E 213 -20.10 1.78 -17.67
C PRO E 213 -20.67 2.67 -18.77
N SER E 214 -21.63 2.21 -19.56
CA SER E 214 -22.18 3.04 -20.62
C SER E 214 -23.60 3.50 -20.34
N ASN E 215 -24.15 3.16 -19.18
CA ASN E 215 -25.58 3.35 -18.90
C ASN E 215 -26.39 2.86 -20.08
N THR E 216 -26.07 1.67 -20.54
CA THR E 216 -26.83 0.96 -21.55
C THR E 216 -27.58 -0.16 -20.87
N LYS E 217 -28.91 -0.05 -20.88
CA LYS E 217 -29.80 -1.12 -20.46
C LYS E 217 -30.73 -1.42 -21.63
N VAL E 218 -30.80 -2.68 -22.08
CA VAL E 218 -31.55 -3.10 -23.26
C VAL E 218 -32.30 -4.41 -22.99
N ASP E 219 -33.54 -4.49 -23.51
CA ASP E 219 -34.40 -5.67 -23.45
C ASP E 219 -34.63 -6.13 -24.88
N LYS E 220 -34.07 -7.28 -25.25
CA LYS E 220 -34.17 -7.79 -26.62
C LYS E 220 -35.09 -9.01 -26.66
N ARG E 221 -36.17 -8.93 -27.44
CA ARG E 221 -37.04 -10.09 -27.66
C ARG E 221 -36.38 -10.95 -28.71
N VAL E 222 -36.22 -12.24 -28.40
CA VAL E 222 -35.59 -13.21 -29.28
C VAL E 222 -36.67 -14.09 -29.90
N GLU E 223 -36.84 -13.98 -31.23
CA GLU E 223 -37.96 -14.67 -31.84
C GLU E 223 -37.49 -15.74 -32.83
N PRO E 224 -38.14 -16.90 -32.87
CA PRO E 224 -37.64 -18.03 -33.67
C PRO E 224 -37.54 -17.75 -35.15
N LYS E 225 -36.50 -18.34 -35.76
CA LYS E 225 -36.21 -18.18 -37.19
C LYS E 225 -36.99 -19.20 -38.03
N GLU F 1 16.03 -22.94 -17.09
CA GLU F 1 16.02 -23.04 -15.63
C GLU F 1 15.20 -24.24 -15.17
N ILE F 2 14.88 -24.31 -13.87
CA ILE F 2 14.04 -25.40 -13.38
C ILE F 2 12.68 -25.31 -14.04
N VAL F 3 12.17 -26.46 -14.47
CA VAL F 3 10.90 -26.56 -15.18
C VAL F 3 10.04 -27.56 -14.43
N LEU F 4 9.09 -27.05 -13.64
CA LEU F 4 8.16 -27.89 -12.92
C LEU F 4 7.07 -28.35 -13.88
N THR F 5 7.09 -29.63 -14.20
CA THR F 5 6.00 -30.25 -14.93
C THR F 5 5.11 -30.96 -13.91
N GLN F 6 3.82 -30.66 -13.96
CA GLN F 6 2.84 -31.09 -12.97
C GLN F 6 1.92 -32.14 -13.57
N SER F 7 1.59 -33.16 -12.78
CA SER F 7 0.83 -34.28 -13.27
C SER F 7 -0.05 -34.90 -12.20
N PRO F 8 -1.29 -35.32 -12.55
CA PRO F 8 -1.84 -35.24 -13.91
C PRO F 8 -2.28 -33.83 -14.31
N ALA F 9 -2.68 -33.67 -15.58
CA ALA F 9 -3.25 -32.39 -16.01
C ALA F 9 -4.66 -32.24 -15.49
N SER F 10 -5.47 -33.27 -15.65
CA SER F 10 -6.82 -33.30 -15.12
C SER F 10 -6.92 -34.53 -14.22
N LEU F 11 -7.37 -34.31 -12.99
CA LEU F 11 -7.70 -35.37 -12.07
C LEU F 11 -9.18 -35.23 -11.74
N SER F 12 -9.97 -36.26 -12.07
CA SER F 12 -11.42 -36.23 -11.95
C SER F 12 -11.87 -37.22 -10.87
N LEU F 13 -12.36 -36.68 -9.75
CA LEU F 13 -12.70 -37.48 -8.59
C LEU F 13 -14.05 -37.09 -8.03
N SER F 14 -14.51 -37.88 -7.05
CA SER F 14 -15.75 -37.58 -6.36
C SER F 14 -15.47 -37.39 -4.88
N PRO F 15 -16.30 -36.62 -4.17
CA PRO F 15 -16.01 -36.33 -2.76
C PRO F 15 -15.87 -37.61 -1.94
N GLY F 16 -15.03 -37.53 -0.93
CA GLY F 16 -14.70 -38.65 -0.08
C GLY F 16 -13.45 -39.40 -0.46
N GLU F 17 -13.01 -39.30 -1.70
CA GLU F 17 -11.86 -40.06 -2.17
C GLU F 17 -10.58 -39.27 -1.87
N ARG F 18 -9.43 -39.91 -2.10
CA ARG F 18 -8.11 -39.32 -1.85
C ARG F 18 -7.45 -38.93 -3.17
N ALA F 19 -7.15 -37.65 -3.32
CA ALA F 19 -6.52 -37.13 -4.53
C ALA F 19 -5.02 -36.91 -4.31
N THR F 20 -4.21 -37.53 -5.17
CA THR F 20 -2.77 -37.37 -5.11
C THR F 20 -2.31 -36.67 -6.38
N LEU F 21 -1.62 -35.55 -6.21
CA LEU F 21 -1.04 -34.77 -7.29
C LEU F 21 0.47 -34.84 -7.18
N SER F 22 1.16 -35.03 -8.31
CA SER F 22 2.61 -35.08 -8.29
C SER F 22 3.20 -33.95 -9.12
N CYS F 23 4.44 -33.59 -8.79
CA CYS F 23 5.18 -32.53 -9.47
C CYS F 23 6.63 -32.99 -9.60
N ARG F 24 7.11 -33.19 -10.82
CA ARG F 24 8.51 -33.56 -11.02
C ARG F 24 9.26 -32.34 -11.55
N ALA F 25 10.57 -32.31 -11.28
CA ALA F 25 11.36 -31.10 -11.46
C ALA F 25 12.51 -31.35 -12.45
N SER F 26 12.77 -30.34 -13.28
CA SER F 26 13.85 -30.42 -14.26
C SER F 26 15.20 -30.62 -13.60
N GLN F 27 15.33 -30.27 -12.32
CA GLN F 27 16.53 -30.54 -11.54
C GLN F 27 16.09 -30.83 -10.11
N SER F 28 17.06 -31.20 -9.27
CA SER F 28 16.76 -31.36 -7.86
C SER F 28 16.43 -29.99 -7.26
N VAL F 29 15.74 -30.01 -6.13
CA VAL F 29 15.07 -28.81 -5.62
C VAL F 29 15.18 -28.71 -4.11
N ASP F 30 15.27 -27.46 -3.62
CA ASP F 30 15.45 -27.18 -2.19
C ASP F 30 14.24 -27.68 -1.42
N LYS F 31 14.41 -27.78 -0.11
CA LYS F 31 13.27 -28.14 0.70
C LYS F 31 12.15 -27.10 0.69
N TYR F 32 12.27 -26.01 -0.08
CA TYR F 32 11.34 -24.87 -0.05
C TYR F 32 10.27 -24.95 -1.15
N PHE F 33 9.65 -26.13 -1.23
CA PHE F 33 8.65 -26.47 -2.24
C PHE F 33 7.25 -26.23 -1.68
N ALA F 34 6.36 -25.69 -2.51
CA ALA F 34 5.07 -25.21 -2.04
C ALA F 34 3.93 -25.64 -2.95
N TRP F 35 2.74 -25.68 -2.36
CA TRP F 35 1.51 -25.98 -3.09
C TRP F 35 0.54 -24.83 -2.94
N TYR F 36 -0.15 -24.48 -4.02
CA TYR F 36 -1.13 -23.42 -4.01
C TYR F 36 -2.44 -23.96 -4.56
N GLN F 37 -3.55 -23.41 -4.06
CA GLN F 37 -4.87 -23.72 -4.55
C GLN F 37 -5.50 -22.44 -5.08
N GLN F 38 -6.30 -22.55 -6.14
CA GLN F 38 -6.90 -21.36 -6.74
C GLN F 38 -8.32 -21.70 -7.20
N LYS F 39 -9.32 -21.09 -6.54
CA LYS F 39 -10.63 -21.34 -7.14
C LYS F 39 -10.90 -20.25 -8.16
N PRO F 40 -11.74 -20.49 -9.17
CA PRO F 40 -11.96 -19.46 -10.20
C PRO F 40 -12.44 -18.14 -9.59
N GLY F 41 -11.84 -17.06 -10.07
CA GLY F 41 -12.16 -15.74 -9.57
C GLY F 41 -11.46 -15.30 -8.30
N GLN F 42 -10.67 -16.16 -7.68
CA GLN F 42 -9.98 -15.84 -6.43
C GLN F 42 -8.48 -15.87 -6.69
N ALA F 43 -7.70 -15.13 -5.85
CA ALA F 43 -6.26 -15.11 -6.03
C ALA F 43 -5.65 -16.36 -5.39
N PRO F 44 -4.49 -16.82 -5.87
CA PRO F 44 -3.93 -18.07 -5.35
C PRO F 44 -3.68 -18.04 -3.85
N ARG F 45 -4.01 -19.16 -3.21
CA ARG F 45 -3.89 -19.33 -1.76
C ARG F 45 -2.84 -20.38 -1.44
N LEU F 46 -2.05 -20.12 -0.40
CA LEU F 46 -0.98 -21.02 -0.04
C LEU F 46 -1.51 -22.21 0.75
N LEU F 47 -1.09 -23.42 0.37
CA LEU F 47 -1.45 -24.64 1.09
C LEU F 47 -0.30 -25.22 1.90
N ILE F 48 0.77 -25.63 1.23
CA ILE F 48 1.89 -26.28 1.88
C ILE F 48 3.15 -25.51 1.50
N TYR F 49 3.98 -25.23 2.48
CA TYR F 49 5.28 -24.60 2.32
C TYR F 49 6.32 -25.53 2.93
N GLU F 50 7.58 -25.35 2.51
CA GLU F 50 8.68 -26.22 2.93
C GLU F 50 8.32 -27.69 2.71
N THR F 51 7.75 -27.97 1.53
CA THR F 51 7.34 -29.31 1.08
C THR F 51 6.29 -29.94 1.97
N SER F 52 6.43 -29.82 3.30
CA SER F 52 5.62 -30.61 4.23
C SER F 52 4.79 -29.82 5.23
N LYS F 53 5.05 -28.54 5.44
CA LYS F 53 4.37 -27.79 6.49
C LYS F 53 3.07 -27.16 5.98
N ARG F 54 1.98 -27.40 6.71
CA ARG F 54 0.68 -26.82 6.37
C ARG F 54 0.65 -25.35 6.78
N ALA F 55 0.06 -24.50 5.95
CA ALA F 55 -0.10 -23.10 6.32
C ALA F 55 -1.19 -22.97 7.38
N THR F 56 -1.38 -21.75 7.90
CA THR F 56 -2.39 -21.53 8.93
C THR F 56 -3.79 -21.60 8.34
N GLY F 57 -4.63 -22.44 8.94
CA GLY F 57 -5.97 -22.70 8.45
C GLY F 57 -6.08 -23.92 7.57
N ILE F 58 -4.96 -24.39 7.03
CA ILE F 58 -5.01 -25.56 6.14
C ILE F 58 -5.47 -26.77 6.93
N PRO F 59 -6.51 -27.47 6.47
CA PRO F 59 -6.98 -28.66 7.18
C PRO F 59 -5.94 -29.76 7.20
N ALA F 60 -6.03 -30.59 8.25
CA ALA F 60 -5.18 -31.77 8.33
C ALA F 60 -5.38 -32.70 7.14
N ARG F 61 -6.38 -32.44 6.29
CA ARG F 61 -6.56 -33.23 5.07
C ARG F 61 -5.32 -33.13 4.19
N PHE F 62 -4.76 -31.93 4.08
CA PHE F 62 -3.67 -31.67 3.15
C PHE F 62 -2.35 -32.06 3.78
N SER F 63 -1.63 -32.97 3.13
CA SER F 63 -0.28 -33.29 3.53
C SER F 63 0.61 -33.08 2.33
N GLY F 64 1.79 -32.55 2.59
CA GLY F 64 2.79 -32.37 1.56
C GLY F 64 3.88 -33.39 1.84
N SER F 65 4.52 -33.85 0.78
CA SER F 65 5.63 -34.77 0.92
C SER F 65 6.43 -34.72 -0.36
N GLY F 66 7.60 -35.33 -0.32
CA GLY F 66 8.51 -35.30 -1.44
C GLY F 66 9.88 -34.76 -1.03
N SER F 67 10.80 -34.89 -1.97
CA SER F 67 12.18 -34.46 -1.81
C SER F 67 12.89 -34.74 -3.13
N GLY F 68 13.99 -34.02 -3.36
CA GLY F 68 14.73 -34.19 -4.58
C GLY F 68 14.02 -33.60 -5.78
N THR F 69 13.58 -34.46 -6.69
CA THR F 69 12.86 -34.03 -7.89
C THR F 69 11.41 -34.48 -7.91
N ASP F 70 10.97 -35.22 -6.90
CA ASP F 70 9.64 -35.82 -6.89
C ASP F 70 8.92 -35.35 -5.64
N PHE F 71 7.79 -34.68 -5.83
CA PHE F 71 6.96 -34.19 -4.73
C PHE F 71 5.51 -34.51 -5.01
N THR F 72 4.77 -34.82 -3.95
CA THR F 72 3.37 -35.14 -4.08
C THR F 72 2.55 -34.35 -3.08
N LEU F 73 1.38 -33.89 -3.53
CA LEU F 73 0.37 -33.30 -2.67
C LEU F 73 -0.75 -34.32 -2.51
N THR F 74 -1.12 -34.61 -1.26
CA THR F 74 -2.13 -35.62 -0.95
C THR F 74 -3.31 -34.98 -0.24
N ILE F 75 -4.48 -35.08 -0.85
CA ILE F 75 -5.73 -34.55 -0.29
C ILE F 75 -6.60 -35.73 0.10
N SER F 76 -6.80 -35.92 1.40
CA SER F 76 -7.61 -37.02 1.93
C SER F 76 -8.99 -36.51 2.25
N ASN F 77 -9.97 -37.42 2.19
CA ASN F 77 -11.39 -37.10 2.38
C ASN F 77 -11.76 -35.82 1.64
N LEU F 78 -11.61 -35.90 0.32
CA LEU F 78 -11.87 -34.77 -0.56
C LEU F 78 -13.26 -34.17 -0.32
N GLU F 79 -13.30 -32.88 -0.04
CA GLU F 79 -14.52 -32.15 0.29
C GLU F 79 -14.97 -31.25 -0.86
N PRO F 80 -16.24 -30.78 -0.83
CA PRO F 80 -16.69 -29.92 -1.94
C PRO F 80 -15.91 -28.63 -2.09
N ASP F 81 -15.40 -28.06 -0.99
CA ASP F 81 -14.56 -26.87 -1.09
C ASP F 81 -13.15 -27.18 -1.54
N ASP F 82 -12.90 -28.38 -2.08
CA ASP F 82 -11.57 -28.78 -2.50
C ASP F 82 -11.38 -28.83 -4.02
N PHE F 83 -12.41 -28.57 -4.79
CA PHE F 83 -12.33 -28.79 -6.23
C PHE F 83 -11.91 -27.50 -6.92
N ALA F 84 -10.66 -27.46 -7.40
CA ALA F 84 -10.09 -26.26 -7.98
C ALA F 84 -8.85 -26.68 -8.77
N ILE F 85 -8.09 -25.67 -9.24
CA ILE F 85 -6.80 -25.87 -9.88
C ILE F 85 -5.71 -25.72 -8.84
N TYR F 86 -4.64 -26.50 -9.01
CA TYR F 86 -3.56 -26.62 -8.04
C TYR F 86 -2.23 -26.40 -8.73
N TYR F 87 -1.35 -25.61 -8.11
CA TYR F 87 -0.07 -25.25 -8.69
C TYR F 87 1.05 -25.63 -7.74
N CYS F 88 2.08 -26.31 -8.27
CA CYS F 88 3.28 -26.59 -7.48
C CYS F 88 4.32 -25.51 -7.76
N HIS F 89 5.17 -25.27 -6.76
CA HIS F 89 5.98 -24.05 -6.81
C HIS F 89 7.22 -24.20 -5.94
N HIS F 90 8.33 -23.63 -6.41
CA HIS F 90 9.60 -23.65 -5.70
C HIS F 90 10.29 -22.28 -5.66
N ARG F 91 10.96 -22.00 -4.55
CA ARG F 91 11.65 -20.74 -4.30
C ARG F 91 13.13 -21.00 -4.10
N GLY F 92 13.99 -20.34 -4.87
CA GLY F 92 15.40 -20.39 -4.53
C GLY F 92 16.30 -20.10 -5.72
N ASN F 93 17.57 -20.47 -5.52
CA ASN F 93 18.63 -20.38 -6.53
C ASN F 93 19.06 -18.92 -6.69
N TRP F 94 20.11 -18.67 -7.48
CA TRP F 94 20.54 -17.30 -7.75
C TRP F 94 20.44 -16.96 -9.23
N PRO F 95 19.83 -15.82 -9.58
CA PRO F 95 19.23 -14.84 -8.65
C PRO F 95 17.91 -15.36 -8.10
N PRO F 96 17.56 -15.03 -6.85
CA PRO F 96 16.40 -15.66 -6.21
C PRO F 96 15.16 -15.64 -7.09
N SER F 97 14.56 -16.81 -7.30
CA SER F 97 13.61 -16.93 -8.39
C SER F 97 12.47 -17.90 -8.07
N PHE F 98 11.40 -17.72 -8.82
CA PHE F 98 10.15 -18.46 -8.69
C PHE F 98 10.00 -19.40 -9.87
N THR F 99 9.64 -20.66 -9.62
CA THR F 99 9.22 -21.55 -10.69
C THR F 99 7.89 -22.17 -10.30
N PHE F 100 6.96 -22.23 -11.26
CA PHE F 100 5.63 -22.74 -11.01
C PHE F 100 5.37 -23.97 -11.88
N GLY F 101 4.40 -24.77 -11.45
CA GLY F 101 3.89 -25.87 -12.25
C GLY F 101 2.95 -25.40 -13.35
N GLN F 102 2.49 -26.37 -14.16
CA GLN F 102 1.51 -26.04 -15.18
C GLN F 102 0.09 -26.04 -14.63
N GLY F 103 -0.16 -26.84 -13.60
CA GLY F 103 -1.46 -26.82 -12.95
C GLY F 103 -2.19 -28.14 -13.07
N THR F 104 -3.16 -28.37 -12.20
CA THR F 104 -3.90 -29.63 -12.19
C THR F 104 -5.36 -29.33 -11.87
N ARG F 105 -6.27 -29.93 -12.64
CA ARG F 105 -7.70 -29.62 -12.58
C ARG F 105 -8.40 -30.70 -11.78
N LEU F 106 -8.81 -30.37 -10.57
CA LEU F 106 -9.64 -31.26 -9.75
C LEU F 106 -11.09 -30.91 -10.03
N GLU F 107 -11.82 -31.81 -10.70
CA GLU F 107 -13.24 -31.66 -10.96
C GLU F 107 -14.02 -32.79 -10.30
N ILE F 108 -15.34 -32.62 -10.29
CA ILE F 108 -16.25 -33.62 -9.75
C ILE F 108 -16.51 -34.69 -10.81
N LYS F 109 -16.34 -35.96 -10.44
CA LYS F 109 -16.39 -37.06 -11.40
C LYS F 109 -17.80 -37.34 -11.82
N ARG F 110 -17.98 -37.58 -13.12
CA ARG F 110 -19.29 -37.71 -13.76
C ARG F 110 -19.15 -38.76 -14.86
N THR F 111 -20.29 -39.31 -15.29
CA THR F 111 -20.33 -40.15 -16.47
C THR F 111 -20.17 -39.31 -17.75
N VAL F 112 -19.53 -39.91 -18.77
CA VAL F 112 -19.25 -39.20 -20.01
C VAL F 112 -20.52 -38.73 -20.71
N ALA F 113 -20.52 -37.49 -21.19
CA ALA F 113 -21.69 -36.92 -21.87
C ALA F 113 -21.27 -36.15 -23.11
N ALA F 114 -21.81 -36.52 -24.26
CA ALA F 114 -21.42 -35.86 -25.51
C ALA F 114 -22.08 -34.49 -25.60
N PRO F 115 -21.50 -33.57 -26.37
CA PRO F 115 -22.10 -32.23 -26.49
C PRO F 115 -23.40 -32.26 -27.29
N SER F 116 -24.28 -31.35 -26.96
CA SER F 116 -25.42 -31.07 -27.82
C SER F 116 -25.00 -29.87 -28.68
N VAL F 117 -24.92 -30.07 -29.98
CA VAL F 117 -24.33 -29.08 -30.88
C VAL F 117 -25.45 -28.36 -31.61
N PHE F 118 -25.53 -27.05 -31.37
CA PHE F 118 -26.51 -26.18 -31.99
C PHE F 118 -25.76 -25.06 -32.68
N ILE F 119 -26.11 -24.78 -33.91
CA ILE F 119 -25.49 -23.69 -34.65
C ILE F 119 -26.52 -22.58 -34.82
N PHE F 120 -26.07 -21.33 -34.61
CA PHE F 120 -26.93 -20.14 -34.74
C PHE F 120 -26.45 -19.31 -35.93
N PRO F 121 -27.32 -19.06 -36.92
CA PRO F 121 -26.93 -18.24 -38.06
C PRO F 121 -26.89 -16.77 -37.66
N PRO F 122 -26.27 -15.91 -38.46
CA PRO F 122 -26.23 -14.49 -38.08
C PRO F 122 -27.61 -13.87 -38.13
N SER F 123 -27.91 -13.09 -37.10
CA SER F 123 -29.15 -12.34 -37.07
C SER F 123 -29.20 -11.41 -38.27
N ASP F 124 -30.42 -11.19 -38.77
CA ASP F 124 -30.54 -10.24 -39.87
C ASP F 124 -30.38 -8.81 -39.40
N GLU F 125 -30.49 -8.57 -38.09
CA GLU F 125 -30.22 -7.23 -37.58
C GLU F 125 -28.73 -6.91 -37.64
N GLN F 126 -27.89 -7.89 -37.31
CA GLN F 126 -26.44 -7.71 -37.35
C GLN F 126 -25.92 -7.50 -38.76
N LEU F 127 -26.48 -8.22 -39.74
CA LEU F 127 -26.03 -8.08 -41.12
C LEU F 127 -26.20 -6.68 -41.68
N LYS F 128 -27.21 -5.94 -41.23
CA LYS F 128 -27.34 -4.58 -41.75
C LYS F 128 -26.17 -3.70 -41.36
N SER F 129 -25.40 -4.09 -40.33
CA SER F 129 -24.27 -3.31 -39.85
C SER F 129 -22.95 -3.65 -40.52
N GLY F 130 -22.88 -4.73 -41.30
CA GLY F 130 -21.66 -5.11 -42.01
C GLY F 130 -20.84 -6.22 -41.40
N THR F 131 -21.34 -6.88 -40.36
CA THR F 131 -20.65 -8.02 -39.77
C THR F 131 -21.63 -9.19 -39.64
N ALA F 132 -21.12 -10.40 -39.83
CA ALA F 132 -21.84 -11.64 -39.52
C ALA F 132 -21.12 -12.38 -38.42
N SER F 133 -21.89 -12.88 -37.45
CA SER F 133 -21.37 -13.77 -36.44
C SER F 133 -22.10 -15.09 -36.53
N VAL F 134 -21.34 -16.17 -36.45
CA VAL F 134 -21.93 -17.50 -36.33
C VAL F 134 -21.51 -18.06 -34.98
N VAL F 135 -22.47 -18.68 -34.30
CA VAL F 135 -22.26 -19.18 -32.95
C VAL F 135 -22.52 -20.68 -32.94
N CYS F 136 -21.67 -21.42 -32.24
CA CYS F 136 -21.82 -22.85 -32.05
C CYS F 136 -21.86 -23.14 -30.56
N LEU F 137 -22.84 -23.91 -30.14
CA LEU F 137 -23.04 -24.18 -28.72
C LEU F 137 -22.75 -25.65 -28.48
N LEU F 138 -21.94 -25.91 -27.46
CA LEU F 138 -21.62 -27.27 -27.03
C LEU F 138 -22.18 -27.37 -25.63
N ASN F 139 -23.35 -27.96 -25.50
CA ASN F 139 -24.09 -27.78 -24.28
C ASN F 139 -24.05 -29.04 -23.43
N ASN F 140 -23.80 -28.86 -22.14
CA ASN F 140 -23.77 -29.88 -21.11
C ASN F 140 -23.03 -31.15 -21.51
N PHE F 141 -21.70 -31.10 -21.50
CA PHE F 141 -20.86 -32.23 -21.93
C PHE F 141 -19.83 -32.56 -20.85
N TYR F 142 -19.18 -33.71 -21.03
CA TYR F 142 -18.16 -34.22 -20.13
C TYR F 142 -17.29 -35.25 -20.83
N PRO F 143 -15.96 -35.22 -20.66
CA PRO F 143 -15.19 -34.24 -19.88
C PRO F 143 -14.95 -32.91 -20.60
N ARG F 144 -14.06 -32.07 -20.04
CA ARG F 144 -13.96 -30.67 -20.45
C ARG F 144 -13.40 -30.46 -21.86
N GLU F 145 -12.68 -31.43 -22.42
CA GLU F 145 -11.86 -31.18 -23.60
C GLU F 145 -12.64 -31.50 -24.86
N ALA F 146 -13.16 -30.46 -25.52
CA ALA F 146 -13.85 -30.57 -26.79
C ALA F 146 -13.21 -29.64 -27.81
N LYS F 147 -13.08 -30.09 -29.04
CA LYS F 147 -12.49 -29.29 -30.12
C LYS F 147 -13.58 -28.87 -31.11
N VAL F 148 -13.50 -27.62 -31.54
CA VAL F 148 -14.43 -27.05 -32.50
C VAL F 148 -13.64 -26.52 -33.69
N GLN F 149 -14.10 -26.85 -34.90
CA GLN F 149 -13.47 -26.39 -36.13
C GLN F 149 -14.56 -25.79 -37.02
N TRP F 150 -14.32 -24.60 -37.52
CA TRP F 150 -15.28 -23.89 -38.37
C TRP F 150 -14.92 -24.11 -39.83
N LYS F 151 -15.88 -24.61 -40.61
CA LYS F 151 -15.69 -24.92 -42.01
C LYS F 151 -16.62 -24.06 -42.83
N VAL F 152 -16.07 -23.25 -43.71
CA VAL F 152 -16.86 -22.41 -44.60
C VAL F 152 -16.66 -22.96 -46.01
N ASP F 153 -17.71 -23.57 -46.55
CA ASP F 153 -17.63 -24.33 -47.79
C ASP F 153 -16.58 -25.44 -47.67
N ASN F 154 -16.58 -26.12 -46.53
CA ASN F 154 -15.68 -27.22 -46.23
C ASN F 154 -14.21 -26.77 -46.20
N ALA F 155 -13.97 -25.49 -45.98
CA ALA F 155 -12.63 -24.92 -45.90
C ALA F 155 -12.35 -24.53 -44.45
N LEU F 156 -11.34 -25.18 -43.86
CA LEU F 156 -10.99 -24.92 -42.47
C LEU F 156 -10.68 -23.45 -42.26
N GLN F 157 -11.33 -22.85 -41.27
CA GLN F 157 -11.18 -21.43 -40.99
C GLN F 157 -10.24 -21.27 -39.80
N SER F 158 -9.15 -20.56 -40.02
CA SER F 158 -8.16 -20.29 -39.00
C SER F 158 -8.08 -18.80 -38.75
N GLY F 159 -8.17 -18.39 -37.48
CA GLY F 159 -8.00 -17.00 -37.11
C GLY F 159 -9.26 -16.16 -37.02
N ASN F 160 -10.44 -16.75 -37.17
CA ASN F 160 -11.68 -15.99 -37.07
C ASN F 160 -12.58 -16.38 -35.89
N SER F 161 -12.23 -17.40 -35.10
CA SER F 161 -13.10 -17.93 -34.07
C SER F 161 -12.55 -17.66 -32.67
N GLN F 162 -13.44 -17.69 -31.68
CA GLN F 162 -13.09 -17.59 -30.27
C GLN F 162 -14.10 -18.39 -29.46
N GLU F 163 -13.62 -19.05 -28.40
CA GLU F 163 -14.39 -20.01 -27.65
C GLU F 163 -14.32 -19.68 -26.18
N SER F 164 -15.31 -20.15 -25.42
CA SER F 164 -15.22 -20.09 -23.96
C SER F 164 -15.96 -21.29 -23.38
N VAL F 165 -15.50 -21.71 -22.21
CA VAL F 165 -16.07 -22.84 -21.50
C VAL F 165 -16.67 -22.34 -20.19
N THR F 166 -17.84 -22.86 -19.85
CA THR F 166 -18.45 -22.53 -18.57
C THR F 166 -17.70 -23.26 -17.47
N GLU F 167 -18.11 -23.06 -16.24
CA GLU F 167 -17.51 -23.81 -15.15
C GLU F 167 -18.42 -24.95 -14.74
N GLN F 168 -17.82 -25.95 -14.06
CA GLN F 168 -18.43 -27.21 -13.68
C GLN F 168 -19.83 -26.93 -13.16
N ASP F 169 -20.85 -27.40 -13.86
CA ASP F 169 -22.20 -27.01 -13.46
C ASP F 169 -22.49 -27.67 -12.12
N SER F 170 -22.81 -26.87 -11.10
CA SER F 170 -22.90 -27.37 -9.73
C SER F 170 -23.80 -28.59 -9.61
N LYS F 171 -24.90 -28.61 -10.39
CA LYS F 171 -25.90 -29.65 -10.25
C LYS F 171 -25.69 -30.83 -11.22
N ASP F 172 -25.45 -30.55 -12.50
CA ASP F 172 -25.24 -31.59 -13.53
C ASP F 172 -23.78 -31.99 -13.69
N SER F 173 -22.84 -31.27 -13.08
CA SER F 173 -21.41 -31.57 -13.18
C SER F 173 -20.93 -31.55 -14.62
N THR F 174 -21.63 -30.83 -15.49
CA THR F 174 -21.28 -30.77 -16.89
C THR F 174 -20.57 -29.46 -17.23
N TYR F 175 -20.12 -29.39 -18.48
CA TYR F 175 -19.50 -28.19 -19.05
C TYR F 175 -20.31 -27.76 -20.25
N SER F 176 -20.14 -26.50 -20.64
CA SER F 176 -20.70 -25.98 -21.87
C SER F 176 -19.68 -25.09 -22.55
N LEU F 177 -19.91 -24.83 -23.83
CA LEU F 177 -18.95 -24.09 -24.62
C LEU F 177 -19.69 -23.38 -25.74
N SER F 178 -19.29 -22.13 -26.02
CA SER F 178 -19.76 -21.49 -27.23
C SER F 178 -18.54 -20.95 -27.97
N SER F 179 -18.45 -21.31 -29.24
CA SER F 179 -17.46 -20.77 -30.15
C SER F 179 -18.20 -19.81 -31.09
N THR F 180 -17.58 -18.66 -31.33
CA THR F 180 -18.19 -17.59 -32.11
C THR F 180 -17.30 -17.28 -33.29
N LEU F 181 -17.83 -17.43 -34.50
CA LEU F 181 -17.11 -17.08 -35.72
C LEU F 181 -17.57 -15.71 -36.19
N THR F 182 -16.61 -14.88 -36.59
CA THR F 182 -16.94 -13.55 -37.07
C THR F 182 -16.31 -13.29 -38.44
N LEU F 183 -17.09 -12.68 -39.32
CA LEU F 183 -16.71 -12.37 -40.69
C LEU F 183 -17.38 -11.06 -41.10
N SER F 184 -16.83 -10.42 -42.11
CA SER F 184 -17.49 -9.25 -42.68
C SER F 184 -18.74 -9.70 -43.43
N LYS F 185 -19.70 -8.79 -43.56
CA LYS F 185 -20.92 -9.12 -44.30
C LYS F 185 -20.56 -9.59 -45.70
N ALA F 186 -19.59 -8.93 -46.35
CA ALA F 186 -19.16 -9.38 -47.67
C ALA F 186 -18.54 -10.77 -47.59
N ASP F 187 -17.61 -10.96 -46.64
CA ASP F 187 -17.03 -12.28 -46.45
C ASP F 187 -18.08 -13.31 -46.12
N TYR F 188 -19.15 -12.90 -45.43
CA TYR F 188 -20.25 -13.81 -45.15
C TYR F 188 -20.99 -14.18 -46.43
N GLU F 189 -21.21 -13.21 -47.31
CA GLU F 189 -21.87 -13.45 -48.58
C GLU F 189 -20.91 -13.88 -49.68
N LYS F 190 -19.65 -14.17 -49.35
CA LYS F 190 -18.72 -14.75 -50.31
C LYS F 190 -18.82 -16.27 -50.36
N HIS F 191 -19.71 -16.87 -49.56
CA HIS F 191 -19.73 -18.30 -49.37
C HIS F 191 -21.17 -18.74 -49.08
N LYS F 192 -21.39 -20.05 -49.10
CA LYS F 192 -22.72 -20.61 -48.95
C LYS F 192 -22.88 -21.48 -47.72
N VAL F 193 -21.94 -22.38 -47.46
CA VAL F 193 -22.12 -23.44 -46.47
C VAL F 193 -21.25 -23.13 -45.27
N TYR F 194 -21.91 -22.81 -44.14
CA TYR F 194 -21.25 -22.51 -42.87
C TYR F 194 -21.48 -23.66 -41.91
N ALA F 195 -20.39 -24.28 -41.47
CA ALA F 195 -20.46 -25.53 -40.74
C ALA F 195 -19.70 -25.44 -39.43
N CYS F 196 -20.23 -26.12 -38.41
CA CYS F 196 -19.61 -26.22 -37.10
C CYS F 196 -19.42 -27.69 -36.74
N GLU F 197 -18.17 -28.12 -36.67
CA GLU F 197 -17.78 -29.52 -36.49
C GLU F 197 -17.13 -29.71 -35.13
N VAL F 198 -17.70 -30.59 -34.31
CA VAL F 198 -17.29 -30.79 -32.93
C VAL F 198 -16.70 -32.18 -32.77
N THR F 199 -15.54 -32.27 -32.11
CA THR F 199 -14.89 -33.53 -31.79
C THR F 199 -14.82 -33.62 -30.27
N HIS F 200 -15.20 -34.78 -29.73
CA HIS F 200 -15.31 -34.92 -28.28
C HIS F 200 -15.35 -36.40 -27.95
N GLN F 201 -14.94 -36.74 -26.71
CA GLN F 201 -14.84 -38.15 -26.35
C GLN F 201 -16.19 -38.85 -26.43
N GLY F 202 -17.29 -38.09 -26.41
CA GLY F 202 -18.61 -38.66 -26.54
C GLY F 202 -19.05 -38.93 -27.95
N LEU F 203 -18.22 -38.61 -28.94
CA LEU F 203 -18.59 -38.76 -30.35
C LEU F 203 -17.64 -39.75 -31.02
N SER F 204 -18.17 -40.89 -31.44
CA SER F 204 -17.34 -41.84 -32.18
C SER F 204 -16.83 -41.26 -33.49
N SER F 205 -17.35 -40.11 -33.90
CA SER F 205 -17.02 -39.45 -35.14
C SER F 205 -17.40 -37.99 -35.01
N PRO F 206 -16.81 -37.09 -35.81
CA PRO F 206 -17.17 -35.67 -35.68
C PRO F 206 -18.66 -35.45 -35.96
N VAL F 207 -19.28 -34.63 -35.12
CA VAL F 207 -20.67 -34.22 -35.31
C VAL F 207 -20.64 -32.84 -35.94
N THR F 208 -21.27 -32.71 -37.10
CA THR F 208 -21.25 -31.45 -37.83
C THR F 208 -22.66 -30.90 -37.98
N LYS F 209 -22.91 -29.75 -37.39
CA LYS F 209 -24.13 -29.00 -37.68
C LYS F 209 -23.76 -27.85 -38.61
N SER F 210 -24.64 -27.56 -39.57
CA SER F 210 -24.33 -26.58 -40.60
C SER F 210 -25.60 -25.98 -41.15
N PHE F 211 -25.45 -24.81 -41.79
CA PHE F 211 -26.58 -24.12 -42.38
C PHE F 211 -26.14 -23.38 -43.63
N ASN F 212 -27.11 -23.13 -44.52
CA ASN F 212 -26.91 -22.35 -45.73
C ASN F 212 -27.71 -21.06 -45.65
N ARG F 213 -27.22 -20.03 -46.33
CA ARG F 213 -27.85 -18.73 -46.26
C ARG F 213 -29.28 -18.81 -46.78
N GLY F 214 -30.25 -18.45 -45.93
CA GLY F 214 -31.65 -18.45 -46.31
C GLY F 214 -32.31 -19.82 -46.24
C1 NAG G . -10.28 -3.39 22.37
C2 NAG G . -9.90 -2.98 23.80
C3 NAG G . -8.46 -3.39 24.09
C4 NAG G . -8.28 -4.90 23.86
C5 NAG G . -8.75 -5.24 22.43
C6 NAG G . -8.92 -6.73 22.26
C7 NAG G . -10.94 -0.92 24.71
C8 NAG G . -10.46 0.23 25.56
N2 NAG G . -9.99 -1.53 23.97
O3 NAG G . -8.18 -3.07 25.46
O4 NAG G . -6.94 -5.46 23.94
O5 NAG G . -10.06 -4.78 22.23
O6 NAG G . -9.71 -6.92 21.08
O7 NAG G . -12.11 -1.24 24.69
C1 NAG G . -5.87 -5.06 24.84
C2 NAG G . -4.64 -5.35 23.98
C3 NAG G . -3.34 -5.09 24.75
C4 NAG G . -3.36 -3.63 25.24
C5 NAG G . -4.63 -3.35 26.05
C6 NAG G . -4.69 -1.86 26.32
C7 NAG G . -4.79 -7.83 23.97
C8 NAG G . -3.56 -8.70 23.91
N2 NAG G . -4.71 -6.66 23.35
O3 NAG G . -2.17 -5.31 23.93
O4 NAG G . -2.16 -3.36 25.99
O5 NAG G . -5.80 -3.70 25.29
O6 NAG G . -3.58 -1.41 27.12
O7 NAG G . -5.80 -8.19 24.56
C1 NAG H . -17.98 -15.15 14.63
C2 NAG H . -17.26 -15.74 15.84
C3 NAG H . -16.61 -17.06 15.49
C4 NAG H . -17.67 -18.03 14.95
C5 NAG H . -18.40 -17.36 13.79
C6 NAG H . -19.50 -18.26 13.21
C7 NAG H . -16.69 -13.99 17.43
C8 NAG H . -16.14 -12.59 17.40
N2 NAG H . -16.34 -14.76 16.39
O3 NAG H . -15.98 -17.57 16.67
O4 NAG H . -17.14 -19.28 14.44
O5 NAG H . -18.96 -16.10 14.20
O6 NAG H . -18.96 -19.25 12.32
O7 NAG H . -17.40 -14.40 18.34
C1 NAG H . -16.62 -20.24 15.38
C2 NAG H . -17.17 -21.64 15.13
C3 NAG H . -16.48 -22.66 16.05
C4 NAG H . -14.95 -22.52 15.94
C5 NAG H . -14.52 -21.08 16.21
C6 NAG H . -13.03 -20.83 16.01
C7 NAG H . -19.57 -21.79 14.39
C8 NAG H . -20.93 -21.33 14.80
N2 NAG H . -18.62 -21.72 15.34
O3 NAG H . -16.85 -24.01 15.73
O4 NAG H . -14.34 -23.47 16.84
O5 NAG H . -15.20 -20.23 15.29
O6 NAG H . -12.32 -21.33 17.13
O7 NAG H . -19.35 -22.21 13.27
C1 NAG I . -36.18 -0.42 13.63
C2 NAG I . -36.13 -1.42 12.47
C3 NAG I . -37.14 -1.09 11.39
C4 NAG I . -38.54 -1.05 11.98
C5 NAG I . -38.50 -0.08 13.15
C6 NAG I . -39.87 -0.03 13.84
C7 NAG I . -34.09 -2.55 11.77
C8 NAG I . -34.63 -3.78 12.43
N2 NAG I . -34.83 -1.44 11.83
O3 NAG I . -37.03 -2.10 10.37
O4 NAG I . -39.44 -0.55 10.98
O5 NAG I . -37.52 -0.46 14.13
O6 NAG I . -39.78 0.93 14.89
O7 NAG I . -33.01 -2.55 11.19
C1 NAG I . -40.53 -1.45 10.66
C2 NAG I . -41.66 -0.62 10.05
C3 NAG I . -42.84 -1.49 9.62
C4 NAG I . -42.36 -2.59 8.66
C5 NAG I . -41.23 -3.36 9.36
C6 NAG I . -40.73 -4.55 8.52
C7 NAG I . -41.57 1.70 10.84
C8 NAG I . -42.61 2.78 10.74
N2 NAG I . -42.06 0.46 10.95
O3 NAG I . -43.83 -0.66 9.01
O4 NAG I . -43.39 -3.55 8.29
O5 NAG I . -40.15 -2.47 9.72
O6 NAG I . -39.32 -4.55 8.31
O7 NAG I . -40.37 1.94 10.83
C1 BMA I . -44.35 -3.15 7.28
C2 BMA I . -44.61 -4.29 6.28
C3 BMA I . -45.66 -3.86 5.24
C4 BMA I . -46.89 -3.29 5.95
C5 BMA I . -46.48 -2.18 6.94
C6 BMA I . -47.66 -1.59 7.72
O2 BMA I . -45.06 -5.51 6.89
O3 BMA I . -46.01 -5.03 4.48
O4 BMA I . -47.84 -2.77 4.99
O5 BMA I . -45.59 -2.76 7.89
O6 BMA I . -48.06 -0.34 7.15
C1 NAG J . -37.90 22.97 25.49
C2 NAG J . -39.10 22.91 24.54
C3 NAG J . -38.87 23.86 23.34
C4 NAG J . -38.60 25.27 23.86
C5 NAG J . -37.43 25.25 24.85
C6 NAG J . -37.16 26.65 25.40
C7 NAG J . -38.75 20.71 23.41
C8 NAG J . -39.01 19.25 23.63
N2 NAG J . -39.44 21.54 24.19
O3 NAG J . -40.02 23.84 22.47
O4 NAG J . -38.20 26.15 22.79
O5 NAG J . -37.71 24.33 25.92
O6 NAG J . -36.03 26.63 26.30
O7 NAG J . -37.99 21.11 22.55
C1 NAG J . -39.24 27.06 22.36
C2 NAG J . -38.73 27.77 21.10
C3 NAG J . -39.80 28.70 20.53
C4 NAG J . -41.11 27.93 20.35
C5 NAG J . -41.54 27.25 21.64
C6 NAG J . -42.80 26.41 21.45
C7 NAG J . -36.25 28.00 21.19
C8 NAG J . -35.16 28.55 22.05
N2 NAG J . -37.49 28.50 21.37
O3 NAG J . -39.40 29.12 19.23
O4 NAG J . -42.11 28.87 19.92
O5 NAG J . -40.47 26.38 22.08
O6 NAG J . -43.97 27.09 21.90
O7 NAG J . -36.02 27.13 20.36
C1 NAG K . 14.20 -7.23 14.29
C2 NAG K . 12.98 -6.52 14.81
C3 NAG K . 12.55 -7.13 16.15
C4 NAG K . 12.34 -8.64 16.02
C5 NAG K . 13.60 -9.29 15.45
C6 NAG K . 13.48 -10.82 15.33
C7 NAG K . 12.89 -4.18 14.15
C8 NAG K . 12.54 -2.89 14.83
N2 NAG K . 13.32 -5.13 14.96
O3 NAG K . 11.37 -6.47 16.64
O4 NAG K . 12.03 -9.25 17.29
O5 NAG K . 13.94 -8.65 14.20
O6 NAG K . 14.60 -11.42 14.67
O7 NAG K . 12.81 -4.36 12.93
C1 NAG K . 10.61 -9.39 17.49
C2 NAG K . 10.27 -8.93 18.92
C3 NAG K . 8.77 -9.03 19.18
C4 NAG K . 8.02 -8.25 18.12
C5 NAG K . 8.43 -8.70 16.72
C6 NAG K . 7.72 -7.87 15.67
C7 NAG K . 12.16 -9.17 20.49
C8 NAG K . 13.04 -10.18 21.16
N2 NAG K . 11.03 -9.65 19.93
O3 NAG K . 8.50 -8.49 20.46
O4 NAG K . 6.59 -8.44 18.25
O5 NAG K . 9.84 -8.61 16.55
O6 NAG K . 6.32 -8.06 15.85
O7 NAG K . 12.47 -7.98 20.45
C1 NAG L . 31.13 -2.06 -7.48
C2 NAG L . 30.89 -0.61 -7.87
C3 NAG L . 31.49 -0.33 -9.26
C4 NAG L . 32.96 -0.75 -9.28
C5 NAG L . 33.12 -2.21 -8.82
C6 NAG L . 34.58 -2.68 -8.78
C7 NAG L . 28.95 0.45 -6.89
C8 NAG L . 27.47 0.29 -6.67
N2 NAG L . 29.47 -0.34 -7.83
O3 NAG L . 31.35 1.08 -9.55
O4 NAG L . 33.45 -0.71 -10.63
O5 NAG L . 32.54 -2.37 -7.54
O6 NAG L . 35.41 -1.91 -7.87
O7 NAG L . 29.64 1.23 -6.25
C1 NAG L . 34.48 0.31 -10.79
C2 NAG L . 34.07 1.35 -11.85
C3 NAG L . 35.20 2.39 -12.03
C4 NAG L . 35.50 3.00 -10.65
C5 NAG L . 35.83 1.91 -9.62
C6 NAG L . 36.06 2.48 -8.22
C7 NAG L . 32.38 0.52 -13.44
C8 NAG L . 32.12 -0.64 -14.38
N2 NAG L . 33.67 0.72 -13.11
O3 NAG L . 34.82 3.46 -12.91
O4 NAG L . 36.56 3.98 -10.76
O5 NAG L . 34.75 0.98 -9.54
O6 NAG L . 36.46 1.45 -7.31
O7 NAG L . 31.47 1.22 -13.01
C1 NAG M . 34.29 -19.95 -9.06
C2 NAG M . 32.94 -19.65 -9.71
C3 NAG M . 33.09 -18.60 -10.78
C4 NAG M . 33.78 -17.37 -10.20
C5 NAG M . 35.09 -17.73 -9.51
C6 NAG M . 35.65 -16.53 -8.76
C7 NAG M . 31.34 -21.45 -9.61
C8 NAG M . 31.48 -22.94 -9.41
N2 NAG M . 32.35 -20.86 -10.26
O3 NAG M . 31.76 -18.27 -11.16
O4 NAG M . 34.01 -16.38 -11.23
O5 NAG M . 34.83 -18.74 -8.52
O6 NAG M . 36.28 -15.60 -9.64
O7 NAG M . 30.37 -20.83 -9.21
C1 NAG M . 34.42 -16.94 -12.51
C2 NAG M . 33.52 -16.45 -13.68
C3 NAG M . 33.98 -17.10 -14.99
C4 NAG M . 35.45 -16.78 -15.24
C5 NAG M . 36.27 -17.25 -14.03
C6 NAG M . 37.75 -16.92 -14.20
C7 NAG M . 31.26 -15.73 -13.05
C8 NAG M . 29.81 -16.13 -12.89
N2 NAG M . 32.10 -16.69 -13.44
O3 NAG M . 33.20 -16.74 -16.12
O4 NAG M . 35.86 -17.39 -16.46
O5 NAG M . 35.79 -16.62 -12.83
O6 NAG M . 38.26 -17.48 -15.42
O7 NAG M . 31.63 -14.60 -12.82
C1 NAG N . 37.10 -3.38 -0.16
C2 NAG N . 36.93 -1.88 -0.49
C3 NAG N . 37.73 -1.47 -1.72
C4 NAG N . 39.17 -1.90 -1.60
C5 NAG N . 39.23 -3.39 -1.24
C6 NAG N . 40.67 -3.78 -0.97
C7 NAG N . 34.86 -0.79 0.23
C8 NAG N . 33.38 -0.55 -0.03
N2 NAG N . 35.53 -1.52 -0.69
O3 NAG N . 37.74 -0.04 -1.75
O4 NAG N . 39.85 -1.68 -2.86
O5 NAG N . 38.49 -3.68 -0.05
O6 NAG N . 40.70 -4.84 -0.01
O7 NAG N . 35.38 -0.35 1.23
C1 NAG N . 40.99 -0.79 -2.74
C2 NAG N . 42.13 -1.30 -3.63
C3 NAG N . 43.35 -0.40 -3.51
C4 NAG N . 42.96 1.04 -3.82
C5 NAG N . 41.80 1.48 -2.94
C6 NAG N . 41.39 2.92 -3.25
C7 NAG N . 42.02 -3.71 -4.06
C8 NAG N . 42.93 -4.89 -4.17
N2 NAG N . 42.49 -2.68 -3.35
O3 NAG N . 44.36 -0.86 -4.44
O4 NAG N . 44.08 1.92 -3.57
O5 NAG N . 40.69 0.58 -3.11
O6 NAG N . 41.14 3.14 -4.65
O7 NAG N . 40.91 -3.68 -4.58
C1 BMA N . 44.78 2.32 -4.76
C2 BMA N . 46.23 2.58 -4.41
C3 BMA N . 47.02 3.02 -5.63
C4 BMA N . 46.80 2.04 -6.78
C5 BMA N . 45.31 1.82 -7.00
C6 BMA N . 44.99 0.78 -8.06
O2 BMA N . 46.80 1.36 -3.93
O3 BMA N . 48.40 2.99 -5.25
O4 BMA N . 47.37 2.57 -7.99
O5 BMA N . 44.77 1.31 -5.79
O6 BMA N . 45.69 1.05 -9.28
C1 MAN N . 48.80 4.32 -4.84
C2 MAN N . 49.80 4.90 -5.87
C3 MAN N . 51.08 4.07 -5.88
C4 MAN N . 51.63 3.97 -4.44
C5 MAN N . 50.56 3.48 -3.45
C6 MAN N . 51.08 3.57 -2.00
O2 MAN N . 50.08 6.29 -5.61
O3 MAN N . 52.05 4.67 -6.76
O4 MAN N . 52.78 3.11 -4.44
O5 MAN N . 49.42 4.36 -3.54
O6 MAN N . 52.14 2.64 -1.71
C1 MAN N . 45.73 -0.21 -9.99
C2 MAN N . 46.68 -1.20 -9.29
C3 MAN N . 48.12 -0.63 -9.32
C4 MAN N . 48.50 -0.33 -10.77
C5 MAN N . 47.46 0.58 -11.44
C6 MAN N . 47.82 0.79 -12.91
O2 MAN N . 46.59 -2.50 -9.88
O3 MAN N . 49.05 -1.52 -8.67
O4 MAN N . 49.80 0.25 -10.84
O5 MAN N . 46.17 -0.05 -11.35
O6 MAN N . 47.75 -0.43 -13.66
C1 NAG O . 39.42 -29.83 -0.93
C2 NAG O . 40.55 -29.17 -1.73
C3 NAG O . 40.35 -29.39 -3.24
C4 NAG O . 40.11 -30.87 -3.56
C5 NAG O . 39.01 -31.48 -2.67
C6 NAG O . 38.99 -33.01 -2.76
C7 NAG O . 41.69 -27.14 -0.92
C8 NAG O . 41.45 -26.06 0.08
N2 NAG O . 40.60 -27.75 -1.42
O3 NAG O . 41.53 -28.93 -3.92
O4 NAG O . 39.75 -31.02 -4.94
O5 NAG O . 39.33 -31.21 -1.30
O6 NAG O . 38.42 -33.50 -3.98
O7 NAG O . 42.81 -27.47 -1.26
C1 NAG O . 40.77 -31.81 -5.59
C2 NAG O . 40.26 -32.47 -6.89
C3 NAG O . 41.40 -33.30 -7.48
C4 NAG O . 42.67 -32.46 -7.64
C5 NAG O . 43.04 -31.74 -6.35
C6 NAG O . 44.23 -30.80 -6.56
C7 NAG O . 37.89 -33.07 -7.07
C8 NAG O . 37.02 -34.25 -7.36
N2 NAG O . 39.13 -33.35 -6.65
O3 NAG O . 40.99 -33.78 -8.77
O4 NAG O . 43.74 -33.36 -7.96
O5 NAG O . 41.92 -30.98 -5.89
O6 NAG O . 43.88 -29.77 -7.49
O7 NAG O . 37.49 -31.93 -7.21
C1 NAG P . -30.28 1.75 5.57
C2 NAG P . -29.50 0.73 4.71
C3 NAG P . -29.98 0.82 3.26
C4 NAG P . -31.48 0.58 3.14
C5 NAG P . -32.18 1.60 4.02
C6 NAG P . -33.71 1.49 3.96
C7 NAG P . -27.11 0.29 4.96
C8 NAG P . -25.78 0.59 4.34
N2 NAG P . -28.10 1.08 4.54
O3 NAG P . -29.26 -0.11 2.44
O4 NAG P . -31.91 0.65 1.77
O5 NAG P . -31.68 1.49 5.37
O6 NAG P . -34.18 0.21 4.41
O7 NAG P . -27.28 -0.61 5.76
C1 NAG Q . -33.21 -15.13 27.18
C2 NAG Q . -33.38 -16.60 27.56
C3 NAG Q . -33.36 -17.46 26.30
C4 NAG Q . -34.41 -16.98 25.31
C5 NAG Q . -34.15 -15.50 25.03
C6 NAG Q . -35.06 -14.88 23.96
C7 NAG Q . -31.07 -16.87 28.42
C8 NAG Q . -30.29 -18.04 27.88
N2 NAG Q . -32.39 -17.03 28.54
O3 NAG Q . -33.51 -18.84 26.68
O4 NAG Q . -34.37 -17.77 24.11
O5 NAG Q . -34.22 -14.75 26.24
O6 NAG Q . -34.53 -13.60 23.60
O7 NAG Q . -30.48 -15.83 28.73
C1 NAG R . 19.78 7.84 10.85
C2 NAG R . 18.38 7.58 11.43
C3 NAG R . 17.81 8.78 12.19
C4 NAG R . 18.82 9.23 13.24
C5 NAG R . 20.17 9.48 12.57
C6 NAG R . 21.15 10.00 13.62
C7 NAG R . 16.88 6.05 10.31
C8 NAG R . 16.49 5.61 8.94
N2 NAG R . 17.47 7.23 10.37
O3 NAG R . 16.60 8.37 12.83
O4 NAG R . 18.41 10.43 13.93
O5 NAG R . 20.64 8.28 11.92
O6 NAG R . 22.39 10.35 13.03
O7 NAG R . 16.67 5.39 11.31
C1 NAG S . 37.21 2.91 19.03
C2 NAG S . 37.53 4.10 19.95
C3 NAG S . 37.48 5.44 19.19
C4 NAG S . 38.43 5.38 18.01
C5 NAG S . 38.03 4.18 17.13
C6 NAG S . 38.90 4.08 15.88
C7 NAG S . 35.34 3.97 21.18
C8 NAG S . 34.84 3.12 22.32
N2 NAG S . 36.67 4.12 21.15
O3 NAG S . 37.84 6.56 20.00
O4 NAG S . 38.55 6.64 17.33
O5 NAG S . 38.11 2.96 17.90
O6 NAG S . 38.20 3.31 14.90
O7 NAG S . 34.58 4.48 20.37
#